data_9R4W
#
_entry.id   9R4W
#
loop_
_entity.id
_entity.type
_entity.pdbx_description
1 polymer 'LEE-encoded effector EspF'
2 polymer 'Sorting nexin-9'
#
loop_
_entity_poly.entity_id
_entity_poly.type
_entity_poly.pdbx_seq_one_letter_code
_entity_poly.pdbx_strand_id
1 'polypeptide(L)' GTVNFKPTRPAPPPPTSGQASGASRPLPPIAQALKDHLAAYELSKASE B
2 'polypeptide(L)' GSHMATKARVMYDFAAEPGNNELTVNEGEIITITNPDVGGGWLEGRNIKGERGLVPTDYVEILPSDG A
#
# COMPACT_ATOMS: atom_id res chain seq x y z
N GLY A 1 11.81 20.24 -11.97
CA GLY A 1 10.37 20.29 -12.27
C GLY A 1 9.74 18.92 -12.06
N THR A 2 9.02 18.73 -10.95
CA THR A 2 8.43 17.45 -10.54
C THR A 2 7.09 17.13 -11.21
N VAL A 3 6.66 15.86 -11.12
CA VAL A 3 5.37 15.34 -11.58
C VAL A 3 4.93 14.15 -10.73
N ASN A 4 3.64 13.83 -10.74
CA ASN A 4 3.13 12.68 -10.01
C ASN A 4 3.54 11.33 -10.59
N PHE A 5 3.63 10.39 -9.66
CA PHE A 5 4.02 9.02 -9.91
C PHE A 5 2.82 8.12 -10.13
N LYS A 6 2.97 7.13 -11.01
CA LYS A 6 1.93 6.16 -11.36
C LYS A 6 2.43 4.73 -11.07
N PRO A 7 1.85 4.02 -10.07
CA PRO A 7 2.30 2.72 -9.59
C PRO A 7 2.28 1.60 -10.64
N THR A 8 3.31 0.75 -10.62
CA THR A 8 3.48 -0.39 -11.55
C THR A 8 2.71 -1.63 -11.08
N ARG A 9 2.33 -1.65 -9.80
CA ARG A 9 1.63 -2.71 -9.08
C ARG A 9 0.58 -2.16 -8.12
N PRO A 10 -0.49 -2.90 -7.79
CA PRO A 10 -1.43 -2.48 -6.75
C PRO A 10 -0.72 -2.47 -5.39
N ALA A 11 -1.25 -1.71 -4.43
CA ALA A 11 -0.63 -1.57 -3.11
C ALA A 11 -0.45 -2.93 -2.38
N PRO A 12 0.74 -3.23 -1.84
CA PRO A 12 1.00 -4.46 -1.08
C PRO A 12 0.27 -4.48 0.28
N PRO A 13 0.06 -5.68 0.86
CA PRO A 13 -0.53 -5.81 2.19
C PRO A 13 0.49 -5.48 3.29
N PRO A 14 0.10 -4.75 4.35
CA PRO A 14 0.93 -4.51 5.52
C PRO A 14 0.94 -5.73 6.47
N PRO A 15 1.93 -5.82 7.37
CA PRO A 15 1.98 -6.86 8.39
C PRO A 15 0.78 -6.74 9.36
N THR A 16 0.44 -7.80 10.07
CA THR A 16 -0.70 -7.94 11.02
C THR A 16 -2.11 -7.78 10.45
N SER A 17 -2.30 -7.19 9.27
CA SER A 17 -3.61 -6.87 8.67
C SER A 17 -4.34 -8.10 8.10
N GLY A 18 -5.68 -8.02 8.07
CA GLY A 18 -6.58 -9.02 7.47
C GLY A 18 -6.30 -9.33 6.00
N GLN A 19 -6.72 -10.52 5.56
CA GLN A 19 -6.44 -11.06 4.23
C GLN A 19 -7.15 -10.32 3.08
N ALA A 20 -6.41 -10.19 1.99
CA ALA A 20 -6.77 -9.64 0.69
C ALA A 20 -5.77 -10.14 -0.38
N SER A 21 -6.11 -10.02 -1.67
CA SER A 21 -5.24 -10.41 -2.79
C SER A 21 -3.98 -9.54 -2.84
N GLY A 22 -4.13 -8.20 -2.86
CA GLY A 22 -3.03 -7.25 -2.79
C GLY A 22 -2.03 -7.33 -3.96
N ALA A 23 -0.73 -7.23 -3.66
CA ALA A 23 0.38 -7.26 -4.62
C ALA A 23 0.92 -8.67 -4.94
N SER A 24 0.22 -9.74 -4.56
CA SER A 24 0.58 -11.12 -4.90
C SER A 24 0.62 -11.33 -6.42
N ARG A 25 1.65 -12.05 -6.90
CA ARG A 25 1.80 -12.36 -8.33
C ARG A 25 1.12 -13.69 -8.69
N PRO A 26 0.65 -13.86 -9.94
CA PRO A 26 -0.05 -15.06 -10.35
C PRO A 26 0.88 -16.27 -10.53
N LEU A 27 0.32 -17.48 -10.41
CA LEU A 27 1.03 -18.74 -10.58
C LEU A 27 1.62 -18.90 -12.00
N PRO A 28 2.68 -19.71 -12.19
CA PRO A 28 3.30 -19.92 -13.49
C PRO A 28 2.34 -20.61 -14.48
N PRO A 29 2.23 -20.13 -15.72
CA PRO A 29 1.34 -20.71 -16.74
C PRO A 29 1.78 -22.10 -17.21
N ILE A 30 0.87 -22.76 -17.92
CA ILE A 30 0.96 -24.15 -18.41
C ILE A 30 2.16 -24.38 -19.33
N ALA A 31 2.86 -25.50 -19.17
CA ALA A 31 4.00 -25.90 -20.00
C ALA A 31 3.57 -26.39 -21.40
N GLN A 32 4.33 -26.04 -22.43
CA GLN A 32 4.03 -26.33 -23.85
C GLN A 32 5.31 -26.53 -24.67
N ALA A 33 5.27 -27.48 -25.60
CA ALA A 33 6.38 -27.96 -26.42
C ALA A 33 7.51 -28.65 -25.60
N LEU A 34 8.22 -29.57 -26.25
CA LEU A 34 9.28 -30.44 -25.72
C LEU A 34 9.93 -31.21 -26.90
N LYS A 35 10.81 -32.21 -26.64
CA LYS A 35 11.39 -33.11 -27.66
C LYS A 35 10.32 -34.04 -28.26
N ASP A 36 9.35 -33.49 -28.97
CA ASP A 36 8.17 -34.19 -29.50
C ASP A 36 8.52 -35.07 -30.70
N HIS A 37 9.29 -34.56 -31.67
CA HIS A 37 9.78 -35.35 -32.80
C HIS A 37 10.87 -36.33 -32.33
N LEU A 38 10.78 -37.60 -32.73
CA LEU A 38 11.67 -38.70 -32.30
C LEU A 38 11.67 -39.00 -30.78
N ALA A 39 10.59 -38.67 -30.07
CA ALA A 39 10.41 -38.99 -28.64
C ALA A 39 10.47 -40.49 -28.35
N ALA A 40 9.69 -41.29 -29.09
CA ALA A 40 9.58 -42.74 -28.96
C ALA A 40 10.82 -43.46 -29.47
N TYR A 41 11.44 -42.94 -30.53
CA TYR A 41 12.71 -43.43 -31.09
C TYR A 41 13.84 -43.35 -30.07
N GLU A 42 13.97 -42.21 -29.36
CA GLU A 42 14.99 -42.04 -28.34
C GLU A 42 14.74 -42.97 -27.13
N LEU A 43 13.48 -43.10 -26.72
CA LEU A 43 12.99 -43.93 -25.61
C LEU A 43 12.99 -45.45 -25.89
N SER A 44 13.38 -45.86 -27.11
CA SER A 44 13.32 -47.25 -27.57
C SER A 44 14.12 -48.23 -26.70
N LYS A 45 13.57 -49.43 -26.49
CA LYS A 45 14.11 -50.46 -25.58
C LYS A 45 15.29 -51.23 -26.18
N ALA A 46 16.13 -51.75 -25.29
CA ALA A 46 17.27 -52.59 -25.63
C ALA A 46 17.54 -53.61 -24.50
N SER A 47 17.98 -54.80 -24.89
CA SER A 47 18.38 -55.91 -24.01
C SER A 47 19.69 -56.53 -24.50
N GLU A 48 20.37 -57.25 -23.60
CA GLU A 48 21.71 -57.82 -23.87
C GLU A 48 21.72 -59.01 -24.84
N GLY B 1 -2.51 28.90 9.78
CA GLY B 1 -1.79 29.33 8.56
C GLY B 1 -2.34 28.64 7.32
N SER B 2 -2.42 29.36 6.21
CA SER B 2 -2.81 28.85 4.88
C SER B 2 -1.68 28.07 4.20
N HIS B 3 -2.03 27.12 3.31
CA HIS B 3 -1.13 26.31 2.47
C HIS B 3 -0.06 25.45 3.20
N MET B 4 -0.22 25.21 4.50
CA MET B 4 0.72 24.41 5.31
C MET B 4 0.77 22.94 4.84
N ALA B 5 1.95 22.33 4.85
CA ALA B 5 2.13 20.97 4.35
C ALA B 5 1.63 19.87 5.29
N THR B 6 1.41 18.67 4.72
CA THR B 6 0.87 17.50 5.44
C THR B 6 2.04 16.57 5.78
N LYS B 7 2.06 15.97 6.98
CA LYS B 7 3.09 15.04 7.45
C LYS B 7 2.51 13.64 7.72
N ALA B 8 3.36 12.62 7.63
CA ALA B 8 3.02 11.23 7.92
C ALA B 8 4.06 10.57 8.81
N ARG B 9 3.57 9.64 9.64
CA ARG B 9 4.36 8.75 10.50
C ARG B 9 4.29 7.34 9.92
N VAL B 10 5.44 6.73 9.65
CA VAL B 10 5.47 5.35 9.11
C VAL B 10 5.06 4.33 10.17
N MET B 11 4.18 3.39 9.82
CA MET B 11 3.78 2.30 10.72
C MET B 11 4.68 1.05 10.62
N TYR B 12 5.28 0.81 9.46
CA TYR B 12 6.10 -0.37 9.14
C TYR B 12 7.19 -0.02 8.10
N ASP B 13 8.42 -0.50 8.26
CA ASP B 13 9.54 -0.21 7.36
C ASP B 13 9.31 -0.84 5.97
N PHE B 14 9.26 0.00 4.94
CA PHE B 14 8.95 -0.36 3.55
C PHE B 14 10.21 -0.49 2.69
N ALA B 15 10.16 -1.35 1.68
CA ALA B 15 11.27 -1.58 0.74
C ALA B 15 10.80 -1.50 -0.72
N ALA B 16 11.35 -0.50 -1.43
CA ALA B 16 11.02 -0.17 -2.81
C ALA B 16 11.39 -1.24 -3.88
N GLU B 17 10.48 -1.48 -4.83
CA GLU B 17 10.71 -2.34 -6.00
C GLU B 17 11.64 -1.69 -7.05
N PRO B 18 12.55 -2.45 -7.68
CA PRO B 18 13.46 -1.94 -8.70
C PRO B 18 12.71 -1.55 -9.99
N GLY B 19 12.67 -0.25 -10.30
CA GLY B 19 12.01 0.31 -11.49
C GLY B 19 10.62 0.90 -11.25
N ASN B 20 10.09 0.82 -10.03
CA ASN B 20 8.76 1.30 -9.66
C ASN B 20 8.73 2.74 -9.09
N ASN B 21 9.87 3.44 -9.02
CA ASN B 21 10.02 4.75 -8.36
C ASN B 21 9.34 4.78 -6.97
N GLU B 22 9.56 3.75 -6.17
CA GLU B 22 9.06 3.61 -4.79
C GLU B 22 10.04 4.23 -3.77
N LEU B 23 9.53 4.73 -2.64
CA LEU B 23 10.30 5.44 -1.60
C LEU B 23 10.58 4.50 -0.42
N THR B 24 11.83 4.05 -0.25
CA THR B 24 12.22 3.23 0.90
C THR B 24 12.25 4.12 2.16
N VAL B 25 11.35 3.82 3.08
CA VAL B 25 11.16 4.53 4.36
C VAL B 25 11.31 3.58 5.56
N ASN B 26 11.57 4.12 6.74
CA ASN B 26 11.71 3.31 7.96
C ASN B 26 10.53 3.47 8.91
N GLU B 27 10.23 2.42 9.69
CA GLU B 27 9.18 2.48 10.71
C GLU B 27 9.43 3.62 11.69
N GLY B 28 8.39 4.42 11.92
CA GLY B 28 8.45 5.59 12.79
C GLY B 28 9.08 6.83 12.16
N GLU B 29 9.45 6.77 10.88
CA GLU B 29 10.02 7.91 10.16
C GLU B 29 8.96 8.97 9.87
N ILE B 30 9.40 10.23 9.83
CA ILE B 30 8.58 11.39 9.43
C ILE B 30 8.91 11.77 7.99
N ILE B 31 7.86 11.98 7.19
CA ILE B 31 7.94 12.46 5.81
C ILE B 31 6.76 13.41 5.52
N THR B 32 6.92 14.31 4.57
CA THR B 32 5.86 15.20 4.08
C THR B 32 5.18 14.56 2.89
N ILE B 33 3.90 14.84 2.68
CA ILE B 33 3.16 14.32 1.54
C ILE B 33 3.29 15.26 0.34
N THR B 34 3.54 14.71 -0.84
CA THR B 34 3.59 15.43 -2.12
C THR B 34 2.42 15.04 -3.04
N ASN B 35 1.85 13.85 -2.88
CA ASN B 35 0.69 13.35 -3.65
C ASN B 35 -0.12 12.30 -2.83
N PRO B 36 -1.15 12.67 -2.02
CA PRO B 36 -1.92 11.74 -1.17
C PRO B 36 -2.83 10.75 -1.93
N ASP B 37 -2.95 10.88 -3.25
CA ASP B 37 -3.85 10.08 -4.10
C ASP B 37 -3.34 10.05 -5.56
N VAL B 38 -2.85 8.89 -5.99
CA VAL B 38 -2.24 8.66 -7.31
C VAL B 38 -2.83 7.45 -8.06
N GLY B 39 -3.62 6.62 -7.37
CA GLY B 39 -4.25 5.41 -7.90
C GLY B 39 -3.71 4.14 -7.26
N GLY B 40 -4.48 3.04 -7.32
CA GLY B 40 -4.03 1.72 -6.85
C GLY B 40 -3.74 1.59 -5.34
N GLY B 41 -4.16 2.58 -4.54
CA GLY B 41 -3.92 2.65 -3.10
C GLY B 41 -2.63 3.35 -2.66
N TRP B 42 -1.94 4.01 -3.59
CA TRP B 42 -0.63 4.63 -3.37
C TRP B 42 -0.70 6.13 -3.03
N LEU B 43 0.43 6.65 -2.57
CA LEU B 43 0.70 8.05 -2.31
C LEU B 43 2.18 8.37 -2.58
N GLU B 44 2.53 9.65 -2.65
CA GLU B 44 3.89 10.17 -2.81
C GLU B 44 4.27 11.06 -1.60
N GLY B 45 5.54 11.02 -1.21
CA GLY B 45 6.08 11.82 -0.10
C GLY B 45 7.53 12.29 -0.32
N ARG B 46 8.06 13.04 0.65
CA ARG B 46 9.42 13.58 0.72
C ARG B 46 9.98 13.51 2.14
N ASN B 47 11.20 12.98 2.28
CA ASN B 47 11.82 12.72 3.58
C ASN B 47 12.79 13.83 4.04
N ILE B 48 13.49 13.58 5.16
CA ILE B 48 14.56 14.43 5.70
C ILE B 48 15.65 14.71 4.66
N LYS B 49 15.98 13.69 3.87
CA LYS B 49 16.96 13.70 2.78
C LYS B 49 16.43 14.36 1.51
N GLY B 50 15.10 14.51 1.40
CA GLY B 50 14.47 15.21 0.28
C GLY B 50 14.15 14.34 -0.93
N GLU B 51 14.28 13.01 -0.78
CA GLU B 51 13.95 12.03 -1.81
C GLU B 51 12.46 11.76 -1.88
N ARG B 52 11.97 11.55 -3.11
CA ARG B 52 10.60 11.19 -3.43
C ARG B 52 10.49 9.79 -4.02
N GLY B 53 9.30 9.22 -3.90
CA GLY B 53 8.88 7.93 -4.45
C GLY B 53 7.47 7.58 -4.00
N LEU B 54 6.93 6.48 -4.53
CA LEU B 54 5.62 5.93 -4.14
C LEU B 54 5.69 5.15 -2.83
N VAL B 55 4.61 5.25 -2.05
CA VAL B 55 4.42 4.64 -0.74
C VAL B 55 2.95 4.17 -0.59
N PRO B 56 2.68 2.98 -0.04
CA PRO B 56 1.31 2.53 0.24
C PRO B 56 0.68 3.26 1.45
N THR B 57 -0.57 3.74 1.28
CA THR B 57 -1.39 4.34 2.36
C THR B 57 -1.69 3.35 3.50
N ASP B 58 -1.67 2.06 3.23
CA ASP B 58 -1.83 0.99 4.23
C ASP B 58 -0.60 0.84 5.16
N TYR B 59 0.53 1.52 4.89
CA TYR B 59 1.80 1.41 5.63
C TYR B 59 2.18 2.64 6.46
N VAL B 60 1.53 3.78 6.22
CA VAL B 60 1.83 5.07 6.87
C VAL B 60 0.54 5.73 7.39
N GLU B 61 0.62 6.48 8.49
CA GLU B 61 -0.52 7.20 9.07
C GLU B 61 -0.34 8.72 8.97
N ILE B 62 -1.38 9.42 8.52
CA ILE B 62 -1.37 10.87 8.29
C ILE B 62 -1.61 11.62 9.60
N LEU B 63 -0.70 12.55 9.92
CA LEU B 63 -0.74 13.38 11.13
C LEU B 63 -1.79 14.52 11.07
N PRO B 64 -2.30 14.97 12.24
CA PRO B 64 -3.24 16.09 12.37
C PRO B 64 -2.58 17.47 12.14
N SER B 65 -3.29 18.56 12.46
CA SER B 65 -2.82 19.95 12.43
C SER B 65 -2.36 20.44 11.04
N ASP B 66 -3.04 19.94 10.00
CA ASP B 66 -2.80 20.12 8.55
C ASP B 66 -3.23 21.50 7.98
N GLY B 67 -3.76 22.42 8.81
CA GLY B 67 -4.14 23.77 8.40
C GLY B 67 -5.29 24.36 9.20
N GLY A 1 7.84 21.81 -14.32
CA GLY A 1 7.44 21.55 -12.93
C GLY A 1 7.47 20.07 -12.62
N THR A 2 7.40 19.70 -11.34
CA THR A 2 7.32 18.28 -10.92
C THR A 2 6.02 17.63 -11.39
N VAL A 3 6.04 16.30 -11.55
CA VAL A 3 4.86 15.49 -11.89
C VAL A 3 4.61 14.41 -10.84
N ASN A 4 3.39 13.89 -10.84
CA ASN A 4 2.98 12.77 -10.00
C ASN A 4 3.52 11.42 -10.47
N PHE A 5 3.59 10.49 -9.54
CA PHE A 5 4.07 9.13 -9.75
C PHE A 5 2.93 8.14 -9.99
N LYS A 6 3.20 7.11 -10.81
CA LYS A 6 2.22 6.10 -11.23
C LYS A 6 2.73 4.69 -10.90
N PRO A 7 2.01 3.92 -10.06
CA PRO A 7 2.43 2.60 -9.56
C PRO A 7 2.39 1.47 -10.60
N THR A 8 3.39 0.58 -10.55
CA THR A 8 3.50 -0.60 -11.44
C THR A 8 2.72 -1.81 -10.90
N ARG A 9 2.50 -1.84 -9.59
CA ARG A 9 1.82 -2.89 -8.83
C ARG A 9 0.78 -2.30 -7.88
N PRO A 10 -0.31 -3.00 -7.55
CA PRO A 10 -1.28 -2.56 -6.54
C PRO A 10 -0.61 -2.46 -5.17
N ALA A 11 -1.14 -1.65 -4.27
CA ALA A 11 -0.60 -1.46 -2.93
C ALA A 11 -0.45 -2.82 -2.20
N PRO A 12 0.76 -3.17 -1.68
CA PRO A 12 0.99 -4.42 -0.98
C PRO A 12 0.28 -4.49 0.37
N PRO A 13 0.04 -5.70 0.91
CA PRO A 13 -0.58 -5.88 2.22
C PRO A 13 0.41 -5.53 3.36
N PRO A 14 -0.03 -4.84 4.43
CA PRO A 14 0.80 -4.58 5.61
C PRO A 14 0.99 -5.86 6.46
N PRO A 15 2.00 -5.89 7.35
CA PRO A 15 2.31 -7.06 8.17
C PRO A 15 1.13 -7.54 9.04
N THR A 16 1.08 -8.86 9.25
CA THR A 16 0.05 -9.61 10.00
C THR A 16 -1.42 -9.26 9.65
N SER A 17 -1.67 -8.84 8.41
CA SER A 17 -3.01 -8.50 7.89
C SER A 17 -3.66 -9.66 7.12
N GLY A 18 -4.94 -9.54 6.81
CA GLY A 18 -5.72 -10.53 6.05
C GLY A 18 -6.91 -9.96 5.28
N GLN A 19 -7.44 -10.75 4.35
CA GLN A 19 -8.61 -10.44 3.49
C GLN A 19 -9.69 -11.53 3.62
N ALA A 20 -10.94 -11.21 3.28
CA ALA A 20 -12.10 -12.11 3.48
C ALA A 20 -13.23 -12.03 2.44
N SER A 21 -13.38 -10.94 1.68
CA SER A 21 -14.50 -10.75 0.74
C SER A 21 -14.42 -11.61 -0.53
N GLY A 22 -15.53 -11.72 -1.27
CA GLY A 22 -15.66 -12.53 -2.48
C GLY A 22 -15.84 -14.02 -2.19
N ALA A 23 -15.29 -14.87 -3.07
CA ALA A 23 -15.35 -16.33 -2.94
C ALA A 23 -14.68 -16.86 -1.66
N SER A 24 -15.08 -18.07 -1.26
CA SER A 24 -14.50 -18.82 -0.14
C SER A 24 -13.05 -19.26 -0.43
N ARG A 25 -12.29 -19.55 0.63
CA ARG A 25 -10.92 -20.07 0.55
C ARG A 25 -10.83 -21.54 0.94
N PRO A 26 -9.87 -22.30 0.39
CA PRO A 26 -9.73 -23.73 0.64
C PRO A 26 -9.31 -24.02 2.10
N LEU A 27 -9.81 -25.13 2.62
CA LEU A 27 -9.52 -25.64 3.97
C LEU A 27 -8.43 -26.73 3.95
N PRO A 28 -7.64 -26.89 5.02
CA PRO A 28 -6.63 -27.95 5.13
C PRO A 28 -7.25 -29.36 5.17
N PRO A 29 -6.47 -30.42 4.92
CA PRO A 29 -6.93 -31.81 5.02
C PRO A 29 -7.21 -32.25 6.46
N ILE A 30 -7.86 -33.41 6.61
CA ILE A 30 -8.18 -34.05 7.89
C ILE A 30 -7.04 -34.98 8.34
N ALA A 31 -6.78 -35.04 9.65
CA ALA A 31 -5.79 -35.90 10.29
C ALA A 31 -6.02 -37.40 10.01
N GLN A 32 -4.94 -38.19 9.99
CA GLN A 32 -4.94 -39.60 9.60
C GLN A 32 -3.81 -40.42 10.23
N ALA A 33 -3.93 -41.75 10.17
CA ALA A 33 -2.88 -42.69 10.57
C ALA A 33 -2.09 -43.17 9.34
N LEU A 34 -0.83 -43.49 9.61
CA LEU A 34 0.23 -43.83 8.66
C LEU A 34 1.41 -44.43 9.44
N LYS A 35 2.51 -44.76 8.76
CA LYS A 35 3.75 -45.17 9.44
C LYS A 35 4.47 -43.91 9.94
N ASP A 36 3.94 -43.30 11.00
CA ASP A 36 4.48 -42.07 11.59
C ASP A 36 5.62 -42.37 12.58
N HIS A 37 5.42 -43.38 13.44
CA HIS A 37 6.42 -43.83 14.42
C HIS A 37 7.52 -44.69 13.77
N LEU A 38 8.79 -44.34 13.97
CA LEU A 38 9.97 -44.98 13.36
C LEU A 38 9.89 -45.03 11.82
N ALA A 39 9.36 -43.98 11.20
CA ALA A 39 9.12 -43.90 9.76
C ALA A 39 10.39 -44.13 8.91
N ALA A 40 11.43 -43.31 9.09
CA ALA A 40 12.70 -43.41 8.34
C ALA A 40 13.49 -44.69 8.67
N TYR A 41 13.35 -45.19 9.91
CA TYR A 41 13.92 -46.46 10.37
C TYR A 41 13.31 -47.65 9.64
N GLU A 42 12.00 -47.64 9.41
CA GLU A 42 11.31 -48.71 8.68
C GLU A 42 11.47 -48.59 7.15
N LEU A 43 11.59 -47.37 6.62
CA LEU A 43 11.61 -47.02 5.19
C LEU A 43 12.62 -47.83 4.35
N SER A 44 12.09 -48.83 3.68
CA SER A 44 12.75 -49.72 2.72
C SER A 44 12.89 -49.08 1.34
N LYS A 45 13.90 -49.53 0.57
CA LYS A 45 14.31 -48.99 -0.73
C LYS A 45 14.65 -50.07 -1.78
N ALA A 46 14.68 -51.34 -1.37
CA ALA A 46 15.01 -52.49 -2.21
C ALA A 46 14.07 -52.67 -3.43
N SER A 47 14.56 -53.38 -4.45
CA SER A 47 13.85 -53.67 -5.70
C SER A 47 14.34 -54.98 -6.36
N GLU A 48 13.57 -55.48 -7.33
CA GLU A 48 13.78 -56.77 -8.02
C GLU A 48 15.07 -56.86 -8.84
N GLY B 1 1.31 33.39 4.82
CA GLY B 1 0.05 33.04 4.14
C GLY B 1 -0.47 31.69 4.62
N SER B 2 -1.58 31.20 4.05
CA SER B 2 -2.26 29.99 4.52
C SER B 2 -1.56 28.66 4.19
N HIS B 3 -0.66 28.60 3.21
CA HIS B 3 0.04 27.36 2.82
C HIS B 3 1.00 26.85 3.90
N MET B 4 0.92 25.56 4.19
CA MET B 4 1.78 24.77 5.06
C MET B 4 1.88 23.34 4.52
N ALA B 5 2.97 22.63 4.78
CA ALA B 5 3.14 21.24 4.35
C ALA B 5 2.44 20.24 5.28
N THR B 6 2.25 19.00 4.79
CA THR B 6 1.67 17.88 5.56
C THR B 6 2.74 16.81 5.77
N LYS B 7 2.72 16.14 6.93
CA LYS B 7 3.66 15.07 7.31
C LYS B 7 2.95 13.73 7.49
N ALA B 8 3.71 12.64 7.41
CA ALA B 8 3.24 11.29 7.68
C ALA B 8 4.20 10.53 8.61
N ARG B 9 3.63 9.68 9.47
CA ARG B 9 4.34 8.76 10.35
C ARG B 9 4.24 7.37 9.73
N VAL B 10 5.39 6.72 9.51
CA VAL B 10 5.40 5.34 8.97
C VAL B 10 4.96 4.34 10.04
N MET B 11 4.10 3.38 9.69
CA MET B 11 3.67 2.30 10.58
C MET B 11 4.52 1.04 10.46
N TYR B 12 5.12 0.79 9.29
CA TYR B 12 5.94 -0.39 8.98
C TYR B 12 7.03 -0.06 7.95
N ASP B 13 8.23 -0.61 8.09
CA ASP B 13 9.34 -0.30 7.18
C ASP B 13 9.12 -0.94 5.79
N PHE B 14 9.26 -0.13 4.75
CA PHE B 14 9.01 -0.45 3.35
C PHE B 14 10.31 -0.55 2.53
N ALA B 15 10.32 -1.38 1.48
CA ALA B 15 11.45 -1.51 0.57
C ALA B 15 11.04 -1.45 -0.91
N ALA B 16 11.52 -0.43 -1.61
CA ALA B 16 11.17 -0.11 -2.99
C ALA B 16 11.56 -1.16 -4.04
N GLU B 17 10.61 -1.50 -4.92
CA GLU B 17 10.83 -2.39 -6.08
C GLU B 17 11.77 -1.75 -7.11
N PRO B 18 12.59 -2.54 -7.82
CA PRO B 18 13.58 -2.04 -8.76
C PRO B 18 12.91 -1.37 -9.98
N GLY B 19 13.07 -0.06 -10.10
CA GLY B 19 12.54 0.75 -11.21
C GLY B 19 11.07 1.19 -11.09
N ASN B 20 10.38 0.89 -9.99
CA ASN B 20 8.99 1.30 -9.74
C ASN B 20 8.85 2.76 -9.26
N ASN B 21 9.96 3.48 -9.02
CA ASN B 21 10.01 4.81 -8.42
C ASN B 21 9.25 4.87 -7.07
N GLU B 22 9.47 3.84 -6.24
CA GLU B 22 8.98 3.68 -4.87
C GLU B 22 9.98 4.30 -3.87
N LEU B 23 9.51 4.84 -2.74
CA LEU B 23 10.35 5.49 -1.73
C LEU B 23 10.66 4.49 -0.60
N THR B 24 11.92 4.10 -0.44
CA THR B 24 12.31 3.24 0.69
C THR B 24 12.25 4.08 1.97
N VAL B 25 11.45 3.66 2.94
CA VAL B 25 11.27 4.34 4.24
C VAL B 25 11.38 3.38 5.42
N ASN B 26 11.66 3.91 6.61
CA ASN B 26 11.70 3.10 7.83
C ASN B 26 10.48 3.33 8.73
N GLU B 27 10.13 2.32 9.52
CA GLU B 27 9.07 2.37 10.52
C GLU B 27 9.30 3.52 11.52
N GLY B 28 8.27 4.33 11.75
CA GLY B 28 8.33 5.51 12.62
C GLY B 28 9.00 6.74 11.99
N GLU B 29 9.43 6.67 10.73
CA GLU B 29 10.04 7.81 10.06
C GLU B 29 9.04 8.93 9.80
N ILE B 30 9.56 10.16 9.70
CA ILE B 30 8.78 11.36 9.37
C ILE B 30 9.14 11.88 7.99
N ILE B 31 8.16 11.94 7.10
CA ILE B 31 8.31 12.43 5.71
C ILE B 31 7.19 13.41 5.35
N THR B 32 7.42 14.26 4.34
CA THR B 32 6.43 15.20 3.83
C THR B 32 5.63 14.55 2.72
N ILE B 33 4.38 14.94 2.55
CA ILE B 33 3.53 14.48 1.47
C ILE B 33 3.75 15.34 0.22
N THR B 34 3.86 14.69 -0.95
CA THR B 34 3.92 15.34 -2.27
C THR B 34 2.71 14.99 -3.15
N ASN B 35 2.08 13.83 -2.93
CA ASN B 35 0.86 13.38 -3.62
C ASN B 35 0.09 12.37 -2.73
N PRO B 36 -0.84 12.79 -1.85
CA PRO B 36 -1.55 11.89 -0.91
C PRO B 36 -2.50 10.89 -1.56
N ASP B 37 -2.68 10.98 -2.88
CA ASP B 37 -3.44 10.06 -3.70
C ASP B 37 -2.91 10.15 -5.13
N VAL B 38 -2.72 8.99 -5.75
CA VAL B 38 -2.30 8.81 -7.15
C VAL B 38 -3.06 7.69 -7.87
N GLY B 39 -3.64 6.75 -7.13
CA GLY B 39 -4.30 5.55 -7.66
C GLY B 39 -3.72 4.24 -7.09
N GLY B 40 -4.42 3.13 -7.24
CA GLY B 40 -3.94 1.78 -6.85
C GLY B 40 -3.64 1.59 -5.35
N GLY B 41 -4.07 2.52 -4.50
CA GLY B 41 -3.78 2.58 -3.07
C GLY B 41 -2.49 3.30 -2.70
N TRP B 42 -1.84 3.98 -3.65
CA TRP B 42 -0.55 4.63 -3.46
C TRP B 42 -0.67 6.14 -3.17
N LEU B 43 0.40 6.66 -2.61
CA LEU B 43 0.70 8.07 -2.36
C LEU B 43 2.17 8.32 -2.69
N GLU B 44 2.55 9.58 -2.72
CA GLU B 44 3.91 10.07 -2.95
C GLU B 44 4.35 10.96 -1.78
N GLY B 45 5.61 10.84 -1.39
CA GLY B 45 6.20 11.61 -0.31
C GLY B 45 7.65 12.01 -0.59
N ARG B 46 8.26 12.66 0.39
CA ARG B 46 9.64 13.15 0.37
C ARG B 46 10.25 13.11 1.75
N ASN B 47 11.46 12.53 1.88
CA ASN B 47 12.12 12.42 3.18
C ASN B 47 12.89 13.69 3.54
N ILE B 48 13.51 13.69 4.73
CA ILE B 48 14.40 14.74 5.25
C ILE B 48 15.50 15.07 4.25
N LYS B 49 16.01 14.04 3.57
CA LYS B 49 17.09 14.10 2.59
C LYS B 49 16.64 14.60 1.22
N GLY B 50 15.32 14.60 0.95
CA GLY B 50 14.76 15.17 -0.28
C GLY B 50 14.57 14.17 -1.42
N GLU B 51 14.58 12.88 -1.08
CA GLU B 51 14.29 11.76 -1.97
C GLU B 51 12.79 11.53 -2.00
N ARG B 52 12.24 11.28 -3.18
CA ARG B 52 10.81 11.10 -3.42
C ARG B 52 10.49 9.81 -4.16
N GLY B 53 9.29 9.30 -3.96
CA GLY B 53 8.85 8.00 -4.48
C GLY B 53 7.45 7.63 -3.99
N LEU B 54 6.92 6.55 -4.56
CA LEU B 54 5.64 5.95 -4.19
C LEU B 54 5.71 5.18 -2.87
N VAL B 55 4.62 5.26 -2.12
CA VAL B 55 4.43 4.68 -0.80
C VAL B 55 2.98 4.16 -0.67
N PRO B 56 2.73 2.94 -0.17
CA PRO B 56 1.37 2.44 0.08
C PRO B 56 0.67 3.21 1.20
N THR B 57 -0.57 3.67 0.97
CA THR B 57 -1.38 4.36 1.98
C THR B 57 -1.67 3.51 3.22
N ASP B 58 -1.78 2.20 3.05
CA ASP B 58 -1.98 1.25 4.16
C ASP B 58 -0.74 1.06 5.06
N TYR B 59 0.43 1.62 4.70
CA TYR B 59 1.69 1.49 5.47
C TYR B 59 2.06 2.72 6.32
N VAL B 60 1.41 3.86 6.08
CA VAL B 60 1.70 5.12 6.77
C VAL B 60 0.42 5.77 7.31
N GLU B 61 0.55 6.82 8.13
CA GLU B 61 -0.60 7.61 8.60
C GLU B 61 -0.32 9.12 8.60
N ILE B 62 -1.34 9.92 8.26
CA ILE B 62 -1.23 11.37 8.05
C ILE B 62 -1.35 12.18 9.36
N LEU B 63 -0.31 12.98 9.61
CA LEU B 63 -0.17 13.95 10.70
C LEU B 63 -0.67 15.36 10.30
N PRO B 64 -1.00 16.23 11.27
CA PRO B 64 -1.37 17.63 11.02
C PRO B 64 -0.15 18.51 10.71
N SER B 65 -0.43 19.74 10.30
CA SER B 65 0.55 20.80 10.03
C SER B 65 0.98 21.51 11.32
N ASP B 66 2.09 22.24 11.24
CA ASP B 66 2.73 22.89 12.39
C ASP B 66 1.97 24.13 12.92
N GLY B 67 0.98 24.63 12.16
CA GLY B 67 0.07 25.73 12.51
C GLY B 67 -1.30 25.62 11.84
N GLY A 1 6.29 22.48 -13.08
CA GLY A 1 6.87 22.03 -11.80
C GLY A 1 7.22 20.56 -11.85
N THR A 2 7.02 19.83 -10.76
CA THR A 2 7.18 18.36 -10.67
C THR A 2 6.02 17.61 -11.33
N VAL A 3 6.11 16.28 -11.43
CA VAL A 3 5.04 15.41 -11.97
C VAL A 3 4.65 14.33 -10.97
N ASN A 4 3.42 13.84 -11.06
CA ASN A 4 2.97 12.72 -10.24
C ASN A 4 3.53 11.37 -10.67
N PHE A 5 3.53 10.45 -9.73
CA PHE A 5 3.99 9.09 -9.93
C PHE A 5 2.85 8.13 -10.22
N LYS A 6 3.16 7.11 -11.03
CA LYS A 6 2.22 6.09 -11.51
C LYS A 6 2.75 4.71 -11.07
N PRO A 7 1.98 3.96 -10.27
CA PRO A 7 2.39 2.66 -9.71
C PRO A 7 2.35 1.53 -10.74
N THR A 8 3.40 0.71 -10.72
CA THR A 8 3.58 -0.45 -11.63
C THR A 8 2.85 -1.70 -11.13
N ARG A 9 2.47 -1.69 -9.85
CA ARG A 9 1.86 -2.78 -9.09
C ARG A 9 0.80 -2.30 -8.09
N PRO A 10 -0.14 -3.17 -7.67
CA PRO A 10 -1.09 -2.82 -6.62
C PRO A 10 -0.37 -2.64 -5.28
N ALA A 11 -0.87 -1.74 -4.44
CA ALA A 11 -0.27 -1.47 -3.13
C ALA A 11 -0.33 -2.75 -2.24
N PRO A 12 0.83 -3.22 -1.71
CA PRO A 12 0.93 -4.48 -0.97
C PRO A 12 0.25 -4.46 0.42
N PRO A 13 -0.01 -5.64 1.02
CA PRO A 13 -0.56 -5.75 2.37
C PRO A 13 0.50 -5.44 3.45
N PRO A 14 0.13 -4.77 4.57
CA PRO A 14 1.03 -4.57 5.70
C PRO A 14 1.23 -5.89 6.47
N PRO A 15 2.35 -6.04 7.22
CA PRO A 15 2.70 -7.29 7.89
C PRO A 15 1.67 -7.73 8.93
N THR A 16 1.46 -9.05 9.01
CA THR A 16 0.46 -9.74 9.86
C THR A 16 -0.91 -9.05 9.87
N SER A 17 -1.33 -8.49 8.74
CA SER A 17 -2.55 -7.67 8.61
C SER A 17 -3.37 -7.93 7.34
N GLY A 18 -2.81 -8.64 6.35
CA GLY A 18 -3.51 -9.07 5.12
C GLY A 18 -4.08 -7.95 4.23
N GLN A 19 -4.91 -8.35 3.27
CA GLN A 19 -5.63 -7.44 2.38
C GLN A 19 -6.84 -6.79 3.09
N ALA A 20 -6.96 -5.46 3.03
CA ALA A 20 -8.09 -4.73 3.60
C ALA A 20 -9.36 -4.73 2.73
N SER A 21 -9.26 -5.06 1.43
CA SER A 21 -10.36 -4.96 0.45
C SER A 21 -10.44 -6.14 -0.56
N GLY A 22 -11.66 -6.37 -1.07
CA GLY A 22 -12.00 -7.32 -2.13
C GLY A 22 -12.83 -6.67 -3.25
N ALA A 23 -12.92 -7.32 -4.41
CA ALA A 23 -13.61 -6.79 -5.59
C ALA A 23 -15.15 -6.76 -5.47
N SER A 24 -15.78 -5.90 -6.28
CA SER A 24 -17.22 -5.62 -6.27
C SER A 24 -18.09 -6.78 -6.77
N ARG A 25 -19.23 -6.98 -6.07
CA ARG A 25 -20.36 -7.90 -6.28
C ARG A 25 -20.04 -9.40 -6.41
N PRO A 26 -20.95 -10.29 -5.96
CA PRO A 26 -20.73 -11.74 -5.99
C PRO A 26 -20.79 -12.30 -7.42
N LEU A 27 -20.12 -13.43 -7.65
CA LEU A 27 -20.13 -14.14 -8.92
C LEU A 27 -21.54 -14.66 -9.31
N PRO A 28 -21.90 -14.68 -10.60
CA PRO A 28 -23.24 -15.03 -11.07
C PRO A 28 -23.56 -16.55 -11.03
N PRO A 29 -24.84 -16.93 -10.80
CA PRO A 29 -25.31 -18.30 -10.89
C PRO A 29 -25.07 -18.94 -12.26
N ILE A 30 -24.92 -20.25 -12.24
CA ILE A 30 -24.59 -21.05 -13.44
C ILE A 30 -25.78 -21.16 -14.39
N ALA A 31 -25.54 -20.84 -15.66
CA ALA A 31 -26.46 -20.96 -16.79
C ALA A 31 -25.65 -21.03 -18.11
N GLN A 32 -26.15 -21.71 -19.13
CA GLN A 32 -25.43 -21.90 -20.40
C GLN A 32 -26.37 -22.07 -21.61
N ALA A 33 -25.86 -21.77 -22.79
CA ALA A 33 -26.53 -21.88 -24.08
C ALA A 33 -25.49 -21.97 -25.22
N LEU A 34 -25.87 -22.69 -26.26
CA LEU A 34 -25.05 -23.05 -27.42
C LEU A 34 -25.97 -23.61 -28.53
N LYS A 35 -25.43 -24.01 -29.68
CA LYS A 35 -26.17 -24.65 -30.79
C LYS A 35 -26.64 -26.07 -30.43
N ASP A 36 -27.53 -26.17 -29.44
CA ASP A 36 -28.03 -27.43 -28.86
C ASP A 36 -28.91 -28.26 -29.82
N HIS A 37 -29.32 -27.67 -30.94
CA HIS A 37 -30.05 -28.29 -32.04
C HIS A 37 -29.13 -29.03 -33.02
N LEU A 38 -29.60 -30.17 -33.55
CA LEU A 38 -28.85 -31.09 -34.42
C LEU A 38 -27.48 -31.51 -33.86
N ALA A 39 -27.37 -31.62 -32.53
CA ALA A 39 -26.12 -31.87 -31.81
C ALA A 39 -25.39 -33.17 -32.21
N ALA A 40 -26.09 -34.31 -32.25
CA ALA A 40 -25.49 -35.60 -32.62
C ALA A 40 -25.19 -35.74 -34.14
N TYR A 41 -25.77 -34.87 -34.97
CA TYR A 41 -25.44 -34.78 -36.39
C TYR A 41 -24.20 -33.88 -36.58
N GLU A 42 -24.11 -32.80 -35.80
CA GLU A 42 -23.03 -31.83 -35.97
C GLU A 42 -21.63 -32.43 -35.64
N LEU A 43 -21.60 -33.41 -34.71
CA LEU A 43 -20.41 -34.20 -34.36
C LEU A 43 -20.05 -35.19 -35.49
N SER A 44 -18.76 -35.36 -35.80
CA SER A 44 -18.32 -36.21 -36.91
C SER A 44 -16.86 -36.69 -36.82
N LYS A 45 -16.58 -37.87 -37.40
CA LYS A 45 -15.25 -38.48 -37.54
C LYS A 45 -14.30 -37.67 -38.43
N ALA A 46 -13.12 -37.36 -37.89
CA ALA A 46 -12.03 -36.61 -38.51
C ALA A 46 -11.14 -37.47 -39.45
N SER A 47 -10.39 -36.82 -40.34
CA SER A 47 -9.58 -37.47 -41.39
C SER A 47 -8.36 -38.27 -40.89
N GLU A 48 -7.81 -37.95 -39.71
CA GLU A 48 -6.65 -38.60 -39.10
C GLU A 48 -6.94 -39.27 -37.75
N GLY B 1 -7.57 26.02 9.47
CA GLY B 1 -7.00 24.79 8.90
C GLY B 1 -5.49 24.80 9.02
N SER B 2 -4.79 23.98 8.26
CA SER B 2 -3.32 23.86 8.30
C SER B 2 -2.63 24.93 7.44
N HIS B 3 -1.64 25.61 8.01
CA HIS B 3 -0.84 26.68 7.37
C HIS B 3 0.61 26.26 7.08
N MET B 4 0.92 24.98 7.29
CA MET B 4 2.19 24.31 7.02
C MET B 4 1.95 22.98 6.29
N ALA B 5 3.01 22.42 5.69
CA ALA B 5 3.01 21.10 5.07
C ALA B 5 2.64 19.99 6.09
N THR B 6 2.13 18.88 5.58
CA THR B 6 1.61 17.76 6.38
C THR B 6 2.69 16.70 6.57
N LYS B 7 2.67 16.01 7.71
CA LYS B 7 3.58 14.90 8.03
C LYS B 7 2.85 13.58 8.20
N ALA B 8 3.57 12.48 7.95
CA ALA B 8 3.10 11.11 8.16
C ALA B 8 4.11 10.31 8.98
N ARG B 9 3.59 9.48 9.88
CA ARG B 9 4.33 8.50 10.68
C ARG B 9 4.23 7.15 9.98
N VAL B 10 5.37 6.53 9.68
CA VAL B 10 5.39 5.18 9.11
C VAL B 10 4.96 4.17 10.17
N MET B 11 4.05 3.26 9.79
CA MET B 11 3.58 2.17 10.66
C MET B 11 4.40 0.88 10.52
N TYR B 12 5.02 0.68 9.36
CA TYR B 12 5.85 -0.50 9.04
C TYR B 12 6.93 -0.17 8.03
N ASP B 13 8.10 -0.80 8.13
CA ASP B 13 9.18 -0.65 7.16
C ASP B 13 8.71 -1.08 5.76
N PHE B 14 9.08 -0.30 4.75
CA PHE B 14 8.77 -0.57 3.34
C PHE B 14 10.04 -0.58 2.48
N ALA B 15 10.15 -1.60 1.62
CA ALA B 15 11.25 -1.75 0.66
C ALA B 15 10.75 -1.65 -0.79
N ALA B 16 11.23 -0.63 -1.50
CA ALA B 16 10.83 -0.32 -2.87
C ALA B 16 11.19 -1.41 -3.90
N GLU B 17 10.33 -1.59 -4.91
CA GLU B 17 10.59 -2.47 -6.05
C GLU B 17 11.60 -1.83 -7.03
N PRO B 18 12.41 -2.65 -7.72
CA PRO B 18 13.48 -2.17 -8.59
C PRO B 18 12.91 -1.45 -9.82
N GLY B 19 13.15 -0.14 -9.93
CA GLY B 19 12.71 0.70 -11.05
C GLY B 19 11.25 1.21 -10.99
N ASN B 20 10.48 0.87 -9.95
CA ASN B 20 9.08 1.31 -9.79
C ASN B 20 8.93 2.77 -9.27
N ASN B 21 10.03 3.46 -9.00
CA ASN B 21 10.11 4.79 -8.35
C ASN B 21 9.34 4.81 -7.01
N GLU B 22 9.54 3.76 -6.22
CA GLU B 22 9.01 3.61 -4.86
C GLU B 22 10.01 4.17 -3.82
N LEU B 23 9.47 4.72 -2.72
CA LEU B 23 10.23 5.39 -1.66
C LEU B 23 10.47 4.41 -0.51
N THR B 24 11.71 3.93 -0.35
CA THR B 24 12.07 3.05 0.77
C THR B 24 12.05 3.88 2.05
N VAL B 25 11.19 3.48 2.99
CA VAL B 25 11.03 4.15 4.30
C VAL B 25 11.17 3.18 5.46
N ASN B 26 11.35 3.73 6.67
CA ASN B 26 11.55 2.95 7.89
C ASN B 26 10.37 3.12 8.84
N GLU B 27 10.07 2.07 9.59
CA GLU B 27 9.03 2.11 10.62
C GLU B 27 9.31 3.22 11.65
N GLY B 28 8.30 4.05 11.90
CA GLY B 28 8.38 5.20 12.79
C GLY B 28 9.05 6.43 12.19
N GLU B 29 9.43 6.39 10.90
CA GLU B 29 10.04 7.55 10.26
C GLU B 29 9.00 8.66 10.04
N ILE B 30 9.46 9.91 10.01
CA ILE B 30 8.63 11.08 9.73
C ILE B 30 8.92 11.61 8.32
N ILE B 31 7.91 11.66 7.46
CA ILE B 31 8.04 12.20 6.09
C ILE B 31 6.93 13.21 5.78
N THR B 32 7.17 14.11 4.82
CA THR B 32 6.17 15.11 4.37
C THR B 32 5.38 14.55 3.21
N ILE B 33 4.13 15.00 3.08
CA ILE B 33 3.22 14.59 2.00
C ILE B 33 3.30 15.56 0.82
N THR B 34 3.23 15.02 -0.39
CA THR B 34 3.17 15.79 -1.64
C THR B 34 2.00 15.34 -2.52
N ASN B 35 1.67 14.04 -2.52
CA ASN B 35 0.55 13.45 -3.26
C ASN B 35 -0.13 12.36 -2.42
N PRO B 36 -1.05 12.68 -1.50
CA PRO B 36 -1.69 11.70 -0.59
C PRO B 36 -2.58 10.65 -1.29
N ASP B 37 -2.76 10.77 -2.61
CA ASP B 37 -3.45 9.83 -3.47
C ASP B 37 -2.95 9.99 -4.92
N VAL B 38 -2.67 8.87 -5.58
CA VAL B 38 -2.26 8.77 -6.99
C VAL B 38 -2.96 7.64 -7.76
N GLY B 39 -3.69 6.76 -7.07
CA GLY B 39 -4.33 5.56 -7.61
C GLY B 39 -3.67 4.27 -7.13
N GLY B 40 -4.34 3.13 -7.33
CA GLY B 40 -3.86 1.79 -6.96
C GLY B 40 -3.60 1.57 -5.47
N GLY B 41 -4.02 2.50 -4.61
CA GLY B 41 -3.77 2.52 -3.17
C GLY B 41 -2.48 3.25 -2.74
N TRP B 42 -1.84 3.98 -3.65
CA TRP B 42 -0.55 4.64 -3.43
C TRP B 42 -0.64 6.14 -3.11
N LEU B 43 0.46 6.68 -2.59
CA LEU B 43 0.73 8.10 -2.30
C LEU B 43 2.20 8.47 -2.59
N GLU B 44 2.50 9.76 -2.58
CA GLU B 44 3.84 10.35 -2.71
C GLU B 44 4.20 11.18 -1.45
N GLY B 45 5.46 11.09 -1.05
CA GLY B 45 6.04 11.84 0.08
C GLY B 45 7.52 12.18 -0.14
N ARG B 46 8.13 12.80 0.86
CA ARG B 46 9.54 13.25 0.85
C ARG B 46 10.12 13.23 2.26
N ASN B 47 11.28 12.58 2.43
CA ASN B 47 11.86 12.41 3.76
C ASN B 47 12.77 13.58 4.13
N ILE B 48 13.33 13.53 5.34
CA ILE B 48 14.32 14.49 5.86
C ILE B 48 15.51 14.65 4.89
N LYS B 49 15.92 13.54 4.27
CA LYS B 49 17.01 13.49 3.30
C LYS B 49 16.62 14.03 1.92
N GLY B 50 15.32 14.07 1.62
CA GLY B 50 14.79 14.62 0.36
C GLY B 50 14.61 13.59 -0.75
N GLU B 51 14.61 12.29 -0.40
CA GLU B 51 14.31 11.21 -1.34
C GLU B 51 12.81 11.15 -1.55
N ARG B 52 12.38 10.82 -2.78
CA ARG B 52 10.97 10.80 -3.17
C ARG B 52 10.63 9.59 -4.03
N GLY B 53 9.39 9.13 -3.88
CA GLY B 53 8.85 7.95 -4.54
C GLY B 53 7.43 7.61 -4.05
N LEU B 54 6.88 6.53 -4.57
CA LEU B 54 5.59 5.98 -4.16
C LEU B 54 5.66 5.23 -2.82
N VAL B 55 4.60 5.34 -2.02
CA VAL B 55 4.41 4.70 -0.71
C VAL B 55 2.97 4.16 -0.60
N PRO B 56 2.75 2.95 -0.05
CA PRO B 56 1.40 2.42 0.21
C PRO B 56 0.67 3.22 1.31
N THR B 57 -0.57 3.64 1.06
CA THR B 57 -1.43 4.31 2.07
C THR B 57 -1.71 3.45 3.30
N ASP B 58 -1.76 2.14 3.15
CA ASP B 58 -1.97 1.21 4.27
C ASP B 58 -0.76 1.07 5.21
N TYR B 59 0.41 1.65 4.84
CA TYR B 59 1.66 1.56 5.62
C TYR B 59 1.99 2.79 6.47
N VAL B 60 1.29 3.91 6.28
CA VAL B 60 1.60 5.17 6.99
C VAL B 60 0.33 5.81 7.57
N GLU B 61 0.43 6.59 8.64
CA GLU B 61 -0.69 7.36 9.22
C GLU B 61 -0.40 8.87 9.16
N ILE B 62 -1.43 9.67 8.87
CA ILE B 62 -1.33 11.12 8.66
C ILE B 62 -1.48 11.91 9.96
N LEU B 63 -0.45 12.65 10.35
CA LEU B 63 -0.42 13.43 11.58
C LEU B 63 -1.16 14.77 11.45
N PRO B 64 -1.73 15.30 12.55
CA PRO B 64 -2.35 16.62 12.58
C PRO B 64 -1.25 17.70 12.61
N SER B 65 -1.65 18.95 12.40
CA SER B 65 -0.73 20.09 12.35
C SER B 65 -0.38 20.58 13.75
N ASP B 66 0.71 20.03 14.30
CA ASP B 66 1.33 20.40 15.58
C ASP B 66 0.43 20.26 16.85
N GLY B 67 -0.75 19.62 16.73
CA GLY B 67 -1.63 19.34 17.89
C GLY B 67 -2.98 18.73 17.56
N GLY A 1 10.91 17.34 -16.94
CA GLY A 1 9.45 17.44 -16.80
C GLY A 1 8.96 16.81 -15.50
N THR A 2 8.24 17.56 -14.67
CA THR A 2 7.64 17.09 -13.41
C THR A 2 6.25 16.49 -13.59
N VAL A 3 5.91 15.48 -12.78
CA VAL A 3 4.67 14.69 -12.87
C VAL A 3 4.40 13.91 -11.58
N ASN A 4 3.19 13.38 -11.47
CA ASN A 4 2.80 12.47 -10.42
C ASN A 4 3.26 11.05 -10.72
N PHE A 5 3.46 10.30 -9.65
CA PHE A 5 3.99 8.95 -9.75
C PHE A 5 2.87 7.95 -9.99
N LYS A 6 3.16 6.97 -10.84
CA LYS A 6 2.20 5.96 -11.29
C LYS A 6 2.72 4.56 -10.90
N PRO A 7 1.99 3.83 -10.05
CA PRO A 7 2.41 2.53 -9.54
C PRO A 7 2.38 1.44 -10.60
N THR A 8 3.41 0.59 -10.64
CA THR A 8 3.45 -0.57 -11.54
C THR A 8 2.58 -1.71 -11.01
N ARG A 9 2.42 -1.79 -9.70
CA ARG A 9 1.72 -2.86 -8.97
C ARG A 9 0.71 -2.27 -7.97
N PRO A 10 -0.40 -2.96 -7.67
CA PRO A 10 -1.34 -2.53 -6.64
C PRO A 10 -0.63 -2.52 -5.27
N ALA A 11 -1.09 -1.66 -4.36
CA ALA A 11 -0.43 -1.46 -3.07
C ALA A 11 -0.23 -2.77 -2.28
N PRO A 12 0.99 -3.05 -1.76
CA PRO A 12 1.29 -4.29 -1.05
C PRO A 12 0.48 -4.41 0.26
N PRO A 13 0.18 -5.63 0.74
CA PRO A 13 -0.48 -5.83 2.03
C PRO A 13 0.47 -5.44 3.19
N PRO A 14 0.00 -4.76 4.25
CA PRO A 14 0.80 -4.48 5.44
C PRO A 14 0.96 -5.73 6.31
N PRO A 15 1.94 -5.75 7.24
CA PRO A 15 2.12 -6.85 8.19
C PRO A 15 0.91 -6.98 9.13
N THR A 16 0.64 -8.22 9.54
CA THR A 16 -0.52 -8.65 10.36
C THR A 16 -1.88 -8.12 9.85
N SER A 17 -1.97 -7.83 8.56
CA SER A 17 -3.13 -7.19 7.90
C SER A 17 -3.51 -7.85 6.56
N GLY A 18 -3.12 -9.11 6.36
CA GLY A 18 -3.30 -9.88 5.12
C GLY A 18 -4.58 -10.73 5.06
N GLN A 19 -5.32 -10.87 6.17
CA GLN A 19 -6.49 -11.74 6.32
C GLN A 19 -7.74 -11.00 6.84
N ALA A 20 -8.92 -11.54 6.49
CA ALA A 20 -10.25 -11.13 6.94
C ALA A 20 -11.20 -12.34 7.03
N SER A 21 -12.36 -12.18 7.66
CA SER A 21 -13.41 -13.22 7.70
C SER A 21 -14.81 -12.66 7.97
N GLY A 22 -15.83 -13.25 7.35
CA GLY A 22 -17.21 -12.87 7.57
C GLY A 22 -18.22 -13.42 6.55
N ALA A 23 -19.41 -13.78 7.04
CA ALA A 23 -20.51 -14.37 6.28
C ALA A 23 -21.91 -13.98 6.78
N SER A 24 -22.02 -13.30 7.94
CA SER A 24 -23.29 -12.95 8.60
C SER A 24 -23.44 -11.44 8.81
N ARG A 25 -24.69 -11.02 9.05
CA ARG A 25 -25.11 -9.66 9.39
C ARG A 25 -26.25 -9.67 10.44
N PRO A 26 -26.41 -8.59 11.22
CA PRO A 26 -27.49 -8.43 12.19
C PRO A 26 -28.83 -8.12 11.48
N LEU A 27 -29.94 -8.53 12.10
CA LEU A 27 -31.30 -8.39 11.57
C LEU A 27 -32.25 -7.80 12.62
N PRO A 28 -33.27 -7.01 12.22
CA PRO A 28 -34.24 -6.41 13.13
C PRO A 28 -35.11 -7.47 13.82
N PRO A 29 -35.61 -7.19 15.03
CA PRO A 29 -36.47 -8.12 15.78
C PRO A 29 -37.86 -8.25 15.12
N ILE A 30 -38.54 -9.34 15.46
CA ILE A 30 -39.90 -9.66 14.98
C ILE A 30 -40.83 -9.84 16.19
N ALA A 31 -42.02 -9.26 16.09
CA ALA A 31 -43.12 -9.37 17.06
C ALA A 31 -44.47 -9.03 16.40
N GLN A 32 -45.56 -9.62 16.89
CA GLN A 32 -46.93 -9.34 16.42
C GLN A 32 -47.97 -9.35 17.55
N ALA A 33 -48.81 -8.31 17.56
CA ALA A 33 -49.93 -8.11 18.47
C ALA A 33 -51.29 -8.14 17.75
N LEU A 34 -52.32 -8.21 18.58
CA LEU A 34 -53.74 -8.38 18.26
C LEU A 34 -54.58 -7.99 19.49
N LYS A 35 -55.91 -8.10 19.40
CA LYS A 35 -56.86 -7.86 20.51
C LYS A 35 -56.81 -9.00 21.55
N ASP A 36 -55.66 -9.11 22.22
CA ASP A 36 -55.31 -10.15 23.17
C ASP A 36 -55.99 -9.91 24.54
N HIS A 37 -55.81 -8.72 25.12
CA HIS A 37 -56.52 -8.30 26.34
C HIS A 37 -57.96 -7.86 26.02
N LEU A 38 -58.14 -7.26 24.83
CA LEU A 38 -59.44 -6.86 24.29
C LEU A 38 -60.38 -8.04 23.96
N ALA A 39 -59.88 -9.28 23.90
CA ALA A 39 -60.70 -10.45 23.57
C ALA A 39 -61.95 -10.58 24.45
N ALA A 40 -61.85 -10.39 25.76
CA ALA A 40 -62.98 -10.50 26.69
C ALA A 40 -64.04 -9.38 26.54
N TYR A 41 -63.70 -8.28 25.86
CA TYR A 41 -64.60 -7.17 25.51
C TYR A 41 -65.25 -7.44 24.15
N GLU A 42 -64.48 -8.03 23.24
CA GLU A 42 -64.90 -8.28 21.87
C GLU A 42 -65.84 -9.49 21.76
N LEU A 43 -65.54 -10.57 22.50
CA LEU A 43 -66.24 -11.84 22.45
C LEU A 43 -67.65 -11.75 23.04
N SER A 44 -68.66 -11.81 22.18
CA SER A 44 -70.09 -11.86 22.54
C SER A 44 -70.46 -13.11 23.35
N LYS A 45 -69.75 -14.22 23.12
CA LYS A 45 -69.80 -15.52 23.85
C LYS A 45 -68.42 -16.19 23.92
N ALA A 46 -68.21 -17.00 24.95
CA ALA A 46 -67.01 -17.82 25.14
C ALA A 46 -67.29 -19.02 26.06
N SER A 47 -67.31 -20.24 25.49
CA SER A 47 -67.53 -21.49 26.24
C SER A 47 -67.07 -22.77 25.52
N GLU A 48 -66.56 -22.69 24.28
CA GLU A 48 -66.18 -23.84 23.43
C GLU A 48 -65.05 -24.70 24.01
N GLY B 1 -0.71 32.17 10.36
CA GLY B 1 0.56 32.45 9.67
C GLY B 1 0.55 31.91 8.25
N SER B 2 1.72 31.84 7.63
CA SER B 2 1.89 31.31 6.26
C SER B 2 1.67 29.78 6.17
N HIS B 3 1.29 29.28 5.00
CA HIS B 3 1.00 27.87 4.72
C HIS B 3 2.20 26.93 5.01
N MET B 4 1.93 25.65 5.28
CA MET B 4 2.94 24.62 5.56
C MET B 4 2.61 23.27 4.92
N ALA B 5 3.65 22.51 4.57
CA ALA B 5 3.57 21.15 4.05
C ALA B 5 3.12 20.14 5.12
N THR B 6 2.67 18.95 4.68
CA THR B 6 2.10 17.89 5.51
C THR B 6 3.15 16.82 5.77
N LYS B 7 3.16 16.24 6.97
CA LYS B 7 4.08 15.17 7.39
C LYS B 7 3.33 13.86 7.68
N ALA B 8 4.05 12.74 7.57
CA ALA B 8 3.56 11.39 7.86
C ALA B 8 4.56 10.62 8.74
N ARG B 9 4.01 9.80 9.63
CA ARG B 9 4.72 8.85 10.50
C ARG B 9 4.50 7.45 9.95
N VAL B 10 5.57 6.72 9.68
CA VAL B 10 5.49 5.34 9.16
C VAL B 10 5.00 4.36 10.24
N MET B 11 4.12 3.42 9.90
CA MET B 11 3.66 2.35 10.79
C MET B 11 4.45 1.04 10.66
N TYR B 12 5.01 0.79 9.48
CA TYR B 12 5.78 -0.44 9.14
C TYR B 12 6.86 -0.15 8.08
N ASP B 13 7.98 -0.87 8.13
CA ASP B 13 9.06 -0.71 7.14
C ASP B 13 8.63 -1.18 5.73
N PHE B 14 8.92 -0.36 4.72
CA PHE B 14 8.66 -0.62 3.30
C PHE B 14 9.96 -0.56 2.49
N ALA B 15 10.10 -1.43 1.47
CA ALA B 15 11.28 -1.48 0.62
C ALA B 15 10.92 -1.47 -0.89
N ALA B 16 11.39 -0.44 -1.59
CA ALA B 16 11.08 -0.15 -2.98
C ALA B 16 11.54 -1.20 -4.02
N GLU B 17 10.68 -1.41 -5.01
CA GLU B 17 10.92 -2.25 -6.19
C GLU B 17 11.79 -1.56 -7.25
N PRO B 18 12.59 -2.32 -8.00
CA PRO B 18 13.54 -1.79 -8.97
C PRO B 18 12.83 -1.28 -10.23
N GLY B 19 12.98 0.02 -10.51
CA GLY B 19 12.38 0.71 -11.65
C GLY B 19 10.94 1.20 -11.44
N ASN B 20 10.32 0.90 -10.29
CA ASN B 20 8.93 1.29 -9.97
C ASN B 20 8.77 2.73 -9.46
N ASN B 21 9.86 3.47 -9.25
CA ASN B 21 9.90 4.80 -8.61
C ASN B 21 9.16 4.82 -7.25
N GLU B 22 9.46 3.81 -6.42
CA GLU B 22 9.00 3.66 -5.04
C GLU B 22 10.03 4.27 -4.05
N LEU B 23 9.57 4.69 -2.87
CA LEU B 23 10.39 5.30 -1.81
C LEU B 23 10.50 4.34 -0.61
N THR B 24 11.74 3.89 -0.32
CA THR B 24 12.04 3.00 0.80
C THR B 24 12.02 3.78 2.10
N VAL B 25 11.09 3.43 3.00
CA VAL B 25 10.91 4.08 4.30
C VAL B 25 11.04 3.07 5.44
N ASN B 26 11.38 3.56 6.63
CA ASN B 26 11.51 2.72 7.83
C ASN B 26 10.38 3.00 8.82
N GLU B 27 9.99 1.98 9.58
CA GLU B 27 8.98 2.07 10.63
C GLU B 27 9.32 3.17 11.64
N GLY B 28 8.41 4.13 11.84
CA GLY B 28 8.62 5.28 12.70
C GLY B 28 9.43 6.44 12.08
N GLU B 29 9.71 6.41 10.78
CA GLU B 29 10.37 7.51 10.06
C GLU B 29 9.38 8.68 9.81
N ILE B 30 9.93 9.89 9.61
CA ILE B 30 9.18 11.09 9.25
C ILE B 30 9.48 11.52 7.80
N ILE B 31 8.42 11.68 7.01
CA ILE B 31 8.48 12.15 5.62
C ILE B 31 7.39 13.18 5.34
N THR B 32 7.59 14.00 4.32
CA THR B 32 6.65 15.03 3.85
C THR B 32 5.84 14.48 2.67
N ILE B 33 4.63 14.97 2.47
CA ILE B 33 3.75 14.49 1.41
C ILE B 33 3.89 15.36 0.15
N THR B 34 3.92 14.73 -1.02
CA THR B 34 3.95 15.39 -2.35
C THR B 34 2.74 15.03 -3.23
N ASN B 35 2.06 13.90 -2.95
CA ASN B 35 0.81 13.45 -3.60
C ASN B 35 0.08 12.43 -2.70
N PRO B 36 -0.84 12.82 -1.80
CA PRO B 36 -1.51 11.89 -0.85
C PRO B 36 -2.47 10.89 -1.50
N ASP B 37 -2.67 10.99 -2.82
CA ASP B 37 -3.46 10.07 -3.64
C ASP B 37 -2.93 10.14 -5.07
N VAL B 38 -2.74 8.97 -5.68
CA VAL B 38 -2.31 8.77 -7.07
C VAL B 38 -3.04 7.60 -7.77
N GLY B 39 -3.68 6.72 -7.01
CA GLY B 39 -4.38 5.53 -7.48
C GLY B 39 -3.71 4.22 -7.05
N GLY B 40 -4.41 3.10 -7.16
CA GLY B 40 -3.94 1.77 -6.77
C GLY B 40 -3.69 1.58 -5.26
N GLY B 41 -4.02 2.57 -4.42
CA GLY B 41 -3.76 2.59 -2.98
C GLY B 41 -2.45 3.28 -2.58
N TRP B 42 -1.82 4.02 -3.50
CA TRP B 42 -0.51 4.65 -3.31
C TRP B 42 -0.58 6.16 -3.03
N LEU B 43 0.56 6.70 -2.56
CA LEU B 43 0.84 8.11 -2.34
C LEU B 43 2.31 8.41 -2.69
N GLU B 44 2.62 9.68 -2.89
CA GLU B 44 3.97 10.22 -3.12
C GLU B 44 4.40 11.07 -1.92
N GLY B 45 5.67 10.94 -1.54
CA GLY B 45 6.29 11.59 -0.39
C GLY B 45 7.80 11.80 -0.57
N ARG B 46 8.42 12.48 0.40
CA ARG B 46 9.85 12.84 0.42
C ARG B 46 10.44 12.79 1.83
N ASN B 47 11.60 12.16 2.05
CA ASN B 47 12.21 12.03 3.37
C ASN B 47 13.17 13.15 3.72
N ILE B 48 13.75 13.04 4.92
CA ILE B 48 14.78 13.94 5.44
C ILE B 48 15.97 14.11 4.49
N LYS B 49 16.37 13.03 3.82
CA LYS B 49 17.47 12.98 2.87
C LYS B 49 17.08 13.54 1.50
N GLY B 50 15.79 13.65 1.20
CA GLY B 50 15.33 14.30 -0.02
C GLY B 50 15.13 13.36 -1.20
N GLU B 51 14.84 12.09 -0.92
CA GLU B 51 14.46 11.09 -1.92
C GLU B 51 12.94 11.03 -2.03
N ARG B 52 12.43 10.82 -3.24
CA ARG B 52 11.00 10.83 -3.55
C ARG B 52 10.58 9.56 -4.27
N GLY B 53 9.35 9.13 -4.01
CA GLY B 53 8.83 7.86 -4.52
C GLY B 53 7.45 7.51 -4.01
N LEU B 54 6.90 6.45 -4.59
CA LEU B 54 5.63 5.87 -4.18
C LEU B 54 5.73 5.11 -2.86
N VAL B 55 4.70 5.25 -2.04
CA VAL B 55 4.55 4.63 -0.71
C VAL B 55 3.08 4.16 -0.56
N PRO B 56 2.82 2.95 -0.01
CA PRO B 56 1.46 2.48 0.27
C PRO B 56 0.79 3.29 1.37
N THR B 57 -0.47 3.71 1.15
CA THR B 57 -1.25 4.49 2.14
C THR B 57 -1.51 3.75 3.44
N ASP B 58 -1.82 2.46 3.38
CA ASP B 58 -2.06 1.63 4.57
C ASP B 58 -0.81 1.38 5.45
N TYR B 59 0.40 1.79 4.99
CA TYR B 59 1.66 1.63 5.75
C TYR B 59 2.06 2.85 6.58
N VAL B 60 1.44 4.01 6.35
CA VAL B 60 1.82 5.27 6.99
C VAL B 60 0.58 5.98 7.57
N GLU B 61 0.77 6.83 8.59
CA GLU B 61 -0.30 7.66 9.15
C GLU B 61 0.03 9.14 8.93
N ILE B 62 -0.96 9.93 8.55
CA ILE B 62 -0.82 11.37 8.33
C ILE B 62 -0.89 12.12 9.67
N LEU B 63 0.07 13.01 9.90
CA LEU B 63 0.12 13.93 11.03
C LEU B 63 -0.78 15.16 10.73
N PRO B 64 -1.38 15.80 11.74
CA PRO B 64 -2.29 16.93 11.55
C PRO B 64 -1.57 18.17 11.00
N SER B 65 -2.36 19.16 10.60
CA SER B 65 -1.86 20.40 9.97
C SER B 65 -1.29 21.38 10.99
N ASP B 66 -0.10 21.90 10.69
CA ASP B 66 0.60 22.95 11.43
C ASP B 66 0.45 24.35 10.79
N GLY B 67 -0.20 24.45 9.63
CA GLY B 67 -0.52 25.70 8.93
C GLY B 67 -1.98 26.13 9.10
N GLY A 1 8.47 20.82 -14.02
CA GLY A 1 9.03 20.77 -12.67
C GLY A 1 9.04 19.35 -12.15
N THR A 2 7.89 18.87 -11.70
CA THR A 2 7.66 17.48 -11.28
C THR A 2 6.27 17.00 -11.72
N VAL A 3 6.09 15.68 -11.77
CA VAL A 3 4.82 15.00 -12.09
C VAL A 3 4.55 13.90 -11.08
N ASN A 4 3.28 13.56 -10.91
CA ASN A 4 2.87 12.45 -10.05
C ASN A 4 3.36 11.11 -10.54
N PHE A 5 3.44 10.17 -9.61
CA PHE A 5 3.93 8.83 -9.84
C PHE A 5 2.78 7.85 -10.04
N LYS A 6 2.96 6.92 -10.97
CA LYS A 6 1.96 5.94 -11.40
C LYS A 6 2.47 4.53 -11.10
N PRO A 7 1.92 3.86 -10.07
CA PRO A 7 2.39 2.57 -9.56
C PRO A 7 2.39 1.46 -10.62
N THR A 8 3.45 0.65 -10.60
CA THR A 8 3.65 -0.52 -11.50
C THR A 8 2.92 -1.76 -10.97
N ARG A 9 2.48 -1.71 -9.71
CA ARG A 9 1.80 -2.78 -8.99
C ARG A 9 0.72 -2.25 -8.02
N PRO A 10 -0.33 -3.00 -7.70
CA PRO A 10 -1.30 -2.60 -6.68
C PRO A 10 -0.61 -2.52 -5.31
N ALA A 11 -1.09 -1.64 -4.43
CA ALA A 11 -0.49 -1.42 -3.11
C ALA A 11 -0.47 -2.74 -2.28
N PRO A 12 0.71 -3.23 -1.85
CA PRO A 12 0.82 -4.52 -1.16
C PRO A 12 0.14 -4.52 0.22
N PRO A 13 -0.24 -5.68 0.77
CA PRO A 13 -0.79 -5.78 2.12
C PRO A 13 0.28 -5.46 3.18
N PRO A 14 -0.08 -4.76 4.27
CA PRO A 14 0.84 -4.45 5.38
C PRO A 14 1.19 -5.69 6.23
N PRO A 15 2.33 -5.67 6.94
CA PRO A 15 2.79 -6.77 7.78
C PRO A 15 1.86 -7.05 8.96
N THR A 16 1.87 -8.28 9.46
CA THR A 16 1.04 -8.76 10.57
C THR A 16 -0.48 -8.49 10.41
N SER A 17 -0.97 -8.47 9.17
CA SER A 17 -2.40 -8.30 8.83
C SER A 17 -3.04 -9.60 8.34
N GLY A 18 -4.37 -9.67 8.32
CA GLY A 18 -5.14 -10.82 7.86
C GLY A 18 -5.15 -11.06 6.35
N GLN A 19 -4.70 -10.07 5.58
CA GLN A 19 -4.63 -10.11 4.12
C GLN A 19 -3.58 -11.11 3.62
N ALA A 20 -3.80 -11.65 2.41
CA ALA A 20 -2.93 -12.62 1.74
C ALA A 20 -3.00 -12.46 0.21
N SER A 21 -2.07 -13.06 -0.54
CA SER A 21 -2.13 -13.04 -2.01
C SER A 21 -3.28 -13.90 -2.56
N GLY A 22 -3.99 -13.37 -3.56
CA GLY A 22 -5.09 -14.03 -4.27
C GLY A 22 -4.58 -15.17 -5.14
N ALA A 23 -5.06 -16.40 -4.91
CA ALA A 23 -4.60 -17.61 -5.58
C ALA A 23 -4.87 -17.56 -7.09
N SER A 24 -3.81 -17.39 -7.90
CA SER A 24 -3.78 -17.42 -9.37
C SER A 24 -5.04 -16.84 -10.03
N ARG A 25 -5.22 -15.51 -9.94
CA ARG A 25 -6.41 -14.79 -10.45
C ARG A 25 -6.55 -14.92 -11.98
N PRO A 26 -7.77 -15.03 -12.53
CA PRO A 26 -7.99 -15.24 -13.96
C PRO A 26 -7.56 -14.02 -14.79
N LEU A 27 -6.97 -14.26 -15.95
CA LEU A 27 -6.42 -13.21 -16.80
C LEU A 27 -7.49 -12.22 -17.32
N PRO A 28 -7.13 -10.95 -17.57
CA PRO A 28 -8.05 -9.97 -18.18
C PRO A 28 -8.34 -10.36 -19.64
N PRO A 29 -9.55 -10.10 -20.17
CA PRO A 29 -9.90 -10.49 -21.53
C PRO A 29 -9.20 -9.63 -22.58
N ILE A 30 -9.04 -10.18 -23.77
CA ILE A 30 -8.45 -9.54 -24.96
C ILE A 30 -9.40 -8.46 -25.51
N ALA A 31 -8.84 -7.35 -25.99
CA ALA A 31 -9.58 -6.24 -26.58
C ALA A 31 -10.09 -6.57 -28.00
N GLN A 32 -11.26 -6.02 -28.38
CA GLN A 32 -11.90 -6.28 -29.67
C GLN A 32 -11.11 -5.66 -30.86
N ALA A 33 -10.61 -4.44 -30.68
CA ALA A 33 -9.75 -3.73 -31.63
C ALA A 33 -8.37 -4.37 -31.81
N LEU A 34 -7.79 -4.19 -33.00
CA LEU A 34 -6.55 -4.80 -33.49
C LEU A 34 -5.83 -3.85 -34.47
N LYS A 35 -4.77 -4.31 -35.16
CA LYS A 35 -4.04 -3.58 -36.23
C LYS A 35 -4.93 -3.41 -37.48
N ASP A 36 -5.97 -2.58 -37.37
CA ASP A 36 -7.02 -2.33 -38.37
C ASP A 36 -6.65 -1.26 -39.43
N HIS A 37 -5.42 -0.71 -39.42
CA HIS A 37 -5.02 0.36 -40.34
C HIS A 37 -5.15 -0.08 -41.81
N LEU A 38 -5.70 0.81 -42.64
CA LEU A 38 -6.07 0.63 -44.06
C LEU A 38 -7.12 -0.47 -44.34
N ALA A 39 -7.34 -1.41 -43.42
CA ALA A 39 -8.24 -2.55 -43.62
C ALA A 39 -9.69 -2.14 -43.91
N ALA A 40 -10.27 -1.23 -43.10
CA ALA A 40 -11.63 -0.74 -43.26
C ALA A 40 -11.82 0.15 -44.51
N TYR A 41 -10.73 0.75 -44.99
CA TYR A 41 -10.67 1.57 -46.20
C TYR A 41 -10.56 0.72 -47.48
N GLU A 42 -9.78 -0.36 -47.45
CA GLU A 42 -9.60 -1.22 -48.61
C GLU A 42 -10.78 -2.21 -48.80
N LEU A 43 -11.43 -2.62 -47.70
CA LEU A 43 -12.58 -3.53 -47.67
C LEU A 43 -13.81 -2.95 -48.41
N SER A 44 -14.46 -3.79 -49.21
CA SER A 44 -15.61 -3.44 -50.05
C SER A 44 -16.87 -3.05 -49.25
N LYS A 45 -17.76 -2.27 -49.88
CA LYS A 45 -19.00 -1.72 -49.30
C LYS A 45 -20.25 -2.43 -49.81
N ALA A 46 -21.37 -2.29 -49.10
CA ALA A 46 -22.69 -2.83 -49.45
C ALA A 46 -23.60 -1.79 -50.18
N SER A 47 -23.03 -1.06 -51.14
CA SER A 47 -23.67 0.05 -51.89
C SER A 47 -24.91 -0.36 -52.69
N GLU A 48 -25.87 0.56 -52.85
CA GLU A 48 -27.20 0.38 -53.49
C GLU A 48 -27.74 1.60 -54.24
N GLY B 1 -4.59 30.90 0.31
CA GLY B 1 -3.76 29.72 0.61
C GLY B 1 -2.56 30.08 1.46
N SER B 2 -2.46 29.49 2.66
CA SER B 2 -1.31 29.64 3.57
C SER B 2 -0.08 28.78 3.19
N HIS B 3 -0.17 27.96 2.13
CA HIS B 3 0.90 27.13 1.57
C HIS B 3 1.49 26.09 2.56
N MET B 4 0.79 25.76 3.64
CA MET B 4 1.27 24.86 4.69
C MET B 4 1.33 23.40 4.23
N ALA B 5 2.33 22.66 4.73
CA ALA B 5 2.54 21.25 4.40
C ALA B 5 1.70 20.27 5.25
N THR B 6 1.71 18.98 4.86
CA THR B 6 1.11 17.85 5.60
C THR B 6 2.20 16.84 5.93
N LYS B 7 2.11 16.16 7.09
CA LYS B 7 3.07 15.16 7.57
C LYS B 7 2.46 13.77 7.71
N ALA B 8 3.30 12.73 7.61
CA ALA B 8 2.92 11.34 7.84
C ALA B 8 3.92 10.63 8.74
N ARG B 9 3.38 9.71 9.55
CA ARG B 9 4.12 8.79 10.41
C ARG B 9 4.10 7.40 9.78
N VAL B 10 5.27 6.78 9.61
CA VAL B 10 5.36 5.40 9.11
C VAL B 10 4.92 4.42 10.19
N MET B 11 4.14 3.41 9.84
CA MET B 11 3.72 2.33 10.75
C MET B 11 4.60 1.08 10.66
N TYR B 12 5.24 0.86 9.51
CA TYR B 12 6.08 -0.31 9.21
C TYR B 12 7.19 0.01 8.20
N ASP B 13 8.35 -0.60 8.35
CA ASP B 13 9.46 -0.50 7.39
C ASP B 13 9.03 -0.95 5.98
N PHE B 14 9.30 -0.11 4.97
CA PHE B 14 8.99 -0.38 3.55
C PHE B 14 10.27 -0.45 2.70
N ALA B 15 10.32 -1.39 1.75
CA ALA B 15 11.45 -1.58 0.84
C ALA B 15 11.01 -1.48 -0.63
N ALA B 16 11.47 -0.43 -1.30
CA ALA B 16 11.11 -0.06 -2.66
C ALA B 16 11.58 -1.06 -3.74
N GLU B 17 10.68 -1.40 -4.67
CA GLU B 17 10.95 -2.25 -5.83
C GLU B 17 11.93 -1.62 -6.83
N PRO B 18 12.62 -2.45 -7.62
CA PRO B 18 13.56 -1.99 -8.64
C PRO B 18 12.78 -1.40 -9.84
N GLY B 19 13.01 -0.12 -10.12
CA GLY B 19 12.46 0.63 -11.25
C GLY B 19 11.05 1.20 -11.08
N ASN B 20 10.38 0.93 -9.96
CA ASN B 20 9.00 1.37 -9.69
C ASN B 20 8.88 2.80 -9.16
N ASN B 21 9.99 3.52 -8.99
CA ASN B 21 10.08 4.85 -8.36
C ASN B 21 9.31 4.90 -7.01
N GLU B 22 9.56 3.88 -6.19
CA GLU B 22 9.06 3.72 -4.81
C GLU B 22 10.05 4.34 -3.79
N LEU B 23 9.53 4.79 -2.64
CA LEU B 23 10.28 5.50 -1.59
C LEU B 23 10.53 4.57 -0.39
N THR B 24 11.77 4.12 -0.19
CA THR B 24 12.13 3.31 0.98
C THR B 24 12.11 4.19 2.23
N VAL B 25 11.35 3.76 3.23
CA VAL B 25 11.16 4.46 4.53
C VAL B 25 11.30 3.50 5.72
N ASN B 26 11.51 4.07 6.90
CA ASN B 26 11.64 3.31 8.15
C ASN B 26 10.43 3.48 9.07
N GLU B 27 10.09 2.45 9.82
CA GLU B 27 9.02 2.47 10.83
C GLU B 27 9.20 3.67 11.79
N GLY B 28 8.14 4.46 11.98
CA GLY B 28 8.16 5.62 12.84
C GLY B 28 8.87 6.85 12.27
N GLU B 29 9.26 6.83 11.00
CA GLU B 29 9.86 7.99 10.33
C GLU B 29 8.80 9.06 10.05
N ILE B 30 9.21 10.33 10.07
CA ILE B 30 8.39 11.49 9.70
C ILE B 30 8.80 11.98 8.31
N ILE B 31 7.81 12.08 7.42
CA ILE B 31 7.97 12.58 6.03
C ILE B 31 6.83 13.53 5.65
N THR B 32 7.06 14.35 4.63
CA THR B 32 6.09 15.32 4.10
C THR B 32 5.35 14.69 2.95
N ILE B 33 4.09 15.04 2.77
CA ILE B 33 3.26 14.55 1.66
C ILE B 33 3.37 15.48 0.46
N THR B 34 3.47 14.90 -0.75
CA THR B 34 3.45 15.64 -2.01
C THR B 34 2.28 15.21 -2.91
N ASN B 35 1.75 13.99 -2.74
CA ASN B 35 0.57 13.46 -3.43
C ASN B 35 -0.13 12.41 -2.54
N PRO B 36 -1.13 12.77 -1.71
CA PRO B 36 -1.83 11.82 -0.81
C PRO B 36 -2.68 10.76 -1.53
N ASP B 37 -2.86 10.89 -2.85
CA ASP B 37 -3.50 9.92 -3.71
C ASP B 37 -2.97 10.10 -5.14
N VAL B 38 -2.76 8.95 -5.77
CA VAL B 38 -2.24 8.78 -7.13
C VAL B 38 -2.95 7.65 -7.90
N GLY B 39 -3.60 6.72 -7.19
CA GLY B 39 -4.22 5.52 -7.76
C GLY B 39 -3.66 4.23 -7.15
N GLY B 40 -4.41 3.13 -7.26
CA GLY B 40 -3.98 1.79 -6.83
C GLY B 40 -3.73 1.61 -5.32
N GLY B 41 -4.08 2.59 -4.49
CA GLY B 41 -3.83 2.63 -3.05
C GLY B 41 -2.53 3.34 -2.62
N TRP B 42 -1.85 4.00 -3.55
CA TRP B 42 -0.56 4.63 -3.33
C TRP B 42 -0.66 6.13 -3.01
N LEU B 43 0.45 6.69 -2.51
CA LEU B 43 0.71 8.11 -2.25
C LEU B 43 2.18 8.43 -2.54
N GLU B 44 2.53 9.71 -2.56
CA GLU B 44 3.87 10.24 -2.79
C GLU B 44 4.29 11.21 -1.66
N GLY B 45 5.56 11.13 -1.25
CA GLY B 45 6.12 11.89 -0.12
C GLY B 45 7.60 12.26 -0.31
N ARG B 46 8.17 12.95 0.70
CA ARG B 46 9.56 13.43 0.76
C ARG B 46 10.14 13.31 2.17
N ASN B 47 11.34 12.73 2.28
CA ASN B 47 12.03 12.52 3.56
C ASN B 47 13.01 13.66 3.87
N ILE B 48 13.65 13.59 5.04
CA ILE B 48 14.70 14.50 5.53
C ILE B 48 15.89 14.60 4.57
N LYS B 49 16.20 13.49 3.90
CA LYS B 49 17.23 13.41 2.86
C LYS B 49 16.79 14.11 1.56
N GLY B 50 15.48 14.30 1.38
CA GLY B 50 14.88 14.95 0.22
C GLY B 50 14.56 14.01 -0.94
N GLU B 51 14.57 12.70 -0.69
CA GLU B 51 14.21 11.66 -1.65
C GLU B 51 12.70 11.53 -1.76
N ARG B 52 12.21 11.22 -2.96
CA ARG B 52 10.79 11.05 -3.26
C ARG B 52 10.51 9.74 -4.02
N GLY B 53 9.27 9.26 -3.90
CA GLY B 53 8.83 7.99 -4.47
C GLY B 53 7.42 7.62 -4.00
N LEU B 54 6.90 6.53 -4.54
CA LEU B 54 5.62 5.93 -4.15
C LEU B 54 5.70 5.18 -2.82
N VAL B 55 4.62 5.28 -2.04
CA VAL B 55 4.42 4.65 -0.74
C VAL B 55 2.97 4.13 -0.63
N PRO B 56 2.73 2.90 -0.14
CA PRO B 56 1.37 2.38 0.09
C PRO B 56 0.69 3.11 1.26
N THR B 57 -0.56 3.57 1.06
CA THR B 57 -1.30 4.33 2.10
C THR B 57 -1.56 3.56 3.38
N ASP B 58 -1.71 2.24 3.31
CA ASP B 58 -1.89 1.39 4.50
C ASP B 58 -0.60 1.12 5.28
N TYR B 59 0.58 1.56 4.79
CA TYR B 59 1.85 1.43 5.53
C TYR B 59 2.21 2.67 6.37
N VAL B 60 1.54 3.79 6.13
CA VAL B 60 1.76 5.05 6.86
C VAL B 60 0.43 5.62 7.39
N GLU B 61 0.49 6.68 8.20
CA GLU B 61 -0.71 7.40 8.65
C GLU B 61 -0.51 8.92 8.67
N ILE B 62 -1.54 9.64 8.20
CA ILE B 62 -1.51 11.10 8.02
C ILE B 62 -1.82 11.84 9.32
N LEU B 63 -0.90 12.69 9.76
CA LEU B 63 -1.04 13.56 10.93
C LEU B 63 -2.00 14.75 10.64
N PRO B 64 -2.79 15.20 11.64
CA PRO B 64 -3.77 16.27 11.50
C PRO B 64 -3.13 17.67 11.39
N SER B 65 -3.97 18.69 11.17
CA SER B 65 -3.57 20.10 11.04
C SER B 65 -3.21 20.76 12.37
N ASP B 66 -2.13 20.30 13.01
CA ASP B 66 -1.61 20.80 14.30
C ASP B 66 -2.58 20.61 15.50
N GLY B 67 -3.47 19.60 15.41
CA GLY B 67 -4.43 19.20 16.46
C GLY B 67 -3.78 18.62 17.73
N GLY A 1 9.42 21.10 -14.19
CA GLY A 1 9.17 20.92 -12.75
C GLY A 1 8.76 19.50 -12.40
N THR A 2 8.13 19.34 -11.23
CA THR A 2 7.69 18.04 -10.68
C THR A 2 6.48 17.45 -11.40
N VAL A 3 6.28 16.14 -11.24
CA VAL A 3 5.11 15.40 -11.73
C VAL A 3 4.73 14.30 -10.73
N ASN A 4 3.48 13.85 -10.79
CA ASN A 4 3.02 12.74 -9.98
C ASN A 4 3.51 11.39 -10.48
N PHE A 5 3.55 10.44 -9.56
CA PHE A 5 3.98 9.08 -9.85
C PHE A 5 2.80 8.15 -10.14
N LYS A 6 3.00 7.17 -11.01
CA LYS A 6 1.99 6.21 -11.46
C LYS A 6 2.50 4.77 -11.22
N PRO A 7 1.84 4.01 -10.34
CA PRO A 7 2.29 2.68 -9.89
C PRO A 7 2.29 1.60 -10.98
N THR A 8 3.32 0.73 -10.91
CA THR A 8 3.54 -0.48 -11.72
C THR A 8 2.79 -1.70 -11.14
N ARG A 9 2.47 -1.66 -9.85
CA ARG A 9 1.80 -2.75 -9.11
C ARG A 9 0.74 -2.21 -8.13
N PRO A 10 -0.34 -2.96 -7.85
CA PRO A 10 -1.32 -2.60 -6.83
C PRO A 10 -0.66 -2.67 -5.44
N ALA A 11 -1.08 -1.81 -4.52
CA ALA A 11 -0.46 -1.67 -3.20
C ALA A 11 -0.41 -3.00 -2.40
N PRO A 12 0.73 -3.34 -1.76
CA PRO A 12 0.91 -4.56 -0.99
C PRO A 12 0.17 -4.53 0.37
N PRO A 13 -0.05 -5.70 1.00
CA PRO A 13 -0.64 -5.80 2.35
C PRO A 13 0.37 -5.42 3.45
N PRO A 14 -0.02 -4.67 4.49
CA PRO A 14 0.85 -4.38 5.64
C PRO A 14 1.15 -5.66 6.47
N PRO A 15 2.28 -5.70 7.20
CA PRO A 15 2.74 -6.90 7.92
C PRO A 15 1.81 -7.29 9.07
N THR A 16 1.74 -8.60 9.30
CA THR A 16 0.88 -9.31 10.29
C THR A 16 -0.61 -8.97 10.21
N SER A 17 -1.06 -8.24 9.18
CA SER A 17 -2.43 -7.74 9.04
C SER A 17 -3.52 -8.82 9.00
N GLY A 18 -4.72 -8.43 9.44
CA GLY A 18 -5.87 -9.30 9.60
C GLY A 18 -6.57 -9.72 8.32
N GLN A 19 -7.54 -10.62 8.50
CA GLN A 19 -8.47 -11.10 7.48
C GLN A 19 -9.33 -9.96 6.89
N ALA A 20 -9.82 -10.13 5.67
CA ALA A 20 -10.62 -9.12 4.96
C ALA A 20 -11.98 -8.87 5.63
N SER A 21 -12.55 -7.67 5.42
CA SER A 21 -13.88 -7.28 5.93
C SER A 21 -14.98 -8.27 5.52
N GLY A 22 -14.96 -8.74 4.26
CA GLY A 22 -15.84 -9.80 3.76
C GLY A 22 -17.34 -9.50 3.81
N ALA A 23 -18.15 -10.55 3.91
CA ALA A 23 -19.61 -10.49 4.03
C ALA A 23 -20.03 -9.68 5.26
N SER A 24 -20.95 -8.74 5.07
CA SER A 24 -21.41 -7.76 6.07
C SER A 24 -22.09 -8.38 7.30
N ARG A 25 -21.63 -8.01 8.51
CA ARG A 25 -22.24 -8.41 9.79
C ARG A 25 -23.75 -8.07 9.87
N PRO A 26 -24.56 -8.84 10.62
CA PRO A 26 -26.01 -8.67 10.68
C PRO A 26 -26.45 -7.52 11.62
N LEU A 27 -27.62 -6.95 11.34
CA LEU A 27 -28.31 -5.92 12.13
C LEU A 27 -29.82 -6.21 12.19
N PRO A 28 -30.55 -5.73 13.23
CA PRO A 28 -31.97 -6.01 13.42
C PRO A 28 -32.89 -5.14 12.55
N PRO A 29 -34.12 -5.59 12.25
CA PRO A 29 -35.14 -4.82 11.55
C PRO A 29 -35.75 -3.73 12.45
N ILE A 30 -36.40 -2.74 11.83
CA ILE A 30 -37.15 -1.66 12.48
C ILE A 30 -38.43 -2.22 13.14
N ALA A 31 -38.80 -1.64 14.30
CA ALA A 31 -40.00 -1.98 15.06
C ALA A 31 -40.55 -0.75 15.82
N GLN A 32 -41.88 -0.60 15.86
CA GLN A 32 -42.55 0.49 16.60
C GLN A 32 -42.19 0.51 18.10
N ALA A 33 -42.06 -0.68 18.70
CA ALA A 33 -41.66 -0.85 20.09
C ALA A 33 -40.86 -2.14 20.27
N LEU A 34 -39.93 -2.14 21.21
CA LEU A 34 -38.96 -3.21 21.47
C LEU A 34 -38.30 -3.02 22.84
N LYS A 35 -37.28 -3.83 23.17
CA LYS A 35 -36.45 -3.63 24.36
C LYS A 35 -35.52 -2.45 24.12
N ASP A 36 -36.06 -1.24 24.28
CA ASP A 36 -35.43 0.06 24.01
C ASP A 36 -34.52 0.50 25.20
N HIS A 37 -34.42 1.80 25.50
CA HIS A 37 -33.51 2.33 26.54
C HIS A 37 -33.79 1.76 27.95
N LEU A 38 -32.72 1.48 28.69
CA LEU A 38 -32.66 0.88 30.03
C LEU A 38 -33.30 -0.53 30.17
N ALA A 39 -33.70 -1.19 29.07
CA ALA A 39 -34.42 -2.47 29.11
C ALA A 39 -33.68 -3.62 29.83
N ALA A 40 -32.38 -3.82 29.54
CA ALA A 40 -31.54 -4.84 30.20
C ALA A 40 -30.91 -4.35 31.52
N TYR A 41 -30.95 -3.04 31.78
CA TYR A 41 -30.49 -2.45 33.04
C TYR A 41 -31.53 -2.62 34.14
N GLU A 42 -32.79 -2.27 33.84
CA GLU A 42 -33.90 -2.26 34.80
C GLU A 42 -34.26 -3.65 35.36
N LEU A 43 -33.94 -4.71 34.59
CA LEU A 43 -34.29 -6.12 34.84
C LEU A 43 -34.11 -6.52 36.31
N SER A 44 -35.25 -6.73 36.99
CA SER A 44 -35.39 -7.19 38.39
C SER A 44 -34.65 -6.37 39.47
N LYS A 45 -34.13 -5.18 39.14
CA LYS A 45 -33.27 -4.33 39.99
C LYS A 45 -34.02 -3.58 41.12
N ALA A 46 -34.48 -4.35 42.11
CA ALA A 46 -35.16 -3.88 43.31
C ALA A 46 -34.21 -3.68 44.52
N SER A 47 -34.50 -2.71 45.39
CA SER A 47 -33.70 -2.39 46.59
C SER A 47 -34.57 -2.07 47.81
N GLU A 48 -34.13 -2.47 49.01
CA GLU A 48 -34.84 -2.38 50.31
C GLU A 48 -35.49 -1.03 50.61
N GLY B 1 2.65 30.98 4.33
CA GLY B 1 1.46 31.85 4.45
C GLY B 1 0.29 31.07 5.02
N SER B 2 -0.84 31.06 4.32
CA SER B 2 -2.11 30.45 4.75
C SER B 2 -2.13 28.91 4.74
N HIS B 3 -1.29 28.30 3.91
CA HIS B 3 -1.21 26.86 3.65
C HIS B 3 0.15 26.30 4.08
N MET B 4 0.17 25.15 4.75
CA MET B 4 1.38 24.49 5.25
C MET B 4 1.56 23.12 4.59
N ALA B 5 2.73 22.52 4.79
CA ALA B 5 2.98 21.14 4.37
C ALA B 5 2.36 20.14 5.35
N THR B 6 2.26 18.88 4.94
CA THR B 6 1.68 17.77 5.70
C THR B 6 2.77 16.72 5.95
N LYS B 7 2.71 16.06 7.12
CA LYS B 7 3.66 15.00 7.51
C LYS B 7 2.97 13.66 7.71
N ALA B 8 3.72 12.58 7.52
CA ALA B 8 3.28 11.22 7.78
C ALA B 8 4.26 10.48 8.69
N ARG B 9 3.70 9.64 9.58
CA ARG B 9 4.41 8.71 10.46
C ARG B 9 4.30 7.32 9.86
N VAL B 10 5.43 6.66 9.63
CA VAL B 10 5.43 5.27 9.12
C VAL B 10 4.96 4.30 10.20
N MET B 11 4.07 3.36 9.84
CA MET B 11 3.62 2.30 10.76
C MET B 11 4.47 1.02 10.70
N TYR B 12 5.11 0.76 9.56
CA TYR B 12 5.95 -0.41 9.28
C TYR B 12 6.99 -0.07 8.21
N ASP B 13 8.19 -0.64 8.32
CA ASP B 13 9.21 -0.41 7.30
C ASP B 13 8.76 -0.91 5.92
N PHE B 14 9.07 -0.12 4.90
CA PHE B 14 8.78 -0.41 3.50
C PHE B 14 10.07 -0.40 2.67
N ALA B 15 10.17 -1.31 1.68
CA ALA B 15 11.30 -1.39 0.77
C ALA B 15 10.87 -1.33 -0.70
N ALA B 16 11.46 -0.39 -1.43
CA ALA B 16 11.15 -0.06 -2.82
C ALA B 16 11.51 -1.15 -3.85
N GLU B 17 10.59 -1.42 -4.78
CA GLU B 17 10.77 -2.29 -5.95
C GLU B 17 11.65 -1.64 -7.03
N PRO B 18 12.35 -2.44 -7.85
CA PRO B 18 13.12 -1.92 -8.98
C PRO B 18 12.19 -1.27 -10.01
N GLY B 19 12.61 -0.14 -10.58
CA GLY B 19 11.94 0.57 -11.67
C GLY B 19 10.58 1.23 -11.36
N ASN B 20 9.90 0.89 -10.26
CA ASN B 20 8.57 1.41 -9.91
C ASN B 20 8.61 2.81 -9.25
N ASN B 21 9.78 3.46 -9.17
CA ASN B 21 10.01 4.72 -8.48
C ASN B 21 9.35 4.76 -7.08
N GLU B 22 9.51 3.68 -6.30
CA GLU B 22 9.07 3.59 -4.91
C GLU B 22 10.05 4.30 -3.96
N LEU B 23 9.64 4.60 -2.73
CA LEU B 23 10.46 5.25 -1.69
C LEU B 23 10.55 4.36 -0.45
N THR B 24 11.74 3.81 -0.20
CA THR B 24 12.07 3.03 0.98
C THR B 24 12.02 3.92 2.22
N VAL B 25 11.24 3.49 3.20
CA VAL B 25 11.05 4.19 4.49
C VAL B 25 11.14 3.25 5.69
N ASN B 26 11.51 3.78 6.86
CA ASN B 26 11.62 2.99 8.08
C ASN B 26 10.41 3.18 9.00
N GLU B 27 10.08 2.14 9.76
CA GLU B 27 9.01 2.23 10.78
C GLU B 27 9.25 3.41 11.73
N GLY B 28 8.24 4.25 11.94
CA GLY B 28 8.32 5.43 12.78
C GLY B 28 9.05 6.63 12.18
N GLU B 29 9.46 6.56 10.91
CA GLU B 29 10.10 7.66 10.19
C GLU B 29 9.10 8.79 9.91
N ILE B 30 9.58 10.04 9.86
CA ILE B 30 8.77 11.22 9.50
C ILE B 30 9.17 11.73 8.12
N ILE B 31 8.18 11.83 7.23
CA ILE B 31 8.34 12.32 5.84
C ILE B 31 7.25 13.33 5.48
N THR B 32 7.52 14.18 4.48
CA THR B 32 6.54 15.15 3.95
C THR B 32 5.75 14.51 2.82
N ILE B 33 4.48 14.88 2.69
CA ILE B 33 3.62 14.42 1.61
C ILE B 33 3.78 15.34 0.39
N THR B 34 3.85 14.75 -0.79
CA THR B 34 3.87 15.46 -2.07
C THR B 34 2.68 15.10 -2.97
N ASN B 35 2.06 13.93 -2.75
CA ASN B 35 0.83 13.48 -3.43
C ASN B 35 0.11 12.45 -2.53
N PRO B 36 -0.83 12.82 -1.64
CA PRO B 36 -1.52 11.88 -0.74
C PRO B 36 -2.43 10.87 -1.47
N ASP B 37 -2.59 11.03 -2.79
CA ASP B 37 -3.33 10.12 -3.63
C ASP B 37 -2.78 10.15 -5.04
N VAL B 38 -2.64 8.96 -5.62
CA VAL B 38 -2.20 8.74 -7.01
C VAL B 38 -2.91 7.57 -7.71
N GLY B 39 -3.59 6.71 -6.95
CA GLY B 39 -4.30 5.51 -7.42
C GLY B 39 -3.58 4.21 -7.03
N GLY B 40 -4.25 3.07 -7.22
CA GLY B 40 -3.74 1.73 -6.86
C GLY B 40 -3.53 1.49 -5.35
N GLY B 41 -3.90 2.45 -4.49
CA GLY B 41 -3.66 2.47 -3.05
C GLY B 41 -2.39 3.20 -2.62
N TRP B 42 -1.75 3.94 -3.53
CA TRP B 42 -0.46 4.60 -3.31
C TRP B 42 -0.57 6.11 -3.01
N LEU B 43 0.53 6.67 -2.50
CA LEU B 43 0.80 8.08 -2.24
C LEU B 43 2.28 8.38 -2.56
N GLU B 44 2.63 9.67 -2.60
CA GLU B 44 3.97 10.20 -2.83
C GLU B 44 4.46 11.05 -1.64
N GLY B 45 5.75 10.96 -1.34
CA GLY B 45 6.40 11.68 -0.24
C GLY B 45 7.88 11.96 -0.48
N ARG B 46 8.53 12.61 0.49
CA ARG B 46 9.96 12.99 0.49
C ARG B 46 10.53 12.99 1.91
N ASN B 47 11.74 12.45 2.13
CA ASN B 47 12.31 12.28 3.48
C ASN B 47 13.36 13.32 3.88
N ILE B 48 14.01 13.08 5.02
CA ILE B 48 15.08 13.88 5.57
C ILE B 48 16.19 14.19 4.56
N LYS B 49 16.60 13.16 3.83
CA LYS B 49 17.63 13.21 2.78
C LYS B 49 17.10 13.81 1.48
N GLY B 50 15.78 13.83 1.30
CA GLY B 50 15.13 14.47 0.14
C GLY B 50 14.85 13.51 -1.02
N GLU B 51 14.93 12.21 -0.82
CA GLU B 51 14.58 11.17 -1.80
C GLU B 51 13.08 11.04 -1.94
N ARG B 52 12.61 10.77 -3.16
CA ARG B 52 11.20 10.70 -3.52
C ARG B 52 10.79 9.37 -4.13
N GLY B 53 9.53 9.00 -3.94
CA GLY B 53 8.95 7.81 -4.53
C GLY B 53 7.54 7.50 -4.02
N LEU B 54 6.96 6.44 -4.58
CA LEU B 54 5.67 5.88 -4.18
C LEU B 54 5.78 5.10 -2.87
N VAL B 55 4.74 5.24 -2.03
CA VAL B 55 4.59 4.59 -0.72
C VAL B 55 3.12 4.14 -0.57
N PRO B 56 2.83 2.93 -0.06
CA PRO B 56 1.45 2.49 0.19
C PRO B 56 0.78 3.25 1.35
N THR B 57 -0.45 3.73 1.13
CA THR B 57 -1.29 4.37 2.17
C THR B 57 -1.61 3.48 3.36
N ASP B 58 -1.66 2.16 3.16
CA ASP B 58 -1.88 1.20 4.24
C ASP B 58 -0.65 1.01 5.16
N TYR B 59 0.53 1.56 4.80
CA TYR B 59 1.78 1.41 5.57
C TYR B 59 2.16 2.64 6.41
N VAL B 60 1.52 3.78 6.18
CA VAL B 60 1.83 5.05 6.86
C VAL B 60 0.54 5.73 7.33
N GLU B 61 0.63 6.64 8.30
CA GLU B 61 -0.50 7.46 8.73
C GLU B 61 -0.19 8.95 8.57
N ILE B 62 -1.17 9.72 8.10
CA ILE B 62 -1.10 11.17 7.99
C ILE B 62 -1.27 11.78 9.38
N LEU B 63 -0.36 12.67 9.78
CA LEU B 63 -0.43 13.39 11.05
C LEU B 63 -1.50 14.51 11.00
N PRO B 64 -2.22 14.73 12.11
CA PRO B 64 -3.36 15.65 12.21
C PRO B 64 -2.98 17.14 12.19
N SER B 65 -4.01 17.97 12.07
CA SER B 65 -3.94 19.44 12.00
C SER B 65 -3.45 20.05 13.30
N ASP B 66 -2.41 20.88 13.22
CA ASP B 66 -1.73 21.49 14.38
C ASP B 66 -2.28 22.86 14.80
N GLY B 67 -3.41 23.30 14.21
CA GLY B 67 -4.11 24.55 14.58
C GLY B 67 -4.80 24.49 15.94
N GLY A 1 5.98 21.19 -12.73
CA GLY A 1 6.99 20.80 -13.72
C GLY A 1 6.98 19.30 -13.99
N THR A 2 7.74 18.53 -13.22
CA THR A 2 7.93 17.07 -13.41
C THR A 2 6.67 16.26 -13.11
N VAL A 3 6.46 15.18 -13.89
CA VAL A 3 5.25 14.34 -13.84
C VAL A 3 4.99 13.69 -12.49
N ASN A 4 3.73 13.30 -12.29
CA ASN A 4 3.28 12.54 -11.13
C ASN A 4 3.56 11.04 -11.28
N PHE A 5 3.55 10.34 -10.15
CA PHE A 5 3.89 8.93 -10.12
C PHE A 5 2.64 8.06 -10.26
N LYS A 6 2.63 7.21 -11.29
CA LYS A 6 1.57 6.22 -11.52
C LYS A 6 2.17 4.83 -11.26
N PRO A 7 1.65 4.06 -10.30
CA PRO A 7 2.22 2.78 -9.88
C PRO A 7 2.22 1.69 -10.96
N THR A 8 3.23 0.82 -10.88
CA THR A 8 3.42 -0.40 -11.71
C THR A 8 2.72 -1.61 -11.09
N ARG A 9 2.59 -1.65 -9.76
CA ARG A 9 1.94 -2.73 -9.00
C ARG A 9 0.92 -2.17 -8.00
N PRO A 10 -0.15 -2.91 -7.65
CA PRO A 10 -1.09 -2.50 -6.62
C PRO A 10 -0.44 -2.53 -5.25
N ALA A 11 -0.98 -1.76 -4.31
CA ALA A 11 -0.43 -1.61 -2.96
C ALA A 11 -0.32 -2.97 -2.22
N PRO A 12 0.84 -3.31 -1.62
CA PRO A 12 1.03 -4.57 -0.90
C PRO A 12 0.26 -4.66 0.43
N PRO A 13 0.05 -5.87 0.97
CA PRO A 13 -0.59 -6.09 2.28
C PRO A 13 0.38 -5.77 3.45
N PRO A 14 0.00 -4.92 4.42
CA PRO A 14 0.81 -4.65 5.61
C PRO A 14 0.97 -5.88 6.53
N PRO A 15 1.97 -5.89 7.44
CA PRO A 15 2.30 -7.04 8.28
C PRO A 15 1.17 -7.40 9.27
N THR A 16 1.06 -8.70 9.58
CA THR A 16 -0.01 -9.30 10.41
C THR A 16 -1.45 -9.15 9.88
N SER A 17 -1.64 -8.56 8.69
CA SER A 17 -2.98 -8.36 8.10
C SER A 17 -3.64 -9.67 7.66
N GLY A 18 -4.98 -9.73 7.69
CA GLY A 18 -5.79 -10.91 7.39
C GLY A 18 -5.92 -11.26 5.90
N GLN A 19 -7.12 -11.71 5.49
CA GLN A 19 -7.50 -12.04 4.10
C GLN A 19 -6.51 -12.97 3.38
N ALA A 20 -6.15 -14.08 4.03
CA ALA A 20 -5.27 -15.13 3.48
C ALA A 20 -5.83 -15.81 2.21
N SER A 21 -4.95 -16.49 1.46
CA SER A 21 -5.25 -17.30 0.28
C SER A 21 -4.20 -18.41 0.10
N GLY A 22 -4.56 -19.50 -0.57
CA GLY A 22 -3.69 -20.64 -0.85
C GLY A 22 -2.57 -20.35 -1.87
N ALA A 23 -1.46 -21.07 -1.74
CA ALA A 23 -0.29 -20.97 -2.62
C ALA A 23 -0.59 -21.46 -4.05
N SER A 24 0.12 -20.90 -5.04
CA SER A 24 -0.02 -21.23 -6.47
C SER A 24 0.61 -22.60 -6.80
N ARG A 25 -0.16 -23.49 -7.44
CA ARG A 25 0.27 -24.88 -7.74
C ARG A 25 1.29 -24.95 -8.89
N PRO A 26 2.18 -25.97 -8.89
CA PRO A 26 3.27 -26.08 -9.86
C PRO A 26 2.75 -26.37 -11.28
N LEU A 27 3.16 -25.55 -12.25
CA LEU A 27 2.84 -25.74 -13.67
C LEU A 27 3.68 -26.89 -14.30
N PRO A 28 3.09 -27.70 -15.19
CA PRO A 28 3.76 -28.85 -15.81
C PRO A 28 4.83 -28.43 -16.83
N PRO A 29 5.99 -29.12 -16.90
CA PRO A 29 7.01 -28.86 -17.91
C PRO A 29 6.62 -29.41 -19.28
N ILE A 30 7.21 -28.82 -20.32
CA ILE A 30 6.89 -29.12 -21.74
C ILE A 30 7.53 -30.45 -22.20
N ALA A 31 6.75 -31.23 -22.95
CA ALA A 31 7.11 -32.56 -23.45
C ALA A 31 8.12 -32.56 -24.62
N GLN A 32 8.71 -33.73 -24.89
CA GLN A 32 9.64 -33.96 -26.00
C GLN A 32 8.97 -33.96 -27.40
N ALA A 33 9.80 -33.80 -28.43
CA ALA A 33 9.41 -33.78 -29.85
C ALA A 33 10.56 -34.35 -30.73
N LEU A 34 10.79 -35.65 -30.58
CA LEU A 34 11.74 -36.43 -31.39
C LEU A 34 11.19 -36.79 -32.79
N LYS A 35 11.94 -37.60 -33.54
CA LYS A 35 11.61 -38.17 -34.86
C LYS A 35 10.40 -39.13 -34.90
N ASP A 36 9.33 -38.82 -34.16
CA ASP A 36 8.17 -39.69 -34.00
C ASP A 36 7.50 -40.06 -35.34
N HIS A 37 7.55 -39.14 -36.30
CA HIS A 37 7.09 -39.28 -37.69
C HIS A 37 7.96 -40.20 -38.56
N LEU A 38 9.06 -40.72 -38.02
CA LEU A 38 10.04 -41.59 -38.68
C LEU A 38 10.18 -42.96 -37.97
N ALA A 39 9.38 -43.21 -36.93
CA ALA A 39 9.36 -44.47 -36.19
C ALA A 39 8.95 -45.66 -37.08
N ALA A 40 7.80 -45.56 -37.76
CA ALA A 40 7.31 -46.58 -38.69
C ALA A 40 8.19 -46.71 -39.96
N TYR A 41 8.81 -45.61 -40.37
CA TYR A 41 9.74 -45.55 -41.51
C TYR A 41 11.03 -46.33 -41.23
N GLU A 42 11.66 -46.12 -40.07
CA GLU A 42 12.88 -46.84 -39.73
C GLU A 42 12.60 -48.35 -39.52
N LEU A 43 11.38 -48.69 -39.07
CA LEU A 43 10.88 -50.04 -38.81
C LEU A 43 10.39 -50.81 -40.06
N SER A 44 10.25 -50.11 -41.19
CA SER A 44 9.82 -50.69 -42.47
C SER A 44 10.82 -51.70 -43.05
N LYS A 45 10.39 -52.55 -43.99
CA LYS A 45 11.28 -53.50 -44.68
C LYS A 45 12.28 -52.77 -45.60
N ALA A 46 13.48 -53.33 -45.72
CA ALA A 46 14.58 -52.80 -46.54
C ALA A 46 14.33 -52.97 -48.05
N SER A 47 15.17 -52.30 -48.87
CA SER A 47 15.17 -52.33 -50.34
C SER A 47 15.64 -53.66 -50.96
N GLU A 48 15.45 -54.79 -50.27
CA GLU A 48 15.72 -56.14 -50.76
C GLU A 48 14.88 -56.48 -52.00
N GLY B 1 -6.57 25.90 3.33
CA GLY B 1 -5.41 25.00 3.25
C GLY B 1 -4.31 25.47 4.16
N SER B 2 -3.47 24.54 4.62
CA SER B 2 -2.35 24.83 5.51
C SER B 2 -1.19 25.54 4.78
N HIS B 3 -0.57 26.52 5.42
CA HIS B 3 0.62 27.21 4.90
C HIS B 3 1.87 26.32 5.02
N MET B 4 2.04 25.62 6.14
CA MET B 4 3.10 24.62 6.34
C MET B 4 2.79 23.30 5.62
N ALA B 5 3.82 22.54 5.28
CA ALA B 5 3.68 21.19 4.72
C ALA B 5 3.11 20.19 5.74
N THR B 6 2.65 19.03 5.27
CA THR B 6 2.06 17.94 6.08
C THR B 6 3.08 16.82 6.27
N LYS B 7 3.07 16.15 7.43
CA LYS B 7 3.98 15.05 7.76
C LYS B 7 3.26 13.72 7.99
N ALA B 8 3.98 12.62 7.79
CA ALA B 8 3.53 11.27 8.06
C ALA B 8 4.55 10.49 8.88
N ARG B 9 4.04 9.67 9.79
CA ARG B 9 4.79 8.70 10.60
C ARG B 9 4.59 7.34 9.96
N VAL B 10 5.67 6.64 9.64
CA VAL B 10 5.58 5.29 9.09
C VAL B 10 5.07 4.31 10.15
N MET B 11 4.20 3.36 9.77
CA MET B 11 3.72 2.29 10.66
C MET B 11 4.53 1.00 10.57
N TYR B 12 5.16 0.76 9.41
CA TYR B 12 5.93 -0.46 9.10
C TYR B 12 7.03 -0.19 8.05
N ASP B 13 8.18 -0.86 8.14
CA ASP B 13 9.25 -0.78 7.15
C ASP B 13 8.74 -1.05 5.72
N PHE B 14 8.97 -0.11 4.80
CA PHE B 14 8.63 -0.26 3.39
C PHE B 14 9.88 -0.29 2.50
N ALA B 15 9.99 -1.33 1.68
CA ALA B 15 11.14 -1.56 0.80
C ALA B 15 10.75 -1.41 -0.68
N ALA B 16 11.43 -0.51 -1.39
CA ALA B 16 11.12 -0.16 -2.77
C ALA B 16 11.46 -1.24 -3.83
N GLU B 17 10.53 -1.53 -4.73
CA GLU B 17 10.69 -2.41 -5.90
C GLU B 17 11.58 -1.76 -6.97
N PRO B 18 12.43 -2.54 -7.67
CA PRO B 18 13.30 -2.05 -8.73
C PRO B 18 12.49 -1.66 -9.97
N GLY B 19 12.50 -0.36 -10.31
CA GLY B 19 11.82 0.21 -11.49
C GLY B 19 10.40 0.76 -11.25
N ASN B 20 9.83 0.69 -10.03
CA ASN B 20 8.52 1.29 -9.71
C ASN B 20 8.60 2.69 -9.09
N ASN B 21 9.78 3.32 -9.03
CA ASN B 21 10.03 4.60 -8.35
C ASN B 21 9.38 4.70 -6.96
N GLU B 22 9.51 3.63 -6.17
CA GLU B 22 9.07 3.54 -4.77
C GLU B 22 10.08 4.19 -3.80
N LEU B 23 9.61 4.64 -2.64
CA LEU B 23 10.39 5.37 -1.63
C LEU B 23 10.64 4.51 -0.38
N THR B 24 11.88 4.10 -0.14
CA THR B 24 12.24 3.20 0.96
C THR B 24 12.25 3.96 2.28
N VAL B 25 11.37 3.56 3.19
CA VAL B 25 11.20 4.18 4.51
C VAL B 25 11.31 3.17 5.65
N ASN B 26 11.59 3.68 6.86
CA ASN B 26 11.68 2.86 8.06
C ASN B 26 10.50 3.09 9.00
N GLU B 27 10.13 2.07 9.78
CA GLU B 27 9.09 2.16 10.79
C GLU B 27 9.34 3.29 11.80
N GLY B 28 8.36 4.17 11.91
CA GLY B 28 8.35 5.41 12.68
C GLY B 28 9.17 6.56 12.09
N GLU B 29 9.65 6.47 10.84
CA GLU B 29 10.33 7.59 10.17
C GLU B 29 9.36 8.75 9.92
N ILE B 30 9.87 9.99 9.93
CA ILE B 30 9.10 11.20 9.59
C ILE B 30 9.46 11.72 8.21
N ILE B 31 8.45 11.83 7.34
CA ILE B 31 8.56 12.36 5.96
C ILE B 31 7.41 13.32 5.64
N THR B 32 7.59 14.16 4.63
CA THR B 32 6.58 15.12 4.15
C THR B 32 5.74 14.50 3.05
N ILE B 33 4.49 14.94 2.91
CA ILE B 33 3.59 14.50 1.84
C ILE B 33 3.73 15.42 0.63
N THR B 34 3.76 14.84 -0.58
CA THR B 34 3.80 15.57 -1.86
C THR B 34 2.66 15.16 -2.82
N ASN B 35 2.10 13.97 -2.66
CA ASN B 35 0.93 13.48 -3.42
C ASN B 35 0.15 12.45 -2.56
N PRO B 36 -0.76 12.85 -1.66
CA PRO B 36 -1.45 11.94 -0.73
C PRO B 36 -2.36 10.89 -1.40
N ASP B 37 -2.63 11.01 -2.69
CA ASP B 37 -3.38 10.02 -3.48
C ASP B 37 -2.99 10.11 -4.97
N VAL B 38 -2.53 8.99 -5.52
CA VAL B 38 -2.13 8.84 -6.95
C VAL B 38 -2.82 7.66 -7.66
N GLY B 39 -3.51 6.80 -6.91
CA GLY B 39 -4.20 5.60 -7.41
C GLY B 39 -3.56 4.30 -6.94
N GLY B 40 -4.25 3.17 -7.12
CA GLY B 40 -3.80 1.81 -6.76
C GLY B 40 -3.54 1.58 -5.26
N GLY B 41 -3.89 2.54 -4.40
CA GLY B 41 -3.60 2.58 -2.97
C GLY B 41 -2.28 3.27 -2.60
N TRP B 42 -1.72 4.10 -3.49
CA TRP B 42 -0.42 4.74 -3.31
C TRP B 42 -0.52 6.26 -3.06
N LEU B 43 0.58 6.82 -2.54
CA LEU B 43 0.88 8.23 -2.29
C LEU B 43 2.37 8.53 -2.60
N GLU B 44 2.73 9.81 -2.58
CA GLU B 44 4.09 10.32 -2.71
C GLU B 44 4.49 11.18 -1.48
N GLY B 45 5.76 11.09 -1.09
CA GLY B 45 6.36 11.87 -0.02
C GLY B 45 7.83 12.21 -0.27
N ARG B 46 8.45 12.92 0.68
CA ARG B 46 9.86 13.36 0.64
C ARG B 46 10.53 13.24 2.02
N ASN B 47 11.71 12.64 2.09
CA ASN B 47 12.40 12.36 3.36
C ASN B 47 13.46 13.40 3.75
N ILE B 48 14.18 13.11 4.83
CA ILE B 48 15.34 13.85 5.35
C ILE B 48 16.32 14.24 4.23
N LYS B 49 16.71 13.22 3.47
CA LYS B 49 17.63 13.26 2.32
C LYS B 49 17.05 13.97 1.11
N GLY B 50 15.74 14.19 1.12
CA GLY B 50 15.05 14.95 0.08
C GLY B 50 14.69 14.13 -1.15
N GLU B 51 14.73 12.80 -1.02
CA GLU B 51 14.31 11.88 -2.07
C GLU B 51 12.80 11.67 -2.05
N ARG B 52 12.20 11.47 -3.22
CA ARG B 52 10.76 11.24 -3.40
C ARG B 52 10.45 10.01 -4.24
N GLY B 53 9.29 9.41 -4.00
CA GLY B 53 8.84 8.15 -4.61
C GLY B 53 7.48 7.69 -4.08
N LEU B 54 6.98 6.57 -4.60
CA LEU B 54 5.70 5.96 -4.22
C LEU B 54 5.76 5.20 -2.89
N VAL B 55 4.69 5.31 -2.11
CA VAL B 55 4.48 4.70 -0.79
C VAL B 55 3.01 4.25 -0.65
N PRO B 56 2.70 3.06 -0.11
CA PRO B 56 1.32 2.63 0.15
C PRO B 56 0.66 3.42 1.31
N THR B 57 -0.58 3.91 1.11
CA THR B 57 -1.31 4.68 2.15
C THR B 57 -1.62 3.89 3.40
N ASP B 58 -1.83 2.58 3.30
CA ASP B 58 -2.04 1.71 4.46
C ASP B 58 -0.76 1.35 5.23
N TYR B 59 0.43 1.82 4.80
CA TYR B 59 1.72 1.64 5.54
C TYR B 59 2.13 2.82 6.41
N VAL B 60 1.54 4.00 6.19
CA VAL B 60 1.90 5.23 6.90
C VAL B 60 0.66 5.91 7.52
N GLU B 61 0.84 6.78 8.50
CA GLU B 61 -0.24 7.57 9.12
C GLU B 61 0.05 9.09 9.10
N ILE B 62 -0.97 9.89 8.78
CA ILE B 62 -0.86 11.34 8.62
C ILE B 62 -0.96 12.05 9.97
N LEU B 63 0.05 12.85 10.29
CA LEU B 63 0.22 13.52 11.59
C LEU B 63 -0.58 14.84 11.75
N PRO B 64 -0.88 15.25 13.01
CA PRO B 64 -1.54 16.51 13.36
C PRO B 64 -0.61 17.74 13.27
N SER B 65 -1.16 18.92 13.58
CA SER B 65 -0.48 20.23 13.54
C SER B 65 0.83 20.27 14.34
N ASP B 66 1.89 20.79 13.71
CA ASP B 66 3.20 21.01 14.33
C ASP B 66 3.24 22.23 15.29
N GLY B 67 2.19 23.07 15.31
CA GLY B 67 2.11 24.27 16.17
C GLY B 67 3.31 25.18 16.08
N GLY A 1 7.25 21.90 -14.01
CA GLY A 1 7.22 21.52 -12.60
C GLY A 1 7.17 20.01 -12.40
N THR A 2 7.13 19.55 -11.15
CA THR A 2 7.20 18.11 -10.81
C THR A 2 5.89 17.36 -11.11
N VAL A 3 5.99 16.19 -11.74
CA VAL A 3 4.83 15.32 -12.07
C VAL A 3 4.51 14.31 -10.95
N ASN A 4 3.32 13.73 -11.02
CA ASN A 4 2.88 12.66 -10.14
C ASN A 4 3.42 11.29 -10.57
N PHE A 5 3.49 10.39 -9.61
CA PHE A 5 4.01 9.04 -9.82
C PHE A 5 2.89 8.05 -10.07
N LYS A 6 3.14 7.11 -11.00
CA LYS A 6 2.17 6.12 -11.46
C LYS A 6 2.67 4.71 -11.10
N PRO A 7 2.00 3.97 -10.20
CA PRO A 7 2.45 2.66 -9.69
C PRO A 7 2.45 1.55 -10.76
N THR A 8 3.47 0.67 -10.70
CA THR A 8 3.57 -0.51 -11.58
C THR A 8 2.70 -1.66 -11.06
N ARG A 9 2.50 -1.71 -9.75
CA ARG A 9 1.80 -2.78 -9.02
C ARG A 9 0.75 -2.22 -8.04
N PRO A 10 -0.29 -2.97 -7.67
CA PRO A 10 -1.25 -2.57 -6.64
C PRO A 10 -0.56 -2.58 -5.27
N ALA A 11 -1.02 -1.71 -4.37
CA ALA A 11 -0.39 -1.54 -3.05
C ALA A 11 -0.34 -2.86 -2.25
N PRO A 12 0.83 -3.29 -1.74
CA PRO A 12 0.95 -4.54 -0.99
C PRO A 12 0.25 -4.46 0.38
N PRO A 13 -0.07 -5.60 1.01
CA PRO A 13 -0.64 -5.62 2.36
C PRO A 13 0.43 -5.39 3.45
N PRO A 14 0.11 -4.70 4.56
CA PRO A 14 1.02 -4.55 5.69
C PRO A 14 1.23 -5.90 6.44
N PRO A 15 2.28 -6.02 7.27
CA PRO A 15 2.64 -7.27 7.93
C PRO A 15 1.51 -7.81 8.84
N THR A 16 1.30 -9.12 8.75
CA THR A 16 0.22 -9.92 9.38
C THR A 16 -1.22 -9.51 9.03
N SER A 17 -1.42 -8.61 8.05
CA SER A 17 -2.74 -8.23 7.51
C SER A 17 -3.09 -9.09 6.28
N GLY A 18 -4.38 -9.12 5.89
CA GLY A 18 -4.88 -9.81 4.70
C GLY A 18 -4.91 -11.34 4.81
N GLN A 19 -5.11 -12.01 3.67
CA GLN A 19 -5.07 -13.48 3.55
C GLN A 19 -3.74 -14.06 4.01
N ALA A 20 -3.69 -15.36 4.34
CA ALA A 20 -2.47 -16.03 4.79
C ALA A 20 -1.31 -15.86 3.79
N SER A 21 -1.58 -16.08 2.50
CA SER A 21 -0.66 -15.87 1.37
C SER A 21 -0.63 -14.43 0.83
N GLY A 22 -1.17 -13.46 1.58
CA GLY A 22 -1.14 -12.03 1.29
C GLY A 22 -2.09 -11.56 0.18
N ALA A 23 -1.89 -12.02 -1.06
CA ALA A 23 -2.61 -11.58 -2.24
C ALA A 23 -4.06 -12.10 -2.32
N SER A 24 -4.96 -11.29 -2.90
CA SER A 24 -6.36 -11.64 -3.18
C SER A 24 -6.54 -12.25 -4.57
N ARG A 25 -7.55 -13.12 -4.72
CA ARG A 25 -7.97 -13.76 -5.99
C ARG A 25 -9.13 -13.02 -6.66
N PRO A 26 -9.37 -13.23 -7.96
CA PRO A 26 -10.50 -12.63 -8.68
C PRO A 26 -11.84 -13.22 -8.19
N LEU A 27 -12.90 -12.39 -8.15
CA LEU A 27 -14.23 -12.83 -7.70
C LEU A 27 -14.86 -13.88 -8.64
N PRO A 28 -15.70 -14.79 -8.12
CA PRO A 28 -16.27 -15.92 -8.87
C PRO A 28 -17.22 -15.51 -10.01
N PRO A 29 -17.36 -16.36 -11.04
CA PRO A 29 -18.18 -16.10 -12.22
C PRO A 29 -19.69 -16.26 -11.98
N ILE A 30 -20.48 -15.71 -12.90
CA ILE A 30 -21.95 -15.78 -12.90
C ILE A 30 -22.44 -17.22 -13.21
N ALA A 31 -23.55 -17.63 -12.60
CA ALA A 31 -24.19 -18.94 -12.80
C ALA A 31 -24.78 -19.11 -14.22
N GLN A 32 -24.76 -20.34 -14.76
CA GLN A 32 -25.17 -20.64 -16.13
C GLN A 32 -25.79 -22.05 -16.27
N ALA A 33 -27.07 -22.11 -16.64
CA ALA A 33 -27.82 -23.33 -16.93
C ALA A 33 -29.05 -23.04 -17.82
N LEU A 34 -29.02 -23.55 -19.05
CA LEU A 34 -30.09 -23.53 -20.05
C LEU A 34 -31.02 -24.76 -19.90
N LYS A 35 -32.01 -24.94 -20.78
CA LYS A 35 -32.95 -26.11 -20.81
C LYS A 35 -32.25 -27.42 -21.28
N ASP A 36 -31.14 -27.75 -20.63
CA ASP A 36 -30.21 -28.84 -20.94
C ASP A 36 -30.79 -30.26 -20.83
N HIS A 37 -31.73 -30.47 -19.90
CA HIS A 37 -32.34 -31.79 -19.68
C HIS A 37 -33.43 -32.10 -20.71
N LEU A 38 -33.57 -33.38 -21.10
CA LEU A 38 -34.52 -33.89 -22.11
C LEU A 38 -34.45 -33.25 -23.51
N ALA A 39 -33.37 -32.53 -23.83
CA ALA A 39 -33.15 -31.95 -25.15
C ALA A 39 -32.95 -33.04 -26.23
N ALA A 40 -32.13 -34.05 -25.92
CA ALA A 40 -31.89 -35.20 -26.79
C ALA A 40 -33.10 -36.16 -26.88
N TYR A 41 -34.02 -36.11 -25.90
CA TYR A 41 -35.27 -36.89 -25.93
C TYR A 41 -36.24 -36.38 -26.99
N GLU A 42 -36.39 -35.06 -27.13
CA GLU A 42 -37.23 -34.50 -28.19
C GLU A 42 -36.60 -34.71 -29.57
N LEU A 43 -35.27 -34.53 -29.70
CA LEU A 43 -34.54 -34.63 -30.97
C LEU A 43 -34.75 -36.01 -31.62
N SER A 44 -35.46 -36.04 -32.76
CA SER A 44 -35.86 -37.28 -33.44
C SER A 44 -35.98 -37.12 -34.96
N LYS A 45 -35.07 -37.78 -35.70
CA LYS A 45 -35.07 -37.86 -37.17
C LYS A 45 -36.13 -38.84 -37.70
N ALA A 46 -36.34 -39.97 -37.03
CA ALA A 46 -37.31 -40.99 -37.41
C ALA A 46 -37.90 -41.73 -36.19
N SER A 47 -39.18 -42.09 -36.31
CA SER A 47 -39.92 -42.90 -35.33
C SER A 47 -39.61 -44.41 -35.45
N GLU A 48 -40.18 -45.22 -34.56
CA GLU A 48 -40.11 -46.69 -34.58
C GLU A 48 -41.42 -47.32 -34.11
N GLY B 1 -5.74 31.23 -0.15
CA GLY B 1 -4.75 31.82 0.75
C GLY B 1 -3.80 30.80 1.35
N SER B 2 -4.13 30.27 2.54
CA SER B 2 -3.24 29.39 3.30
C SER B 2 -2.84 28.09 2.58
N HIS B 3 -1.54 27.80 2.55
CA HIS B 3 -0.95 26.61 1.93
C HIS B 3 0.37 26.26 2.63
N MET B 4 0.46 25.06 3.21
CA MET B 4 1.59 24.57 4.02
C MET B 4 1.79 23.06 3.87
N ALA B 5 2.93 22.55 4.34
CA ALA B 5 3.28 21.14 4.26
C ALA B 5 2.44 20.22 5.17
N THR B 6 2.33 18.95 4.77
CA THR B 6 1.72 17.83 5.51
C THR B 6 2.83 16.81 5.79
N LYS B 7 2.78 16.15 6.95
CA LYS B 7 3.73 15.12 7.40
C LYS B 7 3.04 13.78 7.66
N ALA B 8 3.79 12.69 7.49
CA ALA B 8 3.32 11.33 7.76
C ALA B 8 4.32 10.57 8.63
N ARG B 9 3.77 9.71 9.48
CA ARG B 9 4.50 8.75 10.33
C ARG B 9 4.36 7.35 9.73
N VAL B 10 5.46 6.64 9.57
CA VAL B 10 5.45 5.26 9.04
C VAL B 10 4.99 4.26 10.09
N MET B 11 4.06 3.38 9.74
CA MET B 11 3.56 2.28 10.58
C MET B 11 4.36 0.98 10.43
N TYR B 12 4.99 0.76 9.27
CA TYR B 12 5.81 -0.43 8.96
C TYR B 12 6.89 -0.10 7.92
N ASP B 13 8.07 -0.69 8.07
CA ASP B 13 9.22 -0.53 7.17
C ASP B 13 8.87 -1.02 5.75
N PHE B 14 8.89 -0.10 4.80
CA PHE B 14 8.61 -0.39 3.38
C PHE B 14 9.91 -0.50 2.58
N ALA B 15 9.87 -1.32 1.54
CA ALA B 15 10.99 -1.53 0.62
C ALA B 15 10.51 -1.40 -0.82
N ALA B 16 11.13 -0.47 -1.55
CA ALA B 16 10.84 -0.17 -2.95
C ALA B 16 11.24 -1.29 -3.94
N GLU B 17 10.47 -1.43 -5.01
CA GLU B 17 10.73 -2.31 -6.18
C GLU B 17 11.69 -1.67 -7.19
N PRO B 18 12.42 -2.48 -7.98
CA PRO B 18 13.39 -1.99 -8.96
C PRO B 18 12.72 -1.22 -10.12
N GLY B 19 13.10 0.05 -10.29
CA GLY B 19 12.61 0.97 -11.33
C GLY B 19 11.16 1.45 -11.19
N ASN B 20 10.44 1.01 -10.14
CA ASN B 20 9.05 1.41 -9.86
C ASN B 20 8.93 2.86 -9.31
N ASN B 21 10.03 3.58 -9.11
CA ASN B 21 10.06 4.90 -8.47
C ASN B 21 9.31 4.91 -7.13
N GLU B 22 9.50 3.86 -6.33
CA GLU B 22 9.00 3.68 -4.96
C GLU B 22 10.00 4.24 -3.94
N LEU B 23 9.53 4.59 -2.74
CA LEU B 23 10.29 5.26 -1.69
C LEU B 23 10.54 4.32 -0.51
N THR B 24 11.78 3.89 -0.29
CA THR B 24 12.14 2.99 0.82
C THR B 24 12.17 3.79 2.12
N VAL B 25 11.22 3.52 3.02
CA VAL B 25 11.05 4.20 4.32
C VAL B 25 11.13 3.23 5.51
N ASN B 26 11.48 3.74 6.69
CA ASN B 26 11.58 2.91 7.90
C ASN B 26 10.40 3.11 8.85
N GLU B 27 10.05 2.09 9.61
CA GLU B 27 9.00 2.16 10.63
C GLU B 27 9.30 3.28 11.66
N GLY B 28 8.34 4.19 11.83
CA GLY B 28 8.45 5.37 12.69
C GLY B 28 9.17 6.57 12.08
N GLU B 29 9.58 6.49 10.81
CA GLU B 29 10.19 7.61 10.09
C GLU B 29 9.18 8.73 9.81
N ILE B 30 9.69 9.96 9.70
CA ILE B 30 8.93 11.14 9.33
C ILE B 30 9.28 11.55 7.90
N ILE B 31 8.26 11.78 7.08
CA ILE B 31 8.37 12.26 5.70
C ILE B 31 7.29 13.30 5.39
N THR B 32 7.55 14.18 4.43
CA THR B 32 6.58 15.17 3.95
C THR B 32 5.80 14.59 2.78
N ILE B 33 4.55 15.00 2.60
CA ILE B 33 3.69 14.49 1.53
C ILE B 33 3.78 15.37 0.28
N THR B 34 4.07 14.74 -0.86
CA THR B 34 4.08 15.38 -2.19
C THR B 34 2.80 15.05 -2.98
N ASN B 35 2.17 13.89 -2.75
CA ASN B 35 0.88 13.48 -3.34
C ASN B 35 0.15 12.44 -2.43
N PRO B 36 -0.82 12.83 -1.58
CA PRO B 36 -1.51 11.89 -0.66
C PRO B 36 -2.41 10.85 -1.36
N ASP B 37 -2.59 10.97 -2.68
CA ASP B 37 -3.31 10.02 -3.51
C ASP B 37 -2.77 10.14 -4.95
N VAL B 38 -2.69 8.98 -5.60
CA VAL B 38 -2.26 8.80 -7.00
C VAL B 38 -2.99 7.65 -7.72
N GLY B 39 -3.65 6.76 -6.97
CA GLY B 39 -4.32 5.56 -7.48
C GLY B 39 -3.64 4.26 -6.98
N GLY B 40 -4.30 3.11 -7.16
CA GLY B 40 -3.79 1.78 -6.80
C GLY B 40 -3.57 1.53 -5.31
N GLY B 41 -3.95 2.49 -4.46
CA GLY B 41 -3.70 2.50 -3.02
C GLY B 41 -2.42 3.21 -2.60
N TRP B 42 -1.78 3.95 -3.52
CA TRP B 42 -0.49 4.60 -3.32
C TRP B 42 -0.61 6.10 -3.00
N LEU B 43 0.50 6.66 -2.49
CA LEU B 43 0.77 8.07 -2.22
C LEU B 43 2.24 8.35 -2.53
N GLU B 44 2.61 9.62 -2.56
CA GLU B 44 3.96 10.14 -2.82
C GLU B 44 4.46 11.02 -1.65
N GLY B 45 5.75 10.95 -1.35
CA GLY B 45 6.40 11.66 -0.23
C GLY B 45 7.88 11.99 -0.47
N ARG B 46 8.51 12.65 0.51
CA ARG B 46 9.93 13.05 0.54
C ARG B 46 10.51 12.94 1.96
N ASN B 47 11.72 12.37 2.12
CA ASN B 47 12.35 12.14 3.41
C ASN B 47 13.43 13.17 3.74
N ILE B 48 14.05 13.03 4.91
CA ILE B 48 15.20 13.84 5.37
C ILE B 48 16.33 13.89 4.33
N LYS B 49 16.62 12.74 3.71
CA LYS B 49 17.65 12.57 2.68
C LYS B 49 17.25 13.17 1.34
N GLY B 50 15.96 13.43 1.14
CA GLY B 50 15.47 14.10 -0.07
C GLY B 50 15.14 13.13 -1.19
N GLU B 51 14.95 11.84 -0.86
CA GLU B 51 14.46 10.84 -1.80
C GLU B 51 12.97 11.05 -1.95
N ARG B 52 12.44 10.75 -3.12
CA ARG B 52 11.01 10.81 -3.38
C ARG B 52 10.58 9.65 -4.28
N GLY B 53 9.42 9.11 -3.96
CA GLY B 53 8.87 7.90 -4.59
C GLY B 53 7.47 7.57 -4.06
N LEU B 54 6.92 6.48 -4.59
CA LEU B 54 5.64 5.91 -4.19
C LEU B 54 5.72 5.11 -2.89
N VAL B 55 4.66 5.20 -2.09
CA VAL B 55 4.49 4.57 -0.78
C VAL B 55 3.05 4.05 -0.65
N PRO B 56 2.82 2.83 -0.14
CA PRO B 56 1.48 2.32 0.14
C PRO B 56 0.80 3.13 1.25
N THR B 57 -0.41 3.63 1.01
CA THR B 57 -1.17 4.45 1.99
C THR B 57 -1.50 3.70 3.28
N ASP B 58 -1.68 2.39 3.18
CA ASP B 58 -1.98 1.51 4.32
C ASP B 58 -0.76 1.17 5.18
N TYR B 59 0.44 1.68 4.82
CA TYR B 59 1.68 1.54 5.59
C TYR B 59 2.07 2.81 6.37
N VAL B 60 1.44 3.95 6.11
CA VAL B 60 1.75 5.21 6.81
C VAL B 60 0.48 5.89 7.34
N GLU B 61 0.61 6.78 8.32
CA GLU B 61 -0.51 7.57 8.86
C GLU B 61 -0.23 9.08 8.77
N ILE B 62 -1.23 9.86 8.37
CA ILE B 62 -1.13 11.31 8.15
C ILE B 62 -1.34 12.08 9.46
N LEU B 63 -0.35 12.90 9.83
CA LEU B 63 -0.36 13.75 11.03
C LEU B 63 -1.21 15.02 10.85
N PRO B 64 -1.74 15.61 11.93
CA PRO B 64 -2.46 16.89 11.88
C PRO B 64 -1.52 18.05 11.57
N SER B 65 -2.12 19.21 11.31
CA SER B 65 -1.44 20.43 10.85
C SER B 65 -2.05 21.70 11.45
N ASP B 66 -1.19 22.66 11.78
CA ASP B 66 -1.56 23.98 12.34
C ASP B 66 -2.29 24.91 11.34
N GLY B 67 -2.54 24.44 10.11
CA GLY B 67 -3.30 25.10 9.05
C GLY B 67 -3.45 24.26 7.79
N GLY A 1 7.32 21.48 -16.58
CA GLY A 1 6.57 21.55 -15.32
C GLY A 1 6.87 20.36 -14.43
N THR A 2 5.88 19.95 -13.64
CA THR A 2 5.96 18.89 -12.61
C THR A 2 4.88 17.82 -12.78
N VAL A 3 5.04 16.65 -12.15
CA VAL A 3 4.14 15.49 -12.32
C VAL A 3 4.04 14.59 -11.10
N ASN A 4 3.02 13.74 -11.12
CA ASN A 4 2.77 12.70 -10.13
C ASN A 4 3.36 11.35 -10.55
N PHE A 5 3.43 10.43 -9.60
CA PHE A 5 3.93 9.08 -9.84
C PHE A 5 2.81 8.09 -10.15
N LYS A 6 3.11 7.08 -10.97
CA LYS A 6 2.16 6.07 -11.47
C LYS A 6 2.70 4.66 -11.13
N PRO A 7 2.03 3.90 -10.24
CA PRO A 7 2.48 2.60 -9.71
C PRO A 7 2.44 1.44 -10.72
N THR A 8 3.54 0.68 -10.74
CA THR A 8 3.74 -0.51 -11.61
C THR A 8 2.98 -1.74 -11.11
N ARG A 9 2.64 -1.73 -9.82
CA ARG A 9 1.97 -2.80 -9.08
C ARG A 9 0.89 -2.25 -8.13
N PRO A 10 -0.16 -3.01 -7.77
CA PRO A 10 -1.13 -2.61 -6.75
C PRO A 10 -0.45 -2.56 -5.39
N ALA A 11 -0.92 -1.70 -4.49
CA ALA A 11 -0.29 -1.51 -3.18
C ALA A 11 -0.30 -2.81 -2.34
N PRO A 12 0.86 -3.25 -1.79
CA PRO A 12 0.96 -4.49 -1.03
C PRO A 12 0.22 -4.42 0.31
N PRO A 13 -0.16 -5.57 0.91
CA PRO A 13 -0.77 -5.60 2.24
C PRO A 13 0.27 -5.25 3.33
N PRO A 14 -0.11 -4.55 4.41
CA PRO A 14 0.77 -4.33 5.56
C PRO A 14 1.05 -5.65 6.32
N PRO A 15 2.07 -5.69 7.18
CA PRO A 15 2.50 -6.92 7.85
C PRO A 15 1.42 -7.53 8.77
N THR A 16 1.56 -8.84 9.02
CA THR A 16 0.68 -9.67 9.87
C THR A 16 -0.79 -9.69 9.44
N SER A 17 -1.06 -9.48 8.14
CA SER A 17 -2.40 -9.53 7.53
C SER A 17 -2.96 -10.96 7.43
N GLY A 18 -2.12 -11.95 7.15
CA GLY A 18 -2.49 -13.37 7.09
C GLY A 18 -1.63 -14.18 6.12
N GLN A 19 -1.71 -15.50 6.22
CA GLN A 19 -1.00 -16.46 5.36
C GLN A 19 -1.83 -17.74 5.12
N ALA A 20 -1.47 -18.51 4.09
CA ALA A 20 -2.21 -19.67 3.62
C ALA A 20 -1.34 -20.90 3.29
N SER A 21 -1.99 -22.05 3.06
CA SER A 21 -1.34 -23.34 2.80
C SER A 21 -2.31 -24.43 2.30
N GLY A 22 -1.76 -25.49 1.68
CA GLY A 22 -2.49 -26.69 1.25
C GLY A 22 -3.38 -26.54 0.02
N ALA A 23 -4.19 -27.58 -0.25
CA ALA A 23 -5.09 -27.67 -1.40
C ALA A 23 -6.37 -26.81 -1.30
N SER A 24 -6.74 -26.35 -0.11
CA SER A 24 -7.88 -25.43 0.07
C SER A 24 -7.61 -24.08 -0.62
N ARG A 25 -8.52 -23.65 -1.50
CA ARG A 25 -8.46 -22.35 -2.20
C ARG A 25 -8.93 -21.18 -1.32
N PRO A 26 -8.47 -19.95 -1.58
CA PRO A 26 -8.73 -18.79 -0.71
C PRO A 26 -10.21 -18.39 -0.61
N LEU A 27 -10.69 -18.25 0.63
CA LEU A 27 -12.04 -17.79 0.98
C LEU A 27 -12.22 -16.26 0.86
N PRO A 28 -13.46 -15.76 0.66
CA PRO A 28 -13.73 -14.33 0.51
C PRO A 28 -13.70 -13.53 1.84
N PRO A 29 -13.45 -12.21 1.79
CA PRO A 29 -13.43 -11.32 2.96
C PRO A 29 -14.83 -11.11 3.56
N ILE A 30 -14.87 -10.61 4.80
CA ILE A 30 -16.11 -10.22 5.49
C ILE A 30 -16.43 -8.74 5.24
N ALA A 31 -17.69 -8.50 4.89
CA ALA A 31 -18.33 -7.19 4.68
C ALA A 31 -19.84 -7.30 4.97
N GLN A 32 -20.58 -6.19 4.81
CA GLN A 32 -22.03 -6.01 5.06
C GLN A 32 -22.50 -6.15 6.53
N ALA A 33 -21.98 -7.14 7.26
CA ALA A 33 -22.41 -7.48 8.62
C ALA A 33 -21.64 -6.77 9.73
N LEU A 34 -22.41 -6.12 10.61
CA LEU A 34 -21.98 -5.50 11.86
C LEU A 34 -22.17 -6.50 13.02
N LYS A 35 -21.84 -6.13 14.26
CA LYS A 35 -22.06 -6.95 15.48
C LYS A 35 -23.56 -7.01 15.84
N ASP A 36 -24.34 -7.68 14.98
CA ASP A 36 -25.80 -7.81 14.99
C ASP A 36 -26.31 -9.00 15.84
N HIS A 37 -25.40 -9.72 16.51
CA HIS A 37 -25.72 -10.96 17.23
C HIS A 37 -26.69 -10.75 18.40
N LEU A 38 -27.71 -11.60 18.42
CA LEU A 38 -28.86 -11.61 19.33
C LEU A 38 -29.74 -10.34 19.28
N ALA A 39 -29.54 -9.43 18.32
CA ALA A 39 -30.40 -8.24 18.17
C ALA A 39 -31.84 -8.63 17.78
N ALA A 40 -32.03 -9.39 16.70
CA ALA A 40 -33.35 -9.86 16.27
C ALA A 40 -34.02 -10.81 17.28
N TYR A 41 -33.21 -11.54 18.07
CA TYR A 41 -33.65 -12.41 19.16
C TYR A 41 -34.22 -11.61 20.35
N GLU A 42 -33.63 -10.47 20.68
CA GLU A 42 -33.98 -9.67 21.86
C GLU A 42 -35.12 -8.66 21.64
N LEU A 43 -35.28 -8.15 20.42
CA LEU A 43 -36.34 -7.19 20.05
C LEU A 43 -37.76 -7.76 20.25
N SER A 44 -38.74 -6.87 20.47
CA SER A 44 -40.13 -7.23 20.83
C SER A 44 -41.22 -6.49 20.02
N LYS A 45 -40.88 -5.89 18.87
CA LYS A 45 -41.74 -5.06 18.00
C LYS A 45 -43.10 -5.70 17.62
N ALA A 46 -43.14 -7.02 17.47
CA ALA A 46 -44.33 -7.81 17.13
C ALA A 46 -45.33 -8.03 18.29
N SER A 47 -44.96 -7.72 19.54
CA SER A 47 -45.80 -8.00 20.72
C SER A 47 -47.02 -7.07 20.79
N GLU A 48 -48.19 -7.63 21.13
CA GLU A 48 -49.46 -6.91 21.36
C GLU A 48 -49.45 -6.26 22.75
N GLY B 1 -2.42 32.70 2.24
CA GLY B 1 -1.60 32.48 1.04
C GLY B 1 -1.27 31.01 0.93
N SER B 2 0.00 30.68 0.68
CA SER B 2 0.51 29.31 0.62
C SER B 2 0.20 28.50 1.89
N HIS B 3 -0.37 27.31 1.73
CA HIS B 3 -0.71 26.41 2.85
C HIS B 3 0.50 25.58 3.31
N MET B 4 0.59 25.31 4.61
CA MET B 4 1.70 24.53 5.20
C MET B 4 1.74 23.09 4.68
N ALA B 5 2.95 22.56 4.50
CA ALA B 5 3.16 21.16 4.11
C ALA B 5 2.72 20.16 5.20
N THR B 6 2.33 18.96 4.77
CA THR B 6 1.78 17.90 5.64
C THR B 6 2.86 16.85 5.91
N LYS B 7 2.87 16.23 7.09
CA LYS B 7 3.81 15.15 7.48
C LYS B 7 3.08 13.82 7.74
N ALA B 8 3.81 12.72 7.59
CA ALA B 8 3.36 11.36 7.89
C ALA B 8 4.37 10.61 8.75
N ARG B 9 3.85 9.75 9.63
CA ARG B 9 4.60 8.80 10.46
C ARG B 9 4.45 7.41 9.86
N VAL B 10 5.56 6.73 9.60
CA VAL B 10 5.54 5.34 9.07
C VAL B 10 5.12 4.36 10.16
N MET B 11 4.22 3.42 9.85
CA MET B 11 3.81 2.35 10.76
C MET B 11 4.65 1.07 10.64
N TYR B 12 5.25 0.82 9.47
CA TYR B 12 6.05 -0.38 9.16
C TYR B 12 7.09 -0.09 8.07
N ASP B 13 8.29 -0.68 8.18
CA ASP B 13 9.34 -0.50 7.18
C ASP B 13 8.94 -1.10 5.81
N PHE B 14 9.09 -0.29 4.76
CA PHE B 14 8.74 -0.60 3.37
C PHE B 14 10.00 -0.66 2.49
N ALA B 15 10.00 -1.53 1.49
CA ALA B 15 11.14 -1.80 0.62
C ALA B 15 10.80 -1.60 -0.86
N ALA B 16 11.38 -0.57 -1.47
CA ALA B 16 11.09 -0.16 -2.85
C ALA B 16 11.57 -1.15 -3.93
N GLU B 17 10.75 -1.36 -4.96
CA GLU B 17 11.04 -2.14 -6.18
C GLU B 17 12.05 -1.44 -7.11
N PRO B 18 12.73 -2.17 -8.01
CA PRO B 18 13.73 -1.61 -8.93
C PRO B 18 13.07 -0.81 -10.06
N GLY B 19 13.30 0.50 -10.12
CA GLY B 19 12.80 1.39 -11.18
C GLY B 19 11.30 1.76 -11.12
N ASN B 20 10.52 1.23 -10.16
CA ASN B 20 9.12 1.59 -9.93
C ASN B 20 8.93 3.02 -9.40
N ASN B 21 10.01 3.72 -9.05
CA ASN B 21 10.02 5.03 -8.38
C ASN B 21 9.24 4.97 -7.06
N GLU B 22 9.49 3.92 -6.29
CA GLU B 22 8.99 3.68 -4.92
C GLU B 22 9.99 4.25 -3.88
N LEU B 23 9.48 4.70 -2.74
CA LEU B 23 10.26 5.35 -1.69
C LEU B 23 10.52 4.36 -0.54
N THR B 24 11.76 3.92 -0.34
CA THR B 24 12.10 3.05 0.80
C THR B 24 12.01 3.90 2.07
N VAL B 25 11.00 3.63 2.90
CA VAL B 25 10.79 4.32 4.19
C VAL B 25 10.98 3.36 5.35
N ASN B 26 11.43 3.89 6.49
CA ASN B 26 11.66 3.10 7.69
C ASN B 26 10.51 3.27 8.69
N GLU B 27 10.22 2.23 9.46
CA GLU B 27 9.22 2.30 10.53
C GLU B 27 9.54 3.44 11.51
N GLY B 28 8.54 4.29 11.75
CA GLY B 28 8.69 5.47 12.60
C GLY B 28 9.35 6.68 11.92
N GLU B 29 9.68 6.60 10.62
CA GLU B 29 10.29 7.72 9.89
C GLU B 29 9.29 8.86 9.68
N ILE B 30 9.79 10.10 9.60
CA ILE B 30 8.98 11.29 9.30
C ILE B 30 9.25 11.73 7.86
N ILE B 31 8.18 11.84 7.07
CA ILE B 31 8.22 12.24 5.66
C ILE B 31 7.14 13.30 5.37
N THR B 32 7.38 14.17 4.39
CA THR B 32 6.41 15.16 3.89
C THR B 32 5.59 14.54 2.78
N ILE B 33 4.35 14.99 2.61
CA ILE B 33 3.45 14.52 1.56
C ILE B 33 3.53 15.44 0.34
N THR B 34 3.52 14.84 -0.86
CA THR B 34 3.44 15.58 -2.14
C THR B 34 2.20 15.15 -2.93
N ASN B 35 1.72 13.92 -2.75
CA ASN B 35 0.48 13.41 -3.36
C ASN B 35 -0.15 12.33 -2.46
N PRO B 36 -1.07 12.66 -1.53
CA PRO B 36 -1.69 11.67 -0.61
C PRO B 36 -2.62 10.66 -1.30
N ASP B 37 -2.78 10.77 -2.62
CA ASP B 37 -3.55 9.90 -3.49
C ASP B 37 -2.97 9.96 -4.91
N VAL B 38 -2.82 8.80 -5.55
CA VAL B 38 -2.38 8.66 -6.96
C VAL B 38 -3.07 7.52 -7.71
N GLY B 39 -3.70 6.56 -7.01
CA GLY B 39 -4.29 5.35 -7.57
C GLY B 39 -3.61 4.07 -7.06
N GLY B 40 -4.29 2.93 -7.21
CA GLY B 40 -3.79 1.60 -6.82
C GLY B 40 -3.54 1.40 -5.32
N GLY B 41 -3.93 2.35 -4.47
CA GLY B 41 -3.67 2.38 -3.03
C GLY B 41 -2.39 3.12 -2.62
N TRP B 42 -1.77 3.87 -3.54
CA TRP B 42 -0.48 4.54 -3.33
C TRP B 42 -0.60 6.04 -3.01
N LEU B 43 0.49 6.61 -2.54
CA LEU B 43 0.74 8.03 -2.28
C LEU B 43 2.19 8.39 -2.60
N GLU B 44 2.48 9.69 -2.68
CA GLU B 44 3.81 10.27 -2.93
C GLU B 44 4.26 11.13 -1.73
N GLY B 45 5.54 11.04 -1.40
CA GLY B 45 6.17 11.73 -0.27
C GLY B 45 7.66 12.03 -0.47
N ARG B 46 8.28 12.62 0.56
CA ARG B 46 9.70 12.98 0.63
C ARG B 46 10.24 12.87 2.06
N ASN B 47 11.39 12.21 2.26
CA ASN B 47 11.91 11.94 3.60
C ASN B 47 12.80 13.06 4.16
N ILE B 48 13.35 12.81 5.35
CA ILE B 48 14.35 13.64 6.04
C ILE B 48 15.49 14.04 5.09
N LYS B 49 15.96 13.07 4.30
CA LYS B 49 17.05 13.20 3.32
C LYS B 49 16.62 13.85 2.01
N GLY B 50 15.33 13.89 1.75
CA GLY B 50 14.76 14.54 0.56
C GLY B 50 14.56 13.63 -0.65
N GLU B 51 14.67 12.31 -0.49
CA GLU B 51 14.37 11.34 -1.56
C GLU B 51 12.87 11.21 -1.77
N ARG B 52 12.44 10.97 -3.02
CA ARG B 52 11.03 10.86 -3.41
C ARG B 52 10.66 9.48 -3.97
N GLY B 53 9.39 9.12 -3.90
CA GLY B 53 8.86 7.90 -4.50
C GLY B 53 7.44 7.60 -4.01
N LEU B 54 6.90 6.50 -4.52
CA LEU B 54 5.61 5.94 -4.13
C LEU B 54 5.68 5.16 -2.81
N VAL B 55 4.63 5.27 -2.00
CA VAL B 55 4.46 4.63 -0.70
C VAL B 55 3.01 4.10 -0.56
N PRO B 56 2.80 2.88 -0.04
CA PRO B 56 1.45 2.37 0.25
C PRO B 56 0.74 3.16 1.36
N THR B 57 -0.52 3.56 1.14
CA THR B 57 -1.34 4.26 2.14
C THR B 57 -1.56 3.47 3.42
N ASP B 58 -1.74 2.14 3.33
CA ASP B 58 -1.95 1.27 4.49
C ASP B 58 -0.70 1.10 5.37
N TYR B 59 0.47 1.62 4.97
CA TYR B 59 1.74 1.53 5.72
C TYR B 59 2.10 2.78 6.54
N VAL B 60 1.45 3.91 6.30
CA VAL B 60 1.78 5.20 6.95
C VAL B 60 0.52 5.89 7.48
N GLU B 61 0.66 6.77 8.48
CA GLU B 61 -0.43 7.58 9.04
C GLU B 61 -0.12 9.09 8.96
N ILE B 62 -1.14 9.90 8.66
CA ILE B 62 -1.01 11.35 8.46
C ILE B 62 -1.09 12.11 9.80
N LEU B 63 -0.12 13.01 10.01
CA LEU B 63 -0.01 13.88 11.17
C LEU B 63 -0.74 15.24 10.99
N PRO B 64 -1.25 15.84 12.08
CA PRO B 64 -1.89 17.17 12.09
C PRO B 64 -0.90 18.34 12.06
N SER B 65 -1.43 19.56 12.04
CA SER B 65 -0.67 20.83 11.94
C SER B 65 -0.01 21.34 13.23
N ASP B 66 -0.07 20.53 14.28
CA ASP B 66 0.42 20.83 15.64
C ASP B 66 -0.19 22.10 16.27
N GLY B 67 -1.46 22.37 15.97
CA GLY B 67 -2.26 23.45 16.56
C GLY B 67 -2.57 23.31 18.05
N GLY A 1 6.28 21.59 -15.92
CA GLY A 1 7.49 20.81 -15.63
C GLY A 1 7.19 19.55 -14.84
N THR A 2 7.00 19.67 -13.52
CA THR A 2 6.80 18.53 -12.59
C THR A 2 5.49 17.75 -12.81
N VAL A 3 5.45 16.51 -12.30
CA VAL A 3 4.37 15.53 -12.47
C VAL A 3 4.24 14.57 -11.28
N ASN A 4 3.11 13.88 -11.22
CA ASN A 4 2.84 12.81 -10.26
C ASN A 4 3.40 11.45 -10.70
N PHE A 5 3.52 10.55 -9.73
CA PHE A 5 4.02 9.20 -9.93
C PHE A 5 2.89 8.22 -10.23
N LYS A 6 3.18 7.22 -11.06
CA LYS A 6 2.23 6.24 -11.58
C LYS A 6 2.65 4.82 -11.19
N PRO A 7 1.87 4.13 -10.34
CA PRO A 7 2.24 2.83 -9.81
C PRO A 7 2.19 1.70 -10.86
N THR A 8 3.27 0.93 -10.89
CA THR A 8 3.52 -0.27 -11.72
C THR A 8 2.77 -1.49 -11.17
N ARG A 9 2.49 -1.52 -9.86
CA ARG A 9 1.89 -2.64 -9.14
C ARG A 9 0.84 -2.19 -8.11
N PRO A 10 -0.13 -3.04 -7.73
CA PRO A 10 -1.10 -2.75 -6.66
C PRO A 10 -0.41 -2.69 -5.29
N ALA A 11 -0.94 -1.88 -4.37
CA ALA A 11 -0.36 -1.69 -3.04
C ALA A 11 -0.29 -2.99 -2.21
N PRO A 12 0.89 -3.37 -1.66
CA PRO A 12 1.06 -4.63 -0.92
C PRO A 12 0.32 -4.65 0.43
N PRO A 13 -0.05 -5.84 0.96
CA PRO A 13 -0.69 -5.95 2.26
C PRO A 13 0.29 -5.68 3.42
N PRO A 14 -0.07 -4.85 4.42
CA PRO A 14 0.77 -4.58 5.60
C PRO A 14 0.95 -5.81 6.52
N PRO A 15 1.89 -5.76 7.48
CA PRO A 15 2.09 -6.82 8.47
C PRO A 15 0.85 -7.05 9.36
N THR A 16 0.70 -8.29 9.84
CA THR A 16 -0.44 -8.81 10.62
C THR A 16 -1.85 -8.58 10.01
N SER A 17 -1.92 -8.23 8.72
CA SER A 17 -3.14 -8.07 7.92
C SER A 17 -3.69 -9.43 7.46
N GLY A 18 -5.01 -9.54 7.24
CA GLY A 18 -5.68 -10.73 6.71
C GLY A 18 -5.73 -11.91 7.69
N GLN A 19 -4.61 -12.58 7.90
CA GLN A 19 -4.41 -13.72 8.80
C GLN A 19 -5.33 -14.92 8.47
N ALA A 20 -5.26 -15.36 7.22
CA ALA A 20 -5.94 -16.56 6.72
C ALA A 20 -5.21 -17.83 7.22
N SER A 21 -5.95 -18.82 7.70
CA SER A 21 -5.39 -20.06 8.30
C SER A 21 -6.34 -21.26 8.29
N GLY A 22 -7.51 -21.15 7.65
CA GLY A 22 -8.49 -22.23 7.48
C GLY A 22 -8.12 -23.25 6.40
N ALA A 23 -8.91 -23.30 5.32
CA ALA A 23 -8.77 -24.22 4.20
C ALA A 23 -9.11 -23.54 2.87
N SER A 24 -8.36 -22.48 2.49
CA SER A 24 -8.65 -21.66 1.30
C SER A 24 -8.54 -22.39 -0.05
N ARG A 25 -7.76 -23.46 -0.03
CA ARG A 25 -7.35 -24.33 -1.15
C ARG A 25 -6.55 -23.61 -2.26
N PRO A 26 -5.62 -24.32 -2.93
CA PRO A 26 -4.73 -23.73 -3.93
C PRO A 26 -5.43 -23.42 -5.27
N LEU A 27 -4.73 -22.70 -6.15
CA LEU A 27 -5.18 -22.32 -7.50
C LEU A 27 -4.15 -22.69 -8.58
N PRO A 28 -4.59 -22.92 -9.84
CA PRO A 28 -3.70 -23.21 -10.98
C PRO A 28 -2.74 -22.05 -11.29
N PRO A 29 -1.65 -22.30 -12.05
CA PRO A 29 -0.70 -21.27 -12.42
C PRO A 29 -1.38 -20.14 -13.21
N ILE A 30 -0.79 -18.97 -13.08
CA ILE A 30 -1.34 -17.71 -13.60
C ILE A 30 -1.34 -17.66 -15.14
N ALA A 31 -2.45 -17.19 -15.67
CA ALA A 31 -2.64 -16.91 -17.10
C ALA A 31 -2.02 -15.53 -17.44
N GLN A 32 -1.11 -15.51 -18.42
CA GLN A 32 -0.33 -14.32 -18.81
C GLN A 32 0.23 -14.40 -20.25
N ALA A 33 0.65 -13.27 -20.81
CA ALA A 33 1.30 -13.14 -22.13
C ALA A 33 2.84 -13.11 -22.07
N LEU A 34 3.47 -13.37 -23.22
CA LEU A 34 4.93 -13.50 -23.44
C LEU A 34 5.31 -13.01 -24.85
N LYS A 35 6.52 -13.33 -25.35
CA LYS A 35 6.97 -13.05 -26.74
C LYS A 35 6.22 -13.94 -27.73
N ASP A 36 4.95 -13.63 -27.94
CA ASP A 36 3.99 -14.40 -28.74
C ASP A 36 4.13 -14.24 -30.28
N HIS A 37 5.17 -13.56 -30.79
CA HIS A 37 5.36 -13.31 -32.24
C HIS A 37 5.43 -14.60 -33.08
N LEU A 38 5.92 -15.68 -32.48
CA LEU A 38 6.02 -17.00 -33.11
C LEU A 38 4.66 -17.73 -33.20
N ALA A 39 3.60 -17.24 -32.54
CA ALA A 39 2.28 -17.89 -32.56
C ALA A 39 1.68 -17.95 -33.97
N ALA A 40 1.78 -16.87 -34.75
CA ALA A 40 1.33 -16.84 -36.15
C ALA A 40 2.04 -17.88 -37.04
N TYR A 41 3.34 -18.11 -36.79
CA TYR A 41 4.15 -19.14 -37.45
C TYR A 41 3.77 -20.54 -37.01
N GLU A 42 3.61 -20.76 -35.71
CA GLU A 42 3.29 -22.06 -35.16
C GLU A 42 1.92 -22.56 -35.66
N LEU A 43 0.98 -21.63 -35.87
CA LEU A 43 -0.35 -21.87 -36.44
C LEU A 43 -0.40 -21.96 -37.97
N SER A 44 0.69 -21.60 -38.66
CA SER A 44 0.80 -21.70 -40.13
C SER A 44 1.00 -23.15 -40.58
N LYS A 45 0.33 -23.58 -41.65
CA LYS A 45 0.39 -24.96 -42.17
C LYS A 45 1.79 -25.36 -42.68
N ALA A 46 2.07 -26.66 -42.61
CA ALA A 46 3.30 -27.28 -43.10
C ALA A 46 3.53 -27.09 -44.60
N SER A 47 4.77 -27.35 -45.06
CA SER A 47 5.18 -27.24 -46.47
C SER A 47 4.56 -28.29 -47.41
N GLU A 48 4.02 -29.38 -46.88
CA GLU A 48 3.29 -30.45 -47.57
C GLU A 48 1.78 -30.17 -47.70
N GLY B 1 4.74 35.67 2.86
CA GLY B 1 3.89 34.59 2.33
C GLY B 1 4.47 33.23 2.62
N SER B 2 3.73 32.16 2.31
CA SER B 2 4.13 30.78 2.62
C SER B 2 3.53 29.72 1.69
N HIS B 3 4.13 28.53 1.68
CA HIS B 3 3.66 27.33 0.96
C HIS B 3 3.31 26.22 1.96
N MET B 4 2.03 25.82 1.99
CA MET B 4 1.53 24.83 2.94
C MET B 4 2.00 23.40 2.61
N ALA B 5 2.24 22.59 3.65
CA ALA B 5 2.64 21.19 3.54
C ALA B 5 1.92 20.27 4.54
N THR B 6 2.12 18.97 4.37
CA THR B 6 1.65 17.88 5.23
C THR B 6 2.77 16.87 5.47
N LYS B 7 2.81 16.25 6.66
CA LYS B 7 3.77 15.24 7.09
C LYS B 7 3.10 13.90 7.40
N ALA B 8 3.85 12.81 7.30
CA ALA B 8 3.42 11.45 7.61
C ALA B 8 4.43 10.71 8.48
N ARG B 9 3.89 9.92 9.41
CA ARG B 9 4.62 9.00 10.29
C ARG B 9 4.44 7.57 9.76
N VAL B 10 5.53 6.86 9.55
CA VAL B 10 5.48 5.46 9.06
C VAL B 10 5.05 4.50 10.18
N MET B 11 4.15 3.55 9.88
CA MET B 11 3.74 2.50 10.82
C MET B 11 4.59 1.23 10.74
N TYR B 12 5.17 0.95 9.56
CA TYR B 12 5.93 -0.27 9.22
C TYR B 12 7.02 -0.01 8.17
N ASP B 13 8.17 -0.68 8.30
CA ASP B 13 9.26 -0.63 7.31
C ASP B 13 8.84 -1.11 5.92
N PHE B 14 9.14 -0.32 4.88
CA PHE B 14 8.81 -0.59 3.48
C PHE B 14 10.05 -0.64 2.59
N ALA B 15 10.11 -1.59 1.64
CA ALA B 15 11.23 -1.77 0.71
C ALA B 15 10.81 -1.55 -0.76
N ALA B 16 11.41 -0.57 -1.42
CA ALA B 16 11.06 -0.15 -2.77
C ALA B 16 11.39 -1.15 -3.91
N GLU B 17 10.41 -1.43 -4.77
CA GLU B 17 10.55 -2.25 -5.97
C GLU B 17 11.44 -1.61 -7.06
N PRO B 18 12.18 -2.41 -7.84
CA PRO B 18 13.15 -1.92 -8.82
C PRO B 18 12.55 -1.29 -10.08
N GLY B 19 11.28 -1.54 -10.36
CA GLY B 19 10.55 -1.07 -11.54
C GLY B 19 9.34 -0.17 -11.23
N ASN B 20 9.34 0.54 -10.10
CA ASN B 20 8.17 1.33 -9.67
C ASN B 20 8.44 2.71 -9.03
N ASN B 21 9.66 3.26 -9.14
CA ASN B 21 10.08 4.51 -8.49
C ASN B 21 9.53 4.70 -7.06
N GLU B 22 9.55 3.62 -6.27
CA GLU B 22 9.09 3.59 -4.88
C GLU B 22 10.12 4.27 -3.95
N LEU B 23 9.66 4.78 -2.81
CA LEU B 23 10.50 5.42 -1.78
C LEU B 23 10.64 4.47 -0.58
N THR B 24 11.86 4.02 -0.29
CA THR B 24 12.16 3.16 0.85
C THR B 24 12.05 3.97 2.12
N VAL B 25 11.10 3.62 2.97
CA VAL B 25 10.84 4.26 4.27
C VAL B 25 10.99 3.29 5.44
N ASN B 26 11.29 3.84 6.61
CA ASN B 26 11.48 3.04 7.82
C ASN B 26 10.40 3.30 8.86
N GLU B 27 10.08 2.31 9.67
CA GLU B 27 9.06 2.42 10.71
C GLU B 27 9.38 3.58 11.68
N GLY B 28 8.42 4.50 11.85
CA GLY B 28 8.58 5.70 12.65
C GLY B 28 9.30 6.85 11.95
N GLU B 29 9.64 6.72 10.67
CA GLU B 29 10.26 7.79 9.89
C GLU B 29 9.26 8.92 9.60
N ILE B 30 9.78 10.14 9.43
CA ILE B 30 8.99 11.31 9.03
C ILE B 30 9.30 11.66 7.59
N ILE B 31 8.25 11.81 6.80
CA ILE B 31 8.31 12.23 5.40
C ILE B 31 7.23 13.28 5.11
N THR B 32 7.48 14.17 4.17
CA THR B 32 6.52 15.17 3.68
C THR B 32 5.75 14.59 2.51
N ILE B 33 4.49 14.96 2.36
CA ILE B 33 3.64 14.47 1.28
C ILE B 33 3.77 15.38 0.06
N THR B 34 3.73 14.78 -1.14
CA THR B 34 3.70 15.50 -2.42
C THR B 34 2.46 15.10 -3.24
N ASN B 35 1.90 13.91 -2.99
CA ASN B 35 0.66 13.40 -3.61
C ASN B 35 -0.03 12.37 -2.69
N PRO B 36 -1.00 12.75 -1.83
CA PRO B 36 -1.68 11.83 -0.89
C PRO B 36 -2.64 10.82 -1.56
N ASP B 37 -2.85 10.93 -2.87
CA ASP B 37 -3.63 10.03 -3.70
C ASP B 37 -3.09 10.09 -5.14
N VAL B 38 -2.81 8.93 -5.74
CA VAL B 38 -2.32 8.76 -7.13
C VAL B 38 -3.01 7.61 -7.87
N GLY B 39 -3.64 6.69 -7.15
CA GLY B 39 -4.25 5.47 -7.69
C GLY B 39 -3.62 4.18 -7.14
N GLY B 40 -4.30 3.04 -7.33
CA GLY B 40 -3.82 1.71 -6.94
C GLY B 40 -3.54 1.50 -5.43
N GLY B 41 -3.99 2.43 -4.58
CA GLY B 41 -3.73 2.47 -3.14
C GLY B 41 -2.46 3.20 -2.71
N TRP B 42 -1.82 3.95 -3.60
CA TRP B 42 -0.54 4.62 -3.37
C TRP B 42 -0.64 6.12 -3.06
N LEU B 43 0.48 6.66 -2.57
CA LEU B 43 0.75 8.07 -2.31
C LEU B 43 2.23 8.37 -2.64
N GLU B 44 2.56 9.65 -2.68
CA GLU B 44 3.88 10.18 -3.00
C GLU B 44 4.40 11.09 -1.87
N GLY B 45 5.71 11.04 -1.62
CA GLY B 45 6.37 11.75 -0.51
C GLY B 45 7.86 12.05 -0.75
N ARG B 46 8.47 12.77 0.20
CA ARG B 46 9.91 13.13 0.27
C ARG B 46 10.41 12.91 1.70
N ASN B 47 11.54 12.22 1.93
CA ASN B 47 11.98 11.86 3.27
C ASN B 47 13.00 12.80 3.88
N ILE B 48 13.50 12.42 5.06
CA ILE B 48 14.48 13.16 5.83
C ILE B 48 15.70 13.58 5.01
N LYS B 49 16.18 12.67 4.16
CA LYS B 49 17.34 12.85 3.27
C LYS B 49 16.99 13.60 1.97
N GLY B 50 15.71 13.68 1.59
CA GLY B 50 15.27 14.42 0.41
C GLY B 50 15.08 13.58 -0.88
N GLU B 51 14.92 12.27 -0.76
CA GLU B 51 14.58 11.36 -1.87
C GLU B 51 13.07 11.22 -2.02
N ARG B 52 12.59 10.92 -3.24
CA ARG B 52 11.17 10.86 -3.58
C ARG B 52 10.75 9.54 -4.21
N GLY B 53 9.49 9.16 -4.02
CA GLY B 53 8.94 7.94 -4.60
C GLY B 53 7.54 7.61 -4.10
N LEU B 54 6.98 6.52 -4.63
CA LEU B 54 5.70 5.97 -4.22
C LEU B 54 5.79 5.18 -2.91
N VAL B 55 4.73 5.29 -2.10
CA VAL B 55 4.56 4.67 -0.78
C VAL B 55 3.10 4.21 -0.61
N PRO B 56 2.83 3.00 -0.07
CA PRO B 56 1.46 2.52 0.19
C PRO B 56 0.74 3.33 1.29
N THR B 57 -0.52 3.71 1.05
CA THR B 57 -1.35 4.44 2.03
C THR B 57 -1.58 3.70 3.33
N ASP B 58 -1.70 2.38 3.27
CA ASP B 58 -1.99 1.56 4.44
C ASP B 58 -0.75 1.28 5.32
N TYR B 59 0.44 1.75 4.92
CA TYR B 59 1.70 1.63 5.69
C TYR B 59 2.06 2.86 6.53
N VAL B 60 1.44 4.01 6.29
CA VAL B 60 1.77 5.28 6.95
C VAL B 60 0.52 5.93 7.57
N GLU B 61 0.70 6.89 8.48
CA GLU B 61 -0.37 7.71 9.07
C GLU B 61 -0.07 9.21 8.91
N ILE B 62 -1.09 9.98 8.54
CA ILE B 62 -1.01 11.42 8.21
C ILE B 62 -1.14 12.29 9.47
N LEU B 63 -0.17 13.16 9.69
CA LEU B 63 -0.14 14.14 10.78
C LEU B 63 -1.08 15.35 10.51
N PRO B 64 -1.63 16.00 11.55
CA PRO B 64 -2.62 17.08 11.43
C PRO B 64 -2.06 18.40 10.87
N SER B 65 -2.95 19.36 10.62
CA SER B 65 -2.65 20.69 10.07
C SER B 65 -1.75 21.52 11.02
N ASP B 66 -0.93 22.39 10.42
CA ASP B 66 0.08 23.19 11.12
C ASP B 66 -0.48 24.45 11.84
N GLY B 67 -1.68 24.36 12.43
CA GLY B 67 -2.35 25.45 13.14
C GLY B 67 -3.74 25.12 13.67
N GLY A 1 6.40 21.99 -15.40
CA GLY A 1 5.74 21.64 -14.13
C GLY A 1 6.05 20.20 -13.76
N THR A 2 6.46 19.95 -12.51
CA THR A 2 6.78 18.60 -12.02
C THR A 2 5.53 17.71 -11.97
N VAL A 3 5.74 16.39 -12.06
CA VAL A 3 4.66 15.38 -12.19
C VAL A 3 4.62 14.38 -11.04
N ASN A 4 3.50 13.68 -10.97
CA ASN A 4 3.25 12.57 -10.07
C ASN A 4 3.78 11.24 -10.57
N PHE A 5 3.78 10.29 -9.65
CA PHE A 5 4.20 8.92 -9.89
C PHE A 5 3.01 8.00 -10.12
N LYS A 6 3.19 7.02 -11.01
CA LYS A 6 2.17 6.07 -11.44
C LYS A 6 2.63 4.66 -11.06
N PRO A 7 1.87 3.92 -10.25
CA PRO A 7 2.28 2.61 -9.74
C PRO A 7 2.28 1.50 -10.80
N THR A 8 3.29 0.63 -10.74
CA THR A 8 3.41 -0.59 -11.56
C THR A 8 2.57 -1.73 -11.00
N ARG A 9 2.44 -1.78 -9.67
CA ARG A 9 1.78 -2.82 -8.90
C ARG A 9 0.74 -2.22 -7.92
N PRO A 10 -0.35 -2.92 -7.57
CA PRO A 10 -1.29 -2.47 -6.55
C PRO A 10 -0.63 -2.49 -5.17
N ALA A 11 -1.08 -1.63 -4.27
CA ALA A 11 -0.47 -1.44 -2.96
C ALA A 11 -0.39 -2.76 -2.15
N PRO A 12 0.82 -3.18 -1.69
CA PRO A 12 1.02 -4.47 -1.03
C PRO A 12 0.36 -4.57 0.36
N PRO A 13 -0.12 -5.75 0.78
CA PRO A 13 -0.68 -5.98 2.11
C PRO A 13 0.31 -5.69 3.26
N PRO A 14 -0.05 -4.83 4.25
CA PRO A 14 0.79 -4.58 5.43
C PRO A 14 0.91 -5.83 6.32
N PRO A 15 1.98 -5.93 7.14
CA PRO A 15 2.27 -7.11 7.95
C PRO A 15 1.12 -7.46 8.90
N THR A 16 0.94 -8.76 9.17
CA THR A 16 -0.16 -9.38 9.95
C THR A 16 -1.58 -9.30 9.34
N SER A 17 -1.79 -8.49 8.29
CA SER A 17 -3.11 -8.38 7.64
C SER A 17 -3.49 -9.63 6.83
N GLY A 18 -4.74 -10.07 6.95
CA GLY A 18 -5.30 -11.17 6.16
C GLY A 18 -5.55 -10.77 4.70
N GLN A 19 -5.10 -11.62 3.77
CA GLN A 19 -5.29 -11.43 2.31
C GLN A 19 -6.63 -12.00 1.84
N ALA A 20 -7.12 -11.56 0.68
CA ALA A 20 -8.43 -11.95 0.13
C ALA A 20 -8.61 -13.47 -0.11
N SER A 21 -7.52 -14.22 -0.20
CA SER A 21 -7.45 -15.68 -0.34
C SER A 21 -7.18 -16.44 0.98
N GLY A 22 -7.10 -15.73 2.12
CA GLY A 22 -6.70 -16.28 3.42
C GLY A 22 -7.64 -17.31 4.06
N ALA A 23 -8.95 -17.21 3.85
CA ALA A 23 -9.95 -18.13 4.44
C ALA A 23 -10.49 -19.11 3.38
N SER A 24 -10.00 -20.35 3.39
CA SER A 24 -10.28 -21.38 2.38
C SER A 24 -11.57 -22.20 2.59
N ARG A 25 -12.63 -21.58 3.13
CA ARG A 25 -13.97 -22.16 3.44
C ARG A 25 -13.97 -23.32 4.46
N PRO A 26 -15.13 -23.63 5.07
CA PRO A 26 -15.28 -24.71 6.06
C PRO A 26 -15.39 -26.11 5.43
N LEU A 27 -15.29 -27.13 6.29
CA LEU A 27 -15.48 -28.55 5.94
C LEU A 27 -16.96 -28.91 5.69
N PRO A 28 -17.24 -29.96 4.89
CA PRO A 28 -18.59 -30.48 4.69
C PRO A 28 -19.03 -31.32 5.92
N PRO A 29 -20.34 -31.58 6.09
CA PRO A 29 -20.85 -32.44 7.16
C PRO A 29 -20.51 -33.92 6.94
N ILE A 30 -20.46 -34.66 8.04
CA ILE A 30 -20.18 -36.10 8.09
C ILE A 30 -21.40 -36.90 7.58
N ALA A 31 -21.14 -37.93 6.78
CA ALA A 31 -22.13 -38.81 6.15
C ALA A 31 -21.53 -40.21 5.85
N GLN A 32 -22.37 -41.18 5.49
CA GLN A 32 -21.99 -42.56 5.14
C GLN A 32 -23.05 -43.14 4.18
N ALA A 33 -22.79 -42.98 2.88
CA ALA A 33 -23.74 -43.30 1.80
C ALA A 33 -23.16 -44.13 0.64
N LEU A 34 -22.45 -45.20 0.97
CA LEU A 34 -21.96 -46.20 0.01
C LEU A 34 -23.14 -46.87 -0.74
N LYS A 35 -22.85 -47.71 -1.75
CA LYS A 35 -23.89 -48.43 -2.52
C LYS A 35 -24.54 -49.56 -1.72
N ASP A 36 -25.41 -49.18 -0.79
CA ASP A 36 -26.09 -50.02 0.20
C ASP A 36 -27.11 -51.01 -0.40
N HIS A 37 -27.60 -50.80 -1.63
CA HIS A 37 -28.63 -51.62 -2.27
C HIS A 37 -28.21 -53.08 -2.43
N LEU A 38 -29.04 -54.02 -1.94
CA LEU A 38 -28.86 -55.48 -1.95
C LEU A 38 -27.53 -56.03 -1.36
N ALA A 39 -26.71 -55.17 -0.74
CA ALA A 39 -25.40 -55.51 -0.19
C ALA A 39 -25.50 -56.51 0.98
N ALA A 40 -26.43 -56.31 1.92
CA ALA A 40 -26.60 -57.21 3.07
C ALA A 40 -26.99 -58.64 2.65
N TYR A 41 -27.77 -58.77 1.56
CA TYR A 41 -28.12 -60.06 0.97
C TYR A 41 -26.89 -60.72 0.34
N GLU A 42 -26.13 -59.95 -0.43
CA GLU A 42 -25.00 -60.47 -1.20
C GLU A 42 -23.86 -60.99 -0.30
N LEU A 43 -23.68 -60.37 0.89
CA LEU A 43 -22.69 -60.74 1.90
C LEU A 43 -23.12 -61.90 2.83
N SER A 44 -24.38 -62.30 2.78
CA SER A 44 -24.97 -63.34 3.64
C SER A 44 -24.83 -64.75 3.07
N LYS A 45 -24.81 -65.78 3.94
CA LYS A 45 -24.73 -67.20 3.56
C LYS A 45 -26.10 -67.77 3.19
N ALA A 46 -26.12 -68.71 2.24
CA ALA A 46 -27.33 -69.45 1.84
C ALA A 46 -26.95 -70.75 1.07
N SER A 47 -27.33 -71.92 1.58
CA SER A 47 -26.99 -73.24 1.00
C SER A 47 -28.23 -73.97 0.44
N GLU A 48 -28.09 -74.55 -0.75
CA GLU A 48 -29.12 -75.39 -1.41
C GLU A 48 -29.41 -76.71 -0.69
N GLY B 1 -6.44 23.32 -2.82
CA GLY B 1 -5.01 23.28 -2.48
C GLY B 1 -4.75 23.72 -1.07
N SER B 2 -4.01 22.92 -0.30
CA SER B 2 -3.59 23.21 1.08
C SER B 2 -2.73 24.47 1.18
N HIS B 3 -2.85 25.22 2.28
CA HIS B 3 -2.10 26.45 2.53
C HIS B 3 -0.69 26.19 3.11
N MET B 4 -0.51 25.08 3.83
CA MET B 4 0.76 24.60 4.42
C MET B 4 1.01 23.14 4.05
N ALA B 5 2.24 22.65 4.24
CA ALA B 5 2.59 21.24 4.04
C ALA B 5 1.96 20.30 5.09
N THR B 6 1.91 19.00 4.78
CA THR B 6 1.41 17.92 5.65
C THR B 6 2.55 16.93 5.92
N LYS B 7 2.56 16.30 7.11
CA LYS B 7 3.53 15.24 7.49
C LYS B 7 2.83 13.89 7.71
N ALA B 8 3.58 12.80 7.55
CA ALA B 8 3.13 11.44 7.83
C ALA B 8 4.12 10.67 8.71
N ARG B 9 3.56 9.80 9.55
CA ARG B 9 4.28 8.84 10.40
C ARG B 9 4.20 7.44 9.77
N VAL B 10 5.33 6.77 9.60
CA VAL B 10 5.36 5.40 9.07
C VAL B 10 4.92 4.38 10.12
N MET B 11 4.07 3.42 9.75
CA MET B 11 3.63 2.31 10.61
C MET B 11 4.51 1.06 10.48
N TYR B 12 5.15 0.85 9.33
CA TYR B 12 5.99 -0.33 9.02
C TYR B 12 7.13 -0.02 8.02
N ASP B 13 8.27 -0.68 8.18
CA ASP B 13 9.44 -0.57 7.29
C ASP B 13 9.11 -1.04 5.85
N PHE B 14 9.22 -0.14 4.87
CA PHE B 14 8.89 -0.40 3.46
C PHE B 14 10.14 -0.42 2.58
N ALA B 15 10.16 -1.27 1.56
CA ALA B 15 11.32 -1.51 0.69
C ALA B 15 10.98 -1.31 -0.80
N ALA B 16 11.60 -0.33 -1.46
CA ALA B 16 11.28 0.03 -2.85
C ALA B 16 11.62 -1.05 -3.91
N GLU B 17 10.63 -1.46 -4.72
CA GLU B 17 10.80 -2.38 -5.86
C GLU B 17 11.68 -1.77 -6.97
N PRO B 18 12.43 -2.61 -7.72
CA PRO B 18 13.30 -2.14 -8.81
C PRO B 18 12.50 -1.49 -9.94
N GLY B 19 12.69 -0.17 -10.13
CA GLY B 19 12.13 0.62 -11.22
C GLY B 19 10.74 1.24 -11.00
N ASN B 20 9.99 0.86 -9.94
CA ASN B 20 8.62 1.34 -9.70
C ASN B 20 8.56 2.76 -9.08
N ASN B 21 9.67 3.50 -9.08
CA ASN B 21 9.87 4.80 -8.43
C ASN B 21 9.25 4.88 -7.02
N GLU B 22 9.41 3.83 -6.23
CA GLU B 22 9.01 3.72 -4.81
C GLU B 22 9.98 4.45 -3.87
N LEU B 23 9.53 4.76 -2.64
CA LEU B 23 10.31 5.44 -1.60
C LEU B 23 10.58 4.48 -0.42
N THR B 24 11.82 4.06 -0.22
CA THR B 24 12.21 3.24 0.92
C THR B 24 12.12 4.09 2.20
N VAL B 25 11.27 3.66 3.12
CA VAL B 25 11.06 4.31 4.43
C VAL B 25 11.21 3.34 5.59
N ASN B 26 11.44 3.86 6.79
CA ASN B 26 11.55 3.06 8.01
C ASN B 26 10.36 3.31 8.95
N GLU B 27 9.98 2.28 9.70
CA GLU B 27 8.92 2.33 10.71
C GLU B 27 9.19 3.46 11.72
N GLY B 28 8.21 4.35 11.88
CA GLY B 28 8.28 5.54 12.72
C GLY B 28 9.03 6.74 12.13
N GLU B 29 9.40 6.69 10.85
CA GLU B 29 10.02 7.83 10.17
C GLU B 29 8.99 8.94 9.90
N ILE B 30 9.49 10.17 9.72
CA ILE B 30 8.72 11.36 9.37
C ILE B 30 9.08 11.86 7.97
N ILE B 31 8.07 12.00 7.11
CA ILE B 31 8.21 12.50 5.74
C ILE B 31 7.08 13.50 5.40
N THR B 32 7.33 14.39 4.44
CA THR B 32 6.30 15.34 3.94
C THR B 32 5.51 14.66 2.84
N ILE B 33 4.24 15.02 2.70
CA ILE B 33 3.39 14.54 1.63
C ILE B 33 3.61 15.39 0.37
N THR B 34 3.68 14.74 -0.80
CA THR B 34 3.78 15.39 -2.11
C THR B 34 2.64 14.97 -3.06
N ASN B 35 1.96 13.83 -2.80
CA ASN B 35 0.77 13.36 -3.53
C ASN B 35 -0.03 12.36 -2.65
N PRO B 36 -1.01 12.80 -1.82
CA PRO B 36 -1.75 11.94 -0.88
C PRO B 36 -2.70 10.93 -1.52
N ASP B 37 -2.86 10.96 -2.84
CA ASP B 37 -3.62 10.01 -3.67
C ASP B 37 -3.08 10.08 -5.10
N VAL B 38 -2.73 8.93 -5.68
CA VAL B 38 -2.27 8.76 -7.08
C VAL B 38 -2.99 7.61 -7.80
N GLY B 39 -3.70 6.73 -7.07
CA GLY B 39 -4.35 5.53 -7.60
C GLY B 39 -3.74 4.25 -7.03
N GLY B 40 -4.47 3.13 -7.12
CA GLY B 40 -3.97 1.81 -6.72
C GLY B 40 -3.65 1.63 -5.23
N GLY B 41 -4.07 2.58 -4.39
CA GLY B 41 -3.77 2.66 -2.95
C GLY B 41 -2.48 3.40 -2.57
N TRP B 42 -1.82 4.03 -3.54
CA TRP B 42 -0.52 4.67 -3.35
C TRP B 42 -0.60 6.18 -3.04
N LEU B 43 0.51 6.72 -2.54
CA LEU B 43 0.78 8.14 -2.29
C LEU B 43 2.26 8.45 -2.58
N GLU B 44 2.60 9.72 -2.71
CA GLU B 44 3.95 10.25 -2.87
C GLU B 44 4.34 11.11 -1.65
N GLY B 45 5.60 11.03 -1.25
CA GLY B 45 6.18 11.82 -0.15
C GLY B 45 7.65 12.16 -0.40
N ARG B 46 8.27 12.88 0.54
CA ARG B 46 9.69 13.29 0.51
C ARG B 46 10.32 13.22 1.89
N ASN B 47 11.49 12.57 2.03
CA ASN B 47 12.18 12.40 3.31
C ASN B 47 13.15 13.53 3.65
N ILE B 48 13.79 13.41 4.81
CA ILE B 48 14.87 14.29 5.32
C ILE B 48 15.99 14.51 4.29
N LYS B 49 16.37 13.45 3.59
CA LYS B 49 17.37 13.45 2.52
C LYS B 49 16.86 14.09 1.23
N GLY B 50 15.54 14.20 1.09
CA GLY B 50 14.90 14.91 -0.02
C GLY B 50 14.49 14.00 -1.18
N GLU B 51 14.61 12.69 -1.03
CA GLU B 51 14.16 11.74 -2.07
C GLU B 51 12.67 11.58 -2.00
N ARG B 52 12.06 11.36 -3.17
CA ARG B 52 10.64 11.08 -3.29
C ARG B 52 10.37 9.76 -4.02
N GLY B 53 9.16 9.25 -3.87
CA GLY B 53 8.75 7.95 -4.40
C GLY B 53 7.35 7.55 -3.95
N LEU B 54 6.85 6.48 -4.55
CA LEU B 54 5.58 5.86 -4.20
C LEU B 54 5.66 5.09 -2.88
N VAL B 55 4.60 5.21 -2.10
CA VAL B 55 4.41 4.64 -0.76
C VAL B 55 2.95 4.15 -0.61
N PRO B 56 2.70 2.93 -0.08
CA PRO B 56 1.36 2.46 0.20
C PRO B 56 0.69 3.24 1.35
N THR B 57 -0.55 3.71 1.14
CA THR B 57 -1.34 4.42 2.17
C THR B 57 -1.67 3.59 3.40
N ASP B 58 -1.71 2.27 3.27
CA ASP B 58 -1.94 1.34 4.37
C ASP B 58 -0.68 1.09 5.22
N TYR B 59 0.49 1.62 4.81
CA TYR B 59 1.76 1.53 5.56
C TYR B 59 2.12 2.77 6.38
N VAL B 60 1.47 3.90 6.13
CA VAL B 60 1.77 5.18 6.79
C VAL B 60 0.47 5.87 7.25
N GLU B 61 0.57 6.82 8.17
CA GLU B 61 -0.59 7.63 8.60
C GLU B 61 -0.32 9.13 8.61
N ILE B 62 -1.32 9.90 8.20
CA ILE B 62 -1.26 11.37 8.14
C ILE B 62 -1.34 11.97 9.56
N LEU B 63 -0.42 12.88 9.87
CA LEU B 63 -0.39 13.62 11.13
C LEU B 63 -1.32 14.86 11.11
N PRO B 64 -1.86 15.26 12.29
CA PRO B 64 -2.69 16.44 12.46
C PRO B 64 -1.86 17.74 12.51
N SER B 65 -2.57 18.85 12.54
CA SER B 65 -2.02 20.23 12.55
C SER B 65 -1.56 20.70 13.95
N ASP B 66 -0.78 19.86 14.64
CA ASP B 66 -0.10 20.13 15.93
C ASP B 66 -0.96 20.50 17.15
N GLY B 67 -2.29 20.33 17.08
CA GLY B 67 -3.22 20.53 18.21
C GLY B 67 -3.38 19.30 19.09
N GLY A 1 3.05 22.33 -13.45
CA GLY A 1 4.08 22.08 -12.43
C GLY A 1 4.74 20.74 -12.65
N THR A 2 5.18 20.09 -11.57
CA THR A 2 5.75 18.73 -11.59
C THR A 2 4.72 17.65 -11.90
N VAL A 3 5.19 16.50 -12.38
CA VAL A 3 4.36 15.30 -12.63
C VAL A 3 4.17 14.48 -11.35
N ASN A 4 3.13 13.66 -11.37
CA ASN A 4 2.83 12.68 -10.33
C ASN A 4 3.45 11.32 -10.65
N PHE A 5 3.61 10.49 -9.63
CA PHE A 5 4.15 9.14 -9.81
C PHE A 5 3.02 8.14 -10.09
N LYS A 6 3.29 7.13 -10.93
CA LYS A 6 2.31 6.16 -11.42
C LYS A 6 2.74 4.73 -11.03
N PRO A 7 2.04 4.06 -10.09
CA PRO A 7 2.41 2.75 -9.55
C PRO A 7 2.32 1.61 -10.57
N THR A 8 3.34 0.74 -10.56
CA THR A 8 3.46 -0.43 -11.46
C THR A 8 2.67 -1.64 -10.95
N ARG A 9 2.37 -1.66 -9.64
CA ARG A 9 1.72 -2.77 -8.93
C ARG A 9 0.65 -2.28 -7.93
N PRO A 10 -0.31 -3.11 -7.50
CA PRO A 10 -1.27 -2.74 -6.46
C PRO A 10 -0.55 -2.64 -5.10
N ALA A 11 -1.00 -1.71 -4.25
CA ALA A 11 -0.40 -1.48 -2.93
C ALA A 11 -0.39 -2.78 -2.10
N PRO A 12 0.80 -3.24 -1.63
CA PRO A 12 0.94 -4.53 -0.95
C PRO A 12 0.21 -4.63 0.40
N PRO A 13 -0.03 -5.86 0.90
CA PRO A 13 -0.61 -6.09 2.22
C PRO A 13 0.43 -5.79 3.34
N PRO A 14 0.08 -4.96 4.35
CA PRO A 14 0.94 -4.72 5.52
C PRO A 14 1.04 -5.95 6.45
N PRO A 15 2.09 -6.03 7.28
CA PRO A 15 2.27 -7.10 8.26
C PRO A 15 1.28 -6.97 9.43
N THR A 16 1.14 -8.02 10.25
CA THR A 16 0.30 -8.06 11.47
C THR A 16 -1.09 -7.41 11.27
N SER A 17 -1.73 -7.71 10.13
CA SER A 17 -2.99 -7.10 9.69
C SER A 17 -3.85 -8.09 8.90
N GLY A 18 -4.87 -8.69 9.52
CA GLY A 18 -5.83 -9.56 8.84
C GLY A 18 -6.85 -8.80 7.97
N GLN A 19 -7.44 -9.46 6.97
CA GLN A 19 -8.44 -8.87 6.07
C GLN A 19 -9.55 -9.88 5.72
N ALA A 20 -10.80 -9.42 5.58
CA ALA A 20 -11.97 -10.26 5.37
C ALA A 20 -11.91 -11.13 4.09
N SER A 21 -11.38 -10.56 3.00
CA SER A 21 -11.19 -11.18 1.68
C SER A 21 -10.18 -10.34 0.85
N GLY A 22 -9.58 -10.91 -0.20
CA GLY A 22 -8.55 -10.23 -1.01
C GLY A 22 -8.14 -10.95 -2.30
N ALA A 23 -9.08 -11.55 -3.02
CA ALA A 23 -8.82 -12.29 -4.26
C ALA A 23 -9.99 -12.24 -5.26
N SER A 24 -9.67 -12.28 -6.55
CA SER A 24 -10.61 -12.29 -7.69
C SER A 24 -11.56 -13.50 -7.69
N ARG A 25 -12.77 -13.31 -8.25
CA ARG A 25 -13.88 -14.30 -8.26
C ARG A 25 -14.80 -14.11 -9.47
N PRO A 26 -15.37 -15.18 -10.06
CA PRO A 26 -16.30 -15.06 -11.18
C PRO A 26 -17.62 -14.40 -10.75
N LEU A 27 -18.04 -13.37 -11.47
CA LEU A 27 -19.32 -12.67 -11.23
C LEU A 27 -20.53 -13.63 -11.40
N PRO A 28 -21.64 -13.43 -10.65
CA PRO A 28 -22.78 -14.34 -10.63
C PRO A 28 -23.47 -14.49 -12.00
N PRO A 29 -24.07 -15.65 -12.30
CA PRO A 29 -24.76 -15.92 -13.56
C PRO A 29 -26.06 -15.11 -13.71
N ILE A 30 -26.65 -15.15 -14.90
CA ILE A 30 -27.93 -14.47 -15.21
C ILE A 30 -29.06 -15.06 -14.37
N ALA A 31 -29.90 -14.20 -13.81
CA ALA A 31 -31.06 -14.54 -12.97
C ALA A 31 -32.29 -15.01 -13.78
N GLN A 32 -33.30 -15.51 -13.07
CA GLN A 32 -34.61 -15.93 -13.61
C GLN A 32 -35.43 -14.79 -14.24
N ALA A 33 -35.00 -13.53 -14.07
CA ALA A 33 -35.64 -12.34 -14.62
C ALA A 33 -35.57 -12.26 -16.15
N LEU A 34 -36.58 -11.66 -16.73
CA LEU A 34 -36.83 -11.54 -18.18
C LEU A 34 -37.73 -10.32 -18.48
N LYS A 35 -38.24 -10.17 -19.71
CA LYS A 35 -39.21 -9.12 -20.10
C LYS A 35 -40.60 -9.41 -19.50
N ASP A 36 -40.73 -9.22 -18.19
CA ASP A 36 -41.92 -9.56 -17.40
C ASP A 36 -43.06 -8.53 -17.50
N HIS A 37 -42.82 -7.33 -18.04
CA HIS A 37 -43.82 -6.25 -18.10
C HIS A 37 -45.09 -6.69 -18.86
N LEU A 38 -46.22 -6.71 -18.15
CA LEU A 38 -47.54 -7.20 -18.58
C LEU A 38 -47.58 -8.67 -19.07
N ALA A 39 -46.53 -9.44 -18.83
CA ALA A 39 -46.42 -10.83 -19.31
C ALA A 39 -47.44 -11.78 -18.65
N ALA A 40 -47.70 -11.66 -17.34
CA ALA A 40 -48.70 -12.48 -16.64
C ALA A 40 -50.16 -12.20 -17.08
N TYR A 41 -50.47 -10.97 -17.52
CA TYR A 41 -51.77 -10.62 -18.10
C TYR A 41 -51.92 -11.25 -19.47
N GLU A 42 -50.82 -11.26 -20.22
CA GLU A 42 -50.82 -11.85 -21.54
C GLU A 42 -50.95 -13.39 -21.50
N LEU A 43 -50.18 -14.02 -20.60
CA LEU A 43 -50.13 -15.47 -20.37
C LEU A 43 -51.27 -15.97 -19.44
N SER A 44 -52.45 -15.33 -19.47
CA SER A 44 -53.63 -15.80 -18.73
C SER A 44 -54.17 -17.09 -19.37
N LYS A 45 -54.67 -18.02 -18.54
CA LYS A 45 -55.24 -19.32 -18.96
C LYS A 45 -56.66 -19.54 -18.43
N ALA A 46 -57.42 -20.44 -19.05
CA ALA A 46 -58.82 -20.77 -18.71
C ALA A 46 -59.77 -19.56 -18.66
N SER A 47 -59.47 -18.50 -19.42
CA SER A 47 -60.19 -17.22 -19.39
C SER A 47 -60.56 -16.68 -20.78
N GLU A 48 -59.91 -17.16 -21.85
CA GLU A 48 -60.09 -16.80 -23.27
C GLU A 48 -59.85 -15.32 -23.60
N GLY B 1 0.84 28.77 11.72
CA GLY B 1 1.17 28.95 10.29
C GLY B 1 -0.06 28.82 9.41
N SER B 2 0.10 29.10 8.10
CA SER B 2 -0.95 28.93 7.08
C SER B 2 -0.38 28.45 5.75
N HIS B 3 -1.18 27.70 4.97
CA HIS B 3 -0.76 27.06 3.71
C HIS B 3 0.50 26.17 3.91
N MET B 4 0.55 25.45 5.04
CA MET B 4 1.70 24.63 5.48
C MET B 4 1.75 23.25 4.80
N ALA B 5 2.93 22.63 4.77
CA ALA B 5 3.12 21.26 4.25
C ALA B 5 2.37 20.20 5.08
N THR B 6 2.29 18.97 4.55
CA THR B 6 1.70 17.82 5.27
C THR B 6 2.78 16.76 5.49
N LYS B 7 2.80 16.12 6.66
CA LYS B 7 3.71 15.04 7.04
C LYS B 7 2.96 13.72 7.27
N ALA B 8 3.70 12.62 7.19
CA ALA B 8 3.23 11.28 7.49
C ALA B 8 4.22 10.55 8.39
N ARG B 9 3.66 9.76 9.31
CA ARG B 9 4.38 8.85 10.21
C ARG B 9 4.24 7.44 9.66
N VAL B 10 5.33 6.71 9.54
CA VAL B 10 5.32 5.33 9.04
C VAL B 10 4.83 4.33 10.09
N MET B 11 3.92 3.43 9.70
CA MET B 11 3.40 2.33 10.52
C MET B 11 4.23 1.04 10.43
N TYR B 12 4.91 0.81 9.31
CA TYR B 12 5.79 -0.35 9.07
C TYR B 12 6.88 0.00 8.06
N ASP B 13 8.07 -0.57 8.22
CA ASP B 13 9.16 -0.41 7.27
C ASP B 13 8.77 -0.92 5.87
N PHE B 14 9.09 -0.14 4.84
CA PHE B 14 8.81 -0.41 3.42
C PHE B 14 10.08 -0.38 2.57
N ALA B 15 10.13 -1.21 1.52
CA ALA B 15 11.25 -1.30 0.58
C ALA B 15 10.80 -1.14 -0.87
N ALA B 16 11.48 -0.25 -1.60
CA ALA B 16 11.16 0.09 -2.99
C ALA B 16 11.52 -0.99 -4.04
N GLU B 17 10.59 -1.30 -4.94
CA GLU B 17 10.80 -2.21 -6.07
C GLU B 17 11.74 -1.63 -7.15
N PRO B 18 12.46 -2.48 -7.89
CA PRO B 18 13.40 -2.05 -8.93
C PRO B 18 12.66 -1.45 -10.12
N GLY B 19 12.90 -0.16 -10.38
CA GLY B 19 12.30 0.61 -11.47
C GLY B 19 10.90 1.18 -11.22
N ASN B 20 10.23 0.84 -10.11
CA ASN B 20 8.87 1.30 -9.81
C ASN B 20 8.79 2.77 -9.33
N ASN B 21 9.93 3.43 -9.11
CA ASN B 21 10.05 4.76 -8.50
C ASN B 21 9.32 4.84 -7.14
N GLU B 22 9.51 3.80 -6.33
CA GLU B 22 9.05 3.67 -4.95
C GLU B 22 10.08 4.29 -3.97
N LEU B 23 9.64 4.69 -2.78
CA LEU B 23 10.45 5.32 -1.74
C LEU B 23 10.56 4.38 -0.52
N THR B 24 11.76 3.85 -0.28
CA THR B 24 12.09 3.03 0.89
C THR B 24 12.02 3.89 2.14
N VAL B 25 11.25 3.44 3.13
CA VAL B 25 11.07 4.11 4.43
C VAL B 25 11.14 3.17 5.64
N ASN B 26 11.36 3.72 6.82
CA ASN B 26 11.45 2.96 8.07
C ASN B 26 10.24 3.17 8.97
N GLU B 27 9.86 2.15 9.75
CA GLU B 27 8.79 2.26 10.74
C GLU B 27 9.05 3.42 11.73
N GLY B 28 8.09 4.32 11.87
CA GLY B 28 8.20 5.51 12.70
C GLY B 28 8.96 6.68 12.06
N GLU B 29 9.40 6.56 10.81
CA GLU B 29 10.03 7.66 10.07
C GLU B 29 9.02 8.78 9.78
N ILE B 30 9.52 10.01 9.62
CA ILE B 30 8.72 11.17 9.22
C ILE B 30 9.08 11.55 7.79
N ILE B 31 8.06 11.70 6.94
CA ILE B 31 8.20 12.17 5.55
C ILE B 31 7.13 13.21 5.23
N THR B 32 7.38 14.04 4.22
CA THR B 32 6.44 15.03 3.69
C THR B 32 5.68 14.43 2.53
N ILE B 33 4.43 14.84 2.37
CA ILE B 33 3.57 14.36 1.29
C ILE B 33 3.76 15.26 0.06
N THR B 34 3.85 14.63 -1.11
CA THR B 34 3.89 15.32 -2.41
C THR B 34 2.64 14.97 -3.25
N ASN B 35 2.02 13.80 -3.04
CA ASN B 35 0.76 13.38 -3.68
C ASN B 35 -0.01 12.38 -2.77
N PRO B 36 -0.99 12.79 -1.94
CA PRO B 36 -1.74 11.89 -1.04
C PRO B 36 -2.74 10.95 -1.76
N ASP B 37 -2.87 11.07 -3.07
CA ASP B 37 -3.68 10.25 -3.96
C ASP B 37 -3.02 10.24 -5.35
N VAL B 38 -2.87 9.05 -5.91
CA VAL B 38 -2.36 8.78 -7.27
C VAL B 38 -3.12 7.62 -7.95
N GLY B 39 -3.66 6.69 -7.16
CA GLY B 39 -4.32 5.47 -7.62
C GLY B 39 -3.69 4.21 -7.04
N GLY B 40 -4.37 3.06 -7.16
CA GLY B 40 -3.85 1.75 -6.75
C GLY B 40 -3.55 1.59 -5.25
N GLY B 41 -3.99 2.53 -4.42
CA GLY B 41 -3.71 2.62 -2.99
C GLY B 41 -2.39 3.32 -2.62
N TRP B 42 -1.73 3.98 -3.57
CA TRP B 42 -0.43 4.61 -3.37
C TRP B 42 -0.53 6.12 -3.09
N LEU B 43 0.59 6.67 -2.62
CA LEU B 43 0.82 8.09 -2.40
C LEU B 43 2.29 8.39 -2.71
N GLU B 44 2.59 9.65 -3.01
CA GLU B 44 3.93 10.16 -3.22
C GLU B 44 4.40 10.99 -2.01
N GLY B 45 5.67 10.86 -1.67
CA GLY B 45 6.29 11.53 -0.52
C GLY B 45 7.79 11.80 -0.71
N ARG B 46 8.37 12.55 0.23
CA ARG B 46 9.79 12.95 0.30
C ARG B 46 10.26 12.97 1.75
N ASN B 47 11.40 12.34 2.05
CA ASN B 47 11.92 12.25 3.42
C ASN B 47 12.87 13.38 3.79
N ILE B 48 13.37 13.29 5.02
CA ILE B 48 14.31 14.24 5.64
C ILE B 48 15.56 14.53 4.80
N LYS B 49 16.04 13.47 4.14
CA LYS B 49 17.20 13.37 3.26
C LYS B 49 16.90 13.80 1.82
N GLY B 50 15.62 13.85 1.43
CA GLY B 50 15.18 14.40 0.13
C GLY B 50 14.99 13.39 -1.02
N GLU B 51 14.94 12.11 -0.68
CA GLU B 51 14.60 11.05 -1.63
C GLU B 51 13.08 11.00 -1.79
N ARG B 52 12.59 10.76 -3.01
CA ARG B 52 11.16 10.80 -3.33
C ARG B 52 10.72 9.56 -4.09
N GLY B 53 9.47 9.16 -3.89
CA GLY B 53 8.94 7.91 -4.46
C GLY B 53 7.53 7.59 -3.99
N LEU B 54 6.98 6.52 -4.56
CA LEU B 54 5.71 5.95 -4.19
C LEU B 54 5.79 5.14 -2.89
N VAL B 55 4.74 5.25 -2.08
CA VAL B 55 4.59 4.62 -0.79
C VAL B 55 3.12 4.17 -0.64
N PRO B 56 2.84 2.95 -0.12
CA PRO B 56 1.47 2.49 0.11
C PRO B 56 0.78 3.25 1.25
N THR B 57 -0.46 3.70 1.04
CA THR B 57 -1.30 4.36 2.07
C THR B 57 -1.57 3.46 3.27
N ASP B 58 -1.59 2.14 3.07
CA ASP B 58 -1.75 1.14 4.14
C ASP B 58 -0.53 0.98 5.05
N TYR B 59 0.61 1.64 4.73
CA TYR B 59 1.85 1.56 5.52
C TYR B 59 2.18 2.84 6.29
N VAL B 60 1.47 3.94 6.05
CA VAL B 60 1.74 5.23 6.71
C VAL B 60 0.44 5.91 7.20
N GLU B 61 0.54 6.79 8.20
CA GLU B 61 -0.57 7.60 8.69
C GLU B 61 -0.28 9.10 8.57
N ILE B 62 -1.27 9.89 8.14
CA ILE B 62 -1.15 11.33 7.92
C ILE B 62 -1.26 12.10 9.23
N LEU B 63 -0.28 12.97 9.49
CA LEU B 63 -0.20 13.88 10.63
C LEU B 63 -0.92 15.23 10.37
N PRO B 64 -1.31 15.97 11.42
CA PRO B 64 -1.88 17.31 11.30
C PRO B 64 -0.80 18.36 10.97
N SER B 65 -1.23 19.58 10.66
CA SER B 65 -0.33 20.72 10.43
C SER B 65 0.49 21.03 11.68
N ASP B 66 1.74 21.41 11.49
CA ASP B 66 2.67 21.77 12.58
C ASP B 66 2.28 23.07 13.33
N GLY B 67 1.31 23.82 12.80
CA GLY B 67 0.70 25.03 13.36
C GLY B 67 -0.57 25.41 12.60
N GLY A 1 7.18 21.40 -14.76
CA GLY A 1 7.67 21.33 -13.39
C GLY A 1 7.64 19.89 -12.89
N THR A 2 7.38 19.70 -11.59
CA THR A 2 7.20 18.36 -10.97
C THR A 2 5.91 17.68 -11.43
N VAL A 3 5.86 16.34 -11.32
CA VAL A 3 4.69 15.51 -11.69
C VAL A 3 4.46 14.38 -10.70
N ASN A 4 3.22 13.88 -10.68
CA ASN A 4 2.83 12.73 -9.89
C ASN A 4 3.40 11.41 -10.42
N PHE A 5 3.51 10.47 -9.49
CA PHE A 5 4.05 9.14 -9.74
C PHE A 5 2.95 8.12 -10.02
N LYS A 6 3.23 7.19 -10.93
CA LYS A 6 2.28 6.18 -11.40
C LYS A 6 2.76 4.76 -11.02
N PRO A 7 2.00 4.03 -10.17
CA PRO A 7 2.39 2.72 -9.62
C PRO A 7 2.33 1.58 -10.65
N THR A 8 3.33 0.70 -10.61
CA THR A 8 3.48 -0.47 -11.51
C THR A 8 2.72 -1.70 -11.01
N ARG A 9 2.42 -1.72 -9.70
CA ARG A 9 1.74 -2.82 -8.99
C ARG A 9 0.68 -2.27 -8.02
N PRO A 10 -0.39 -3.02 -7.71
CA PRO A 10 -1.35 -2.62 -6.68
C PRO A 10 -0.64 -2.64 -5.32
N ALA A 11 -1.06 -1.76 -4.40
CA ALA A 11 -0.40 -1.60 -3.11
C ALA A 11 -0.37 -2.92 -2.29
N PRO A 12 0.80 -3.31 -1.74
CA PRO A 12 0.96 -4.55 -0.99
C PRO A 12 0.25 -4.52 0.38
N PRO A 13 -0.10 -5.68 0.96
CA PRO A 13 -0.67 -5.77 2.30
C PRO A 13 0.36 -5.43 3.39
N PRO A 14 -0.05 -4.75 4.49
CA PRO A 14 0.80 -4.52 5.65
C PRO A 14 0.96 -5.82 6.46
N PRO A 15 1.98 -5.95 7.32
CA PRO A 15 2.27 -7.18 8.05
C PRO A 15 1.16 -7.56 9.04
N THR A 16 1.02 -8.87 9.31
CA THR A 16 -0.02 -9.48 10.18
C THR A 16 -1.47 -9.15 9.78
N SER A 17 -1.77 -9.10 8.47
CA SER A 17 -3.14 -8.88 7.97
C SER A 17 -4.04 -10.12 8.15
N GLY A 18 -5.34 -9.89 8.40
CA GLY A 18 -6.31 -10.96 8.69
C GLY A 18 -7.80 -10.57 8.69
N GLN A 19 -8.14 -9.27 8.60
CA GLN A 19 -9.51 -8.75 8.47
C GLN A 19 -9.53 -7.55 7.51
N ALA A 20 -9.90 -7.81 6.26
CA ALA A 20 -9.98 -6.78 5.22
C ALA A 20 -11.22 -5.87 5.40
N SER A 21 -11.08 -4.59 5.01
CA SER A 21 -12.19 -3.63 5.00
C SER A 21 -13.19 -3.96 3.89
N GLY A 22 -14.34 -4.56 4.23
CA GLY A 22 -15.33 -5.05 3.28
C GLY A 22 -16.27 -6.11 3.86
N ALA A 23 -17.20 -6.56 3.02
CA ALA A 23 -18.26 -7.49 3.41
C ALA A 23 -17.74 -8.88 3.84
N SER A 24 -18.24 -9.37 4.97
CA SER A 24 -18.01 -10.70 5.54
C SER A 24 -18.96 -11.75 4.96
N ARG A 25 -18.57 -13.02 5.14
CA ARG A 25 -19.25 -14.27 4.71
C ARG A 25 -19.33 -14.46 3.19
N PRO A 26 -19.40 -15.71 2.70
CA PRO A 26 -19.42 -16.01 1.27
C PRO A 26 -20.77 -15.64 0.64
N LEU A 27 -20.77 -15.30 -0.65
CA LEU A 27 -21.99 -15.04 -1.42
C LEU A 27 -22.81 -16.33 -1.64
N PRO A 28 -24.15 -16.23 -1.81
CA PRO A 28 -25.00 -17.38 -2.07
C PRO A 28 -24.81 -17.95 -3.50
N PRO A 29 -25.16 -19.23 -3.73
CA PRO A 29 -25.13 -19.85 -5.05
C PRO A 29 -26.20 -19.29 -5.99
N ILE A 30 -26.00 -19.50 -7.29
CA ILE A 30 -26.83 -18.94 -8.36
C ILE A 30 -28.20 -19.64 -8.44
N ALA A 31 -29.26 -18.84 -8.58
CA ALA A 31 -30.66 -19.21 -8.77
C ALA A 31 -31.30 -20.08 -7.66
N GLN A 32 -30.74 -20.00 -6.45
CA GLN A 32 -31.27 -20.64 -5.25
C GLN A 32 -32.38 -19.77 -4.61
N ALA A 33 -33.46 -20.38 -4.12
CA ALA A 33 -34.56 -19.67 -3.45
C ALA A 33 -35.09 -20.39 -2.20
N LEU A 34 -35.44 -19.58 -1.20
CA LEU A 34 -35.86 -19.95 0.16
C LEU A 34 -36.44 -18.70 0.87
N LYS A 35 -36.81 -18.78 2.16
CA LYS A 35 -37.27 -17.65 3.00
C LYS A 35 -36.16 -16.63 3.37
N ASP A 36 -35.50 -16.08 2.35
CA ASP A 36 -34.37 -15.15 2.44
C ASP A 36 -34.73 -13.83 3.15
N HIS A 37 -36.00 -13.42 3.10
CA HIS A 37 -36.51 -12.15 3.66
C HIS A 37 -36.58 -12.12 5.20
N LEU A 38 -36.64 -13.28 5.86
CA LEU A 38 -36.71 -13.39 7.32
C LEU A 38 -35.40 -13.92 7.95
N ALA A 39 -34.45 -14.37 7.12
CA ALA A 39 -33.21 -15.02 7.51
C ALA A 39 -32.40 -14.34 8.64
N ALA A 40 -32.35 -13.00 8.68
CA ALA A 40 -31.60 -12.25 9.71
C ALA A 40 -32.31 -12.26 11.08
N TYR A 41 -33.62 -12.01 11.08
CA TYR A 41 -34.46 -12.10 12.29
C TYR A 41 -34.51 -13.54 12.82
N GLU A 42 -34.60 -14.50 11.90
CA GLU A 42 -34.76 -15.91 12.23
C GLU A 42 -33.50 -16.48 12.91
N LEU A 43 -32.31 -16.06 12.46
CA LEU A 43 -31.00 -16.39 13.06
C LEU A 43 -30.81 -15.80 14.46
N SER A 44 -31.44 -14.65 14.67
CA SER A 44 -31.34 -13.79 15.86
C SER A 44 -32.32 -14.16 17.00
N LYS A 45 -33.09 -15.25 16.90
CA LYS A 45 -34.06 -15.69 17.92
C LYS A 45 -33.40 -16.07 19.26
N ALA A 46 -33.96 -15.58 20.37
CA ALA A 46 -33.38 -15.78 21.71
C ALA A 46 -34.36 -15.78 22.90
N SER A 47 -35.60 -15.30 22.75
CA SER A 47 -36.57 -15.13 23.85
C SER A 47 -37.70 -16.19 23.93
N GLU A 48 -38.15 -16.46 25.17
CA GLU A 48 -39.16 -17.47 25.53
C GLU A 48 -40.59 -17.14 25.08
N GLY B 1 -5.14 28.18 1.09
CA GLY B 1 -4.97 28.08 2.55
C GLY B 1 -3.54 28.34 2.96
N SER B 2 -3.33 29.06 4.06
CA SER B 2 -2.00 29.44 4.63
C SER B 2 -1.23 28.30 5.29
N HIS B 3 -1.82 27.11 5.38
CA HIS B 3 -1.34 25.92 6.09
C HIS B 3 0.04 25.43 5.63
N MET B 4 0.88 24.99 6.57
CA MET B 4 2.18 24.37 6.27
C MET B 4 2.01 22.97 5.63
N ALA B 5 3.09 22.41 5.09
CA ALA B 5 3.09 21.10 4.44
C ALA B 5 2.60 19.94 5.34
N THR B 6 2.20 18.83 4.71
CA THR B 6 1.57 17.68 5.40
C THR B 6 2.64 16.64 5.73
N LYS B 7 2.57 16.00 6.90
CA LYS B 7 3.56 15.00 7.37
C LYS B 7 2.90 13.65 7.64
N ALA B 8 3.68 12.58 7.49
CA ALA B 8 3.26 11.21 7.75
C ALA B 8 4.27 10.46 8.62
N ARG B 9 3.73 9.64 9.53
CA ARG B 9 4.48 8.72 10.40
C ARG B 9 4.35 7.31 9.81
N VAL B 10 5.47 6.64 9.59
CA VAL B 10 5.45 5.25 9.08
C VAL B 10 4.98 4.27 10.15
N MET B 11 4.07 3.36 9.78
CA MET B 11 3.58 2.27 10.64
C MET B 11 4.40 0.99 10.55
N TYR B 12 5.03 0.75 9.40
CA TYR B 12 5.87 -0.42 9.12
C TYR B 12 6.91 -0.11 8.04
N ASP B 13 8.10 -0.66 8.22
CA ASP B 13 9.21 -0.61 7.28
C ASP B 13 8.83 -1.12 5.86
N PHE B 14 9.06 -0.26 4.87
CA PHE B 14 8.80 -0.47 3.44
C PHE B 14 10.09 -0.46 2.61
N ALA B 15 10.20 -1.37 1.65
CA ALA B 15 11.33 -1.45 0.72
C ALA B 15 10.88 -1.31 -0.74
N ALA B 16 11.44 -0.32 -1.45
CA ALA B 16 11.07 0.05 -2.81
C ALA B 16 11.46 -0.99 -3.89
N GLU B 17 10.64 -1.11 -4.94
CA GLU B 17 10.89 -1.94 -6.11
C GLU B 17 11.73 -1.26 -7.22
N PRO B 18 12.56 -2.03 -7.94
CA PRO B 18 13.46 -1.53 -8.99
C PRO B 18 12.67 -1.12 -10.25
N GLY B 19 12.79 0.15 -10.63
CA GLY B 19 12.08 0.75 -11.77
C GLY B 19 10.68 1.30 -11.46
N ASN B 20 10.10 0.97 -10.30
CA ASN B 20 8.74 1.37 -9.91
C ASN B 20 8.65 2.82 -9.38
N ASN B 21 9.76 3.55 -9.28
CA ASN B 21 9.82 4.89 -8.67
C ASN B 21 9.14 4.92 -7.28
N GLU B 22 9.47 3.92 -6.45
CA GLU B 22 9.05 3.78 -5.04
C GLU B 22 10.10 4.41 -4.09
N LEU B 23 9.69 4.74 -2.86
CA LEU B 23 10.51 5.38 -1.82
C LEU B 23 10.62 4.44 -0.60
N THR B 24 11.83 4.03 -0.28
CA THR B 24 12.13 3.17 0.87
C THR B 24 12.04 3.99 2.14
N VAL B 25 11.23 3.52 3.09
CA VAL B 25 10.99 4.16 4.40
C VAL B 25 11.04 3.17 5.55
N ASN B 26 11.32 3.68 6.74
CA ASN B 26 11.49 2.86 7.95
C ASN B 26 10.36 3.09 8.93
N GLU B 27 10.00 2.09 9.73
CA GLU B 27 8.98 2.26 10.77
C GLU B 27 9.34 3.45 11.68
N GLY B 28 8.36 4.34 11.87
CA GLY B 28 8.49 5.53 12.71
C GLY B 28 9.17 6.73 12.04
N GLU B 29 9.59 6.59 10.77
CA GLU B 29 10.20 7.69 10.00
C GLU B 29 9.16 8.79 9.72
N ILE B 30 9.65 10.03 9.61
CA ILE B 30 8.84 11.20 9.23
C ILE B 30 9.15 11.61 7.80
N ILE B 31 8.11 11.71 6.97
CA ILE B 31 8.20 12.19 5.59
C ILE B 31 7.08 13.19 5.29
N THR B 32 7.32 14.09 4.35
CA THR B 32 6.33 15.06 3.85
C THR B 32 5.60 14.47 2.66
N ILE B 33 4.33 14.84 2.48
CA ILE B 33 3.52 14.34 1.38
C ILE B 33 3.64 15.26 0.16
N THR B 34 3.75 14.64 -1.02
CA THR B 34 3.76 15.33 -2.31
C THR B 34 2.53 14.97 -3.16
N ASN B 35 1.95 13.78 -2.96
CA ASN B 35 0.71 13.32 -3.60
C ASN B 35 -0.03 12.33 -2.67
N PRO B 36 -1.02 12.74 -1.84
CA PRO B 36 -1.71 11.86 -0.88
C PRO B 36 -2.61 10.78 -1.51
N ASP B 37 -2.79 10.84 -2.84
CA ASP B 37 -3.48 9.86 -3.67
C ASP B 37 -2.96 9.99 -5.11
N VAL B 38 -2.78 8.85 -5.76
CA VAL B 38 -2.28 8.68 -7.14
C VAL B 38 -2.94 7.51 -7.89
N GLY B 39 -3.61 6.60 -7.17
CA GLY B 39 -4.21 5.37 -7.70
C GLY B 39 -3.59 4.10 -7.11
N GLY B 40 -4.28 2.96 -7.25
CA GLY B 40 -3.79 1.63 -6.83
C GLY B 40 -3.53 1.47 -5.33
N GLY B 41 -4.00 2.41 -4.51
CA GLY B 41 -3.75 2.47 -3.06
C GLY B 41 -2.46 3.19 -2.64
N TRP B 42 -1.80 3.90 -3.56
CA TRP B 42 -0.51 4.55 -3.34
C TRP B 42 -0.62 6.05 -3.02
N LEU B 43 0.47 6.59 -2.49
CA LEU B 43 0.74 8.02 -2.26
C LEU B 43 2.22 8.31 -2.58
N GLU B 44 2.55 9.59 -2.69
CA GLU B 44 3.90 10.09 -2.95
C GLU B 44 4.37 10.99 -1.79
N GLY B 45 5.67 10.93 -1.48
CA GLY B 45 6.29 11.65 -0.36
C GLY B 45 7.78 11.93 -0.56
N ARG B 46 8.39 12.61 0.41
CA ARG B 46 9.82 13.01 0.45
C ARG B 46 10.37 12.94 1.88
N ASN B 47 11.55 12.37 2.11
CA ASN B 47 12.14 12.28 3.45
C ASN B 47 13.05 13.46 3.80
N ILE B 48 13.62 13.40 5.00
CA ILE B 48 14.58 14.36 5.54
C ILE B 48 15.78 14.60 4.59
N LYS B 49 16.21 13.51 3.95
CA LYS B 49 17.32 13.46 3.01
C LYS B 49 16.92 13.95 1.62
N GLY B 50 15.63 13.93 1.29
CA GLY B 50 15.10 14.48 0.03
C GLY B 50 14.85 13.47 -1.10
N GLU B 51 14.91 12.17 -0.80
CA GLU B 51 14.56 11.11 -1.75
C GLU B 51 13.04 11.08 -1.95
N ARG B 52 12.58 10.71 -3.14
CA ARG B 52 11.18 10.74 -3.54
C ARG B 52 10.74 9.41 -4.17
N GLY B 53 9.46 9.09 -3.99
CA GLY B 53 8.90 7.85 -4.52
C GLY B 53 7.51 7.55 -3.99
N LEU B 54 6.93 6.51 -4.57
CA LEU B 54 5.65 5.93 -4.17
C LEU B 54 5.78 5.13 -2.87
N VAL B 55 4.73 5.22 -2.06
CA VAL B 55 4.61 4.60 -0.74
C VAL B 55 3.14 4.13 -0.56
N PRO B 56 2.88 2.91 -0.06
CA PRO B 56 1.51 2.44 0.19
C PRO B 56 0.81 3.22 1.32
N THR B 57 -0.43 3.67 1.08
CA THR B 57 -1.27 4.36 2.09
C THR B 57 -1.55 3.50 3.32
N ASP B 58 -1.63 2.19 3.16
CA ASP B 58 -1.83 1.23 4.26
C ASP B 58 -0.59 1.05 5.15
N TYR B 59 0.57 1.63 4.80
CA TYR B 59 1.83 1.50 5.57
C TYR B 59 2.19 2.76 6.37
N VAL B 60 1.52 3.89 6.13
CA VAL B 60 1.82 5.16 6.81
C VAL B 60 0.54 5.84 7.32
N GLU B 61 0.62 6.64 8.37
CA GLU B 61 -0.52 7.43 8.87
C GLU B 61 -0.20 8.93 8.76
N ILE B 62 -1.21 9.72 8.34
CA ILE B 62 -1.10 11.16 8.16
C ILE B 62 -1.26 11.85 9.50
N LEU B 63 -0.32 12.72 9.85
CA LEU B 63 -0.30 13.41 11.13
C LEU B 63 -1.23 14.62 11.20
N PRO B 64 -1.68 14.99 12.41
CA PRO B 64 -2.44 16.20 12.66
C PRO B 64 -1.50 17.42 12.72
N SER B 65 -2.10 18.59 12.75
CA SER B 65 -1.43 19.89 12.70
C SER B 65 -0.65 20.21 13.98
N ASP B 66 0.53 20.81 13.83
CA ASP B 66 1.32 21.36 14.95
C ASP B 66 0.71 22.72 15.33
N GLY B 67 0.48 23.56 14.31
CA GLY B 67 -0.22 24.84 14.40
C GLY B 67 -1.68 24.71 14.01
N GLY A 1 9.54 21.88 -13.82
CA GLY A 1 8.44 21.45 -12.95
C GLY A 1 8.64 20.01 -12.51
N THR A 2 7.59 19.40 -11.97
CA THR A 2 7.58 18.00 -11.50
C THR A 2 6.30 17.29 -11.95
N VAL A 3 6.31 15.95 -11.97
CA VAL A 3 5.12 15.14 -12.28
C VAL A 3 4.80 14.15 -11.16
N ASN A 4 3.54 13.75 -11.10
CA ASN A 4 3.10 12.71 -10.17
C ASN A 4 3.54 11.31 -10.61
N PHE A 5 3.62 10.42 -9.64
CA PHE A 5 4.09 9.07 -9.84
C PHE A 5 2.92 8.11 -10.09
N LYS A 6 3.07 7.21 -11.08
CA LYS A 6 2.05 6.26 -11.50
C LYS A 6 2.51 4.82 -11.17
N PRO A 7 1.83 4.12 -10.24
CA PRO A 7 2.24 2.81 -9.75
C PRO A 7 2.17 1.70 -10.81
N THR A 8 3.17 0.82 -10.80
CA THR A 8 3.31 -0.37 -11.68
C THR A 8 2.54 -1.57 -11.14
N ARG A 9 2.27 -1.60 -9.83
CA ARG A 9 1.61 -2.70 -9.12
C ARG A 9 0.61 -2.18 -8.07
N PRO A 10 -0.45 -2.91 -7.71
CA PRO A 10 -1.35 -2.53 -6.63
C PRO A 10 -0.61 -2.59 -5.29
N ALA A 11 -0.98 -1.74 -4.35
CA ALA A 11 -0.29 -1.59 -3.06
C ALA A 11 -0.21 -2.94 -2.27
N PRO A 12 0.98 -3.34 -1.77
CA PRO A 12 1.16 -4.60 -1.05
C PRO A 12 0.46 -4.60 0.33
N PRO A 13 0.19 -5.77 0.92
CA PRO A 13 -0.47 -5.88 2.23
C PRO A 13 0.47 -5.48 3.39
N PRO A 14 -0.04 -4.80 4.44
CA PRO A 14 0.74 -4.50 5.65
C PRO A 14 0.92 -5.73 6.56
N PRO A 15 1.88 -5.70 7.50
CA PRO A 15 2.08 -6.74 8.53
C PRO A 15 1.19 -6.53 9.76
N THR A 16 1.07 -7.60 10.57
CA THR A 16 0.38 -7.65 11.89
C THR A 16 -1.02 -7.00 11.90
N SER A 17 -1.72 -7.03 10.76
CA SER A 17 -3.02 -6.36 10.51
C SER A 17 -4.18 -7.35 10.43
N GLY A 18 -5.40 -6.87 10.70
CA GLY A 18 -6.66 -7.64 10.64
C GLY A 18 -7.16 -7.94 9.22
N GLN A 19 -6.28 -8.40 8.33
CA GLN A 19 -6.57 -8.62 6.91
C GLN A 19 -6.95 -10.07 6.56
N ALA A 20 -7.94 -10.21 5.69
CA ALA A 20 -8.38 -11.49 5.11
C ALA A 20 -7.33 -12.05 4.13
N SER A 21 -7.30 -13.37 3.93
CA SER A 21 -6.31 -14.08 3.12
C SER A 21 -6.86 -15.32 2.42
N GLY A 22 -6.26 -15.72 1.29
CA GLY A 22 -6.61 -16.95 0.59
C GLY A 22 -5.85 -17.18 -0.72
N ALA A 23 -6.20 -18.28 -1.40
CA ALA A 23 -5.76 -18.71 -2.73
C ALA A 23 -4.25 -19.04 -2.96
N SER A 24 -3.36 -18.89 -1.97
CA SER A 24 -1.93 -19.21 -2.10
C SER A 24 -1.62 -20.69 -2.35
N ARG A 25 -0.57 -20.98 -3.13
CA ARG A 25 -0.05 -22.35 -3.35
C ARG A 25 0.94 -22.77 -2.26
N PRO A 26 1.12 -24.07 -2.01
CA PRO A 26 2.13 -24.58 -1.08
C PRO A 26 3.56 -24.45 -1.65
N LEU A 27 4.57 -24.47 -0.79
CA LEU A 27 5.98 -24.46 -1.19
C LEU A 27 6.50 -25.88 -1.55
N PRO A 28 7.49 -26.00 -2.45
CA PRO A 28 8.04 -27.27 -2.91
C PRO A 28 8.95 -27.96 -1.87
N PRO A 29 8.97 -29.31 -1.81
CA PRO A 29 9.80 -30.08 -0.88
C PRO A 29 11.29 -30.12 -1.29
N ILE A 30 12.14 -30.49 -0.34
CA ILE A 30 13.58 -30.71 -0.55
C ILE A 30 13.80 -32.03 -1.31
N ALA A 31 14.61 -31.99 -2.37
CA ALA A 31 14.95 -33.14 -3.22
C ALA A 31 16.27 -33.82 -2.78
N GLN A 32 16.51 -35.05 -3.26
CA GLN A 32 17.75 -35.80 -3.06
C GLN A 32 18.81 -35.39 -4.10
N ALA A 33 19.92 -34.82 -3.64
CA ALA A 33 21.04 -34.40 -4.47
C ALA A 33 22.14 -35.46 -4.60
N LEU A 34 22.89 -35.37 -5.70
CA LEU A 34 24.08 -36.16 -6.05
C LEU A 34 25.34 -35.27 -5.92
N LYS A 35 26.48 -35.67 -6.49
CA LYS A 35 27.72 -34.85 -6.58
C LYS A 35 27.58 -33.67 -7.58
N ASP A 36 26.59 -32.82 -7.31
CA ASP A 36 26.16 -31.64 -8.06
C ASP A 36 27.29 -30.61 -8.24
N HIS A 37 28.18 -30.49 -7.26
CA HIS A 37 29.32 -29.57 -7.32
C HIS A 37 30.40 -29.96 -8.34
N LEU A 38 30.51 -31.25 -8.65
CA LEU A 38 31.52 -31.84 -9.57
C LEU A 38 31.03 -31.96 -11.03
N ALA A 39 29.83 -31.46 -11.33
CA ALA A 39 29.15 -31.60 -12.62
C ALA A 39 30.00 -31.31 -13.88
N ALA A 40 30.74 -30.21 -13.90
CA ALA A 40 31.66 -29.83 -14.98
C ALA A 40 33.12 -30.25 -14.70
N TYR A 41 33.49 -30.44 -13.42
CA TYR A 41 34.81 -30.95 -13.01
C TYR A 41 35.07 -32.36 -13.53
N GLU A 42 34.03 -33.20 -13.48
CA GLU A 42 34.10 -34.61 -13.86
C GLU A 42 34.46 -34.79 -15.35
N LEU A 43 34.08 -33.84 -16.19
CA LEU A 43 34.32 -33.81 -17.63
C LEU A 43 35.69 -33.20 -18.02
N SER A 44 36.10 -33.36 -19.28
CA SER A 44 37.36 -32.82 -19.82
C SER A 44 37.19 -32.24 -21.24
N LYS A 45 37.86 -31.13 -21.57
CA LYS A 45 37.84 -30.50 -22.89
C LYS A 45 38.84 -31.15 -23.86
N ALA A 46 38.48 -31.25 -25.14
CA ALA A 46 39.37 -31.72 -26.19
C ALA A 46 40.54 -30.76 -26.45
N SER A 47 41.59 -31.24 -27.13
CA SER A 47 42.84 -30.50 -27.37
C SER A 47 43.49 -30.89 -28.71
N GLU A 48 44.16 -29.92 -29.35
CA GLU A 48 44.96 -30.10 -30.58
C GLU A 48 46.06 -29.04 -30.73
N GLY B 1 -2.69 25.91 -5.53
CA GLY B 1 -3.75 25.56 -4.57
C GLY B 1 -3.23 25.37 -3.16
N SER B 2 -2.37 24.37 -2.91
CA SER B 2 -1.89 24.01 -1.57
C SER B 2 -1.13 25.16 -0.88
N HIS B 3 -1.42 25.45 0.39
CA HIS B 3 -0.83 26.55 1.16
C HIS B 3 0.41 26.17 1.98
N MET B 4 0.54 24.91 2.40
CA MET B 4 1.61 24.43 3.30
C MET B 4 1.95 22.95 3.07
N ALA B 5 3.04 22.47 3.69
CA ALA B 5 3.42 21.07 3.69
C ALA B 5 2.59 20.22 4.68
N THR B 6 2.42 18.94 4.38
CA THR B 6 1.78 17.89 5.19
C THR B 6 2.84 16.85 5.54
N LYS B 7 2.76 16.21 6.73
CA LYS B 7 3.71 15.17 7.18
C LYS B 7 3.00 13.81 7.38
N ALA B 8 3.77 12.73 7.33
CA ALA B 8 3.30 11.36 7.60
C ALA B 8 4.24 10.63 8.55
N ARG B 9 3.66 9.81 9.44
CA ARG B 9 4.36 8.89 10.35
C ARG B 9 4.22 7.49 9.79
N VAL B 10 5.33 6.78 9.61
CA VAL B 10 5.29 5.41 9.08
C VAL B 10 4.79 4.42 10.14
N MET B 11 3.94 3.47 9.74
CA MET B 11 3.42 2.40 10.61
C MET B 11 4.25 1.12 10.54
N TYR B 12 4.93 0.85 9.41
CA TYR B 12 5.74 -0.35 9.15
C TYR B 12 6.88 -0.09 8.14
N ASP B 13 8.01 -0.78 8.28
CA ASP B 13 9.12 -0.70 7.33
C ASP B 13 8.74 -1.18 5.91
N PHE B 14 8.99 -0.34 4.90
CA PHE B 14 8.74 -0.59 3.47
C PHE B 14 10.02 -0.49 2.64
N ALA B 15 10.14 -1.32 1.60
CA ALA B 15 11.29 -1.34 0.69
C ALA B 15 10.89 -1.34 -0.81
N ALA B 16 11.45 -0.39 -1.54
CA ALA B 16 11.14 -0.08 -2.94
C ALA B 16 11.55 -1.12 -4.02
N GLU B 17 10.65 -1.36 -4.98
CA GLU B 17 10.86 -2.19 -6.18
C GLU B 17 11.62 -1.45 -7.29
N PRO B 18 12.53 -2.13 -8.02
CA PRO B 18 13.39 -1.55 -9.03
C PRO B 18 12.61 -1.17 -10.29
N GLY B 19 12.63 0.11 -10.67
CA GLY B 19 11.89 0.66 -11.81
C GLY B 19 10.47 1.16 -11.51
N ASN B 20 9.89 0.91 -10.32
CA ASN B 20 8.56 1.43 -9.96
C ASN B 20 8.58 2.80 -9.26
N ASN B 21 9.72 3.52 -9.27
CA ASN B 21 9.93 4.78 -8.53
C ASN B 21 9.32 4.80 -7.11
N GLU B 22 9.46 3.69 -6.37
CA GLU B 22 9.03 3.56 -4.97
C GLU B 22 10.03 4.25 -4.02
N LEU B 23 9.59 4.60 -2.81
CA LEU B 23 10.40 5.22 -1.75
C LEU B 23 10.45 4.29 -0.54
N THR B 24 11.64 3.74 -0.24
CA THR B 24 11.90 2.92 0.94
C THR B 24 11.78 3.80 2.18
N VAL B 25 11.00 3.35 3.14
CA VAL B 25 10.78 4.03 4.43
C VAL B 25 10.90 3.10 5.64
N ASN B 26 11.18 3.69 6.80
CA ASN B 26 11.33 2.94 8.05
C ASN B 26 10.16 3.17 8.99
N GLU B 27 9.79 2.14 9.75
CA GLU B 27 8.75 2.23 10.77
C GLU B 27 9.02 3.39 11.74
N GLY B 28 8.06 4.30 11.91
CA GLY B 28 8.19 5.47 12.76
C GLY B 28 8.98 6.63 12.14
N GLU B 29 9.36 6.56 10.86
CA GLU B 29 10.03 7.66 10.17
C GLU B 29 9.06 8.81 9.87
N ILE B 30 9.58 10.02 9.67
CA ILE B 30 8.82 11.21 9.27
C ILE B 30 9.15 11.59 7.83
N ILE B 31 8.13 11.75 6.98
CA ILE B 31 8.27 12.20 5.59
C ILE B 31 7.22 13.26 5.24
N THR B 32 7.53 14.11 4.26
CA THR B 32 6.61 15.11 3.72
C THR B 32 5.85 14.50 2.56
N ILE B 33 4.62 14.95 2.35
CA ILE B 33 3.78 14.51 1.24
C ILE B 33 3.95 15.42 0.02
N THR B 34 3.85 14.83 -1.17
CA THR B 34 3.83 15.56 -2.46
C THR B 34 2.57 15.18 -3.25
N ASN B 35 2.04 13.96 -3.06
CA ASN B 35 0.80 13.45 -3.67
C ASN B 35 0.11 12.43 -2.71
N PRO B 36 -0.82 12.83 -1.82
CA PRO B 36 -1.45 11.90 -0.84
C PRO B 36 -2.34 10.83 -1.47
N ASP B 37 -2.57 10.89 -2.78
CA ASP B 37 -3.31 9.91 -3.54
C ASP B 37 -2.86 9.98 -5.01
N VAL B 38 -2.62 8.82 -5.62
CA VAL B 38 -2.24 8.65 -7.04
C VAL B 38 -3.00 7.50 -7.72
N GLY B 39 -3.61 6.60 -6.94
CA GLY B 39 -4.31 5.41 -7.40
C GLY B 39 -3.62 4.11 -6.95
N GLY B 40 -4.30 2.98 -7.10
CA GLY B 40 -3.80 1.65 -6.71
C GLY B 40 -3.47 1.47 -5.22
N GLY B 41 -3.91 2.40 -4.37
CA GLY B 41 -3.61 2.46 -2.94
C GLY B 41 -2.33 3.22 -2.58
N TRP B 42 -1.70 3.93 -3.51
CA TRP B 42 -0.41 4.60 -3.32
C TRP B 42 -0.53 6.12 -3.07
N LEU B 43 0.58 6.69 -2.57
CA LEU B 43 0.85 8.12 -2.36
C LEU B 43 2.33 8.42 -2.70
N GLU B 44 2.66 9.70 -2.83
CA GLU B 44 4.00 10.24 -3.09
C GLU B 44 4.48 11.12 -1.92
N GLY B 45 5.77 11.02 -1.61
CA GLY B 45 6.42 11.69 -0.48
C GLY B 45 7.94 11.87 -0.63
N ARG B 46 8.56 12.49 0.38
CA ARG B 46 10.01 12.81 0.47
C ARG B 46 10.53 12.71 1.90
N ASN B 47 11.72 12.13 2.14
CA ASN B 47 12.34 12.05 3.47
C ASN B 47 13.37 13.13 3.74
N ILE B 48 13.93 13.09 4.95
CA ILE B 48 14.95 14.01 5.45
C ILE B 48 16.13 14.20 4.48
N LYS B 49 16.53 13.11 3.83
CA LYS B 49 17.63 13.05 2.88
C LYS B 49 17.24 13.57 1.49
N GLY B 50 15.94 13.63 1.18
CA GLY B 50 15.45 14.20 -0.07
C GLY B 50 15.18 13.19 -1.18
N GLU B 51 15.06 11.90 -0.85
CA GLU B 51 14.66 10.88 -1.80
C GLU B 51 13.14 10.89 -1.93
N ARG B 52 12.64 10.66 -3.15
CA ARG B 52 11.21 10.71 -3.48
C ARG B 52 10.77 9.43 -4.17
N GLY B 53 9.51 9.05 -3.95
CA GLY B 53 8.94 7.84 -4.51
C GLY B 53 7.53 7.53 -4.02
N LEU B 54 6.99 6.46 -4.56
CA LEU B 54 5.70 5.90 -4.19
C LEU B 54 5.78 5.08 -2.90
N VAL B 55 4.74 5.23 -2.08
CA VAL B 55 4.59 4.60 -0.77
C VAL B 55 3.12 4.14 -0.60
N PRO B 56 2.85 2.93 -0.07
CA PRO B 56 1.49 2.45 0.19
C PRO B 56 0.79 3.26 1.29
N THR B 57 -0.45 3.72 1.05
CA THR B 57 -1.26 4.48 2.02
C THR B 57 -1.62 3.69 3.27
N ASP B 58 -1.76 2.38 3.17
CA ASP B 58 -2.04 1.50 4.30
C ASP B 58 -0.79 1.18 5.14
N TYR B 59 0.39 1.73 4.80
CA TYR B 59 1.63 1.60 5.59
C TYR B 59 2.02 2.86 6.36
N VAL B 60 1.42 4.00 6.08
CA VAL B 60 1.74 5.29 6.73
C VAL B 60 0.46 6.01 7.18
N GLU B 61 0.53 6.86 8.20
CA GLU B 61 -0.59 7.68 8.67
C GLU B 61 -0.30 9.18 8.56
N ILE B 62 -1.30 9.96 8.14
CA ILE B 62 -1.18 11.40 7.87
C ILE B 62 -1.33 12.22 9.15
N LEU B 63 -0.31 13.03 9.42
CA LEU B 63 -0.19 14.02 10.49
C LEU B 63 -0.78 15.37 10.01
N PRO B 64 -1.02 16.35 10.91
CA PRO B 64 -1.47 17.68 10.51
C PRO B 64 -0.36 18.48 9.80
N SER B 65 -0.74 19.65 9.30
CA SER B 65 0.11 20.54 8.50
C SER B 65 1.37 21.02 9.25
N ASP B 66 2.47 21.22 8.51
CA ASP B 66 3.79 21.57 9.07
C ASP B 66 3.86 22.98 9.69
N GLY B 67 2.87 23.83 9.40
CA GLY B 67 2.69 25.17 9.99
C GLY B 67 1.90 25.09 11.29
N GLY A 1 3.86 20.01 -19.13
CA GLY A 1 3.17 20.07 -17.82
C GLY A 1 3.95 19.38 -16.71
N THR A 2 3.45 19.52 -15.47
CA THR A 2 3.95 18.86 -14.24
C THR A 2 3.36 17.45 -14.10
N VAL A 3 3.96 16.58 -13.27
CA VAL A 3 3.56 15.17 -13.16
C VAL A 3 3.50 14.63 -11.73
N ASN A 4 2.83 13.50 -11.62
CA ASN A 4 2.71 12.66 -10.44
C ASN A 4 3.27 11.26 -10.76
N PHE A 5 3.42 10.44 -9.74
CA PHE A 5 3.89 9.07 -9.91
C PHE A 5 2.72 8.12 -10.20
N LYS A 6 2.96 7.12 -11.05
CA LYS A 6 1.97 6.12 -11.48
C LYS A 6 2.52 4.71 -11.18
N PRO A 7 1.97 3.99 -10.18
CA PRO A 7 2.46 2.70 -9.68
C PRO A 7 2.44 1.58 -10.72
N THR A 8 3.49 0.73 -10.71
CA THR A 8 3.60 -0.42 -11.63
C THR A 8 2.76 -1.60 -11.13
N ARG A 9 2.61 -1.70 -9.80
CA ARG A 9 1.92 -2.78 -9.08
C ARG A 9 0.86 -2.24 -8.09
N PRO A 10 -0.19 -3.00 -7.75
CA PRO A 10 -1.15 -2.60 -6.72
C PRO A 10 -0.48 -2.63 -5.34
N ALA A 11 -0.93 -1.75 -4.44
CA ALA A 11 -0.33 -1.53 -3.13
C ALA A 11 -0.31 -2.81 -2.26
N PRO A 12 0.87 -3.24 -1.77
CA PRO A 12 1.02 -4.49 -1.02
C PRO A 12 0.31 -4.44 0.35
N PRO A 13 -0.09 -5.60 0.91
CA PRO A 13 -0.77 -5.66 2.21
C PRO A 13 0.20 -5.44 3.39
N PRO A 14 -0.22 -4.72 4.44
CA PRO A 14 0.58 -4.54 5.66
C PRO A 14 0.67 -5.83 6.51
N PRO A 15 1.70 -5.96 7.37
CA PRO A 15 1.95 -7.15 8.18
C PRO A 15 0.81 -7.46 9.18
N THR A 16 0.66 -8.75 9.54
CA THR A 16 -0.25 -9.31 10.56
C THR A 16 -1.69 -8.74 10.57
N SER A 17 -2.20 -8.37 9.39
CA SER A 17 -3.48 -7.67 9.17
C SER A 17 -4.46 -8.45 8.28
N GLY A 18 -5.74 -8.05 8.31
CA GLY A 18 -6.84 -8.75 7.62
C GLY A 18 -7.08 -10.16 8.14
N GLN A 19 -6.96 -10.35 9.46
CA GLN A 19 -7.01 -11.65 10.14
C GLN A 19 -7.54 -11.49 11.58
N ALA A 20 -8.09 -12.57 12.16
CA ALA A 20 -8.65 -12.58 13.51
C ALA A 20 -7.60 -12.68 14.63
N SER A 21 -6.51 -13.43 14.41
CA SER A 21 -5.42 -13.61 15.39
C SER A 21 -4.36 -12.49 15.33
N GLY A 22 -3.68 -12.24 16.44
CA GLY A 22 -2.64 -11.21 16.58
C GLY A 22 -3.15 -9.81 16.90
N ALA A 23 -4.31 -9.72 17.55
CA ALA A 23 -4.98 -8.49 17.95
C ALA A 23 -4.34 -7.80 19.18
N SER A 24 -3.01 -7.60 19.13
CA SER A 24 -2.22 -6.88 20.13
C SER A 24 -2.42 -5.35 20.00
N ARG A 25 -2.18 -4.57 21.07
CA ARG A 25 -2.31 -3.11 21.08
C ARG A 25 -1.02 -2.38 20.67
N PRO A 26 -1.12 -1.21 19.99
CA PRO A 26 0.01 -0.36 19.65
C PRO A 26 0.52 0.39 20.90
N LEU A 27 1.83 0.67 20.98
CA LEU A 27 2.42 1.30 22.16
C LEU A 27 1.98 2.78 22.32
N PRO A 28 1.77 3.26 23.55
CA PRO A 28 1.38 4.64 23.84
C PRO A 28 2.52 5.65 23.54
N PRO A 29 2.18 6.91 23.24
CA PRO A 29 3.14 7.98 22.94
C PRO A 29 3.87 8.50 24.19
N ILE A 30 4.87 9.35 23.98
CA ILE A 30 5.65 9.99 25.06
C ILE A 30 4.87 11.13 25.71
N ALA A 31 4.80 11.12 27.04
CA ALA A 31 4.04 12.05 27.87
C ALA A 31 4.74 13.41 28.09
N GLN A 32 4.91 14.20 27.03
CA GLN A 32 5.44 15.57 27.09
C GLN A 32 4.45 16.48 27.84
N ALA A 33 3.15 16.31 27.58
CA ALA A 33 2.05 16.98 28.25
C ALA A 33 1.54 16.13 29.44
N LEU A 34 2.39 15.87 30.43
CA LEU A 34 2.02 15.17 31.68
C LEU A 34 0.98 15.97 32.50
N LYS A 35 0.56 15.44 33.67
CA LYS A 35 -0.38 16.06 34.64
C LYS A 35 0.13 17.34 35.31
N ASP A 36 0.60 18.30 34.52
CA ASP A 36 1.20 19.53 34.98
C ASP A 36 0.21 20.41 35.77
N HIS A 37 0.69 21.39 36.55
CA HIS A 37 -0.21 22.32 37.24
C HIS A 37 -1.04 23.12 36.21
N LEU A 38 -2.32 23.38 36.51
CA LEU A 38 -3.25 24.09 35.61
C LEU A 38 -3.38 23.50 34.20
N ALA A 39 -2.97 22.24 33.97
CA ALA A 39 -2.94 21.62 32.64
C ALA A 39 -4.24 21.74 31.82
N ALA A 40 -5.41 21.58 32.44
CA ALA A 40 -6.70 21.73 31.74
C ALA A 40 -6.99 23.16 31.27
N TYR A 41 -6.53 24.18 32.01
CA TYR A 41 -6.62 25.60 31.65
C TYR A 41 -5.56 25.98 30.62
N GLU A 42 -4.34 25.50 30.82
CA GLU A 42 -3.18 25.85 29.99
C GLU A 42 -3.24 25.23 28.58
N LEU A 43 -4.09 24.22 28.38
CA LEU A 43 -4.33 23.55 27.10
C LEU A 43 -5.12 24.48 26.16
N SER A 44 -4.43 25.09 25.21
CA SER A 44 -4.96 26.03 24.20
C SER A 44 -5.70 25.32 23.03
N LYS A 45 -6.46 24.27 23.33
CA LYS A 45 -7.32 23.53 22.39
C LYS A 45 -8.40 24.45 21.83
N ALA A 46 -8.38 24.70 20.52
CA ALA A 46 -9.24 25.66 19.81
C ALA A 46 -9.12 27.13 20.31
N SER A 47 -8.01 27.46 21.01
CA SER A 47 -7.77 28.77 21.63
C SER A 47 -6.68 29.61 20.93
N GLU A 48 -6.10 29.11 19.83
CA GLU A 48 -4.97 29.73 19.11
C GLU A 48 -5.40 30.61 17.93
N GLY B 1 3.16 33.61 0.92
CA GLY B 1 3.25 32.59 1.98
C GLY B 1 2.20 31.51 1.82
N SER B 2 2.63 30.29 1.51
CA SER B 2 1.78 29.10 1.35
C SER B 2 1.31 28.51 2.69
N HIS B 3 0.18 27.79 2.68
CA HIS B 3 -0.32 27.07 3.86
C HIS B 3 0.62 25.92 4.26
N MET B 4 0.59 25.52 5.53
CA MET B 4 1.44 24.43 6.05
C MET B 4 1.28 23.11 5.27
N ALA B 5 2.40 22.41 5.06
CA ALA B 5 2.45 21.08 4.45
C ALA B 5 1.94 19.98 5.39
N THR B 6 1.71 18.78 4.84
CA THR B 6 1.19 17.62 5.59
C THR B 6 2.34 16.67 5.92
N LYS B 7 2.37 16.08 7.12
CA LYS B 7 3.35 15.06 7.52
C LYS B 7 2.70 13.69 7.77
N ALA B 8 3.49 12.63 7.63
CA ALA B 8 3.12 11.25 7.90
C ALA B 8 4.15 10.55 8.79
N ARG B 9 3.64 9.68 9.68
CA ARG B 9 4.42 8.77 10.55
C ARG B 9 4.33 7.37 9.95
N VAL B 10 5.47 6.72 9.71
CA VAL B 10 5.46 5.36 9.15
C VAL B 10 5.06 4.32 10.20
N MET B 11 4.20 3.36 9.85
CA MET B 11 3.80 2.26 10.73
C MET B 11 4.66 0.99 10.61
N TYR B 12 5.22 0.73 9.42
CA TYR B 12 6.05 -0.45 9.12
C TYR B 12 7.09 -0.11 8.05
N ASP B 13 8.31 -0.64 8.14
CA ASP B 13 9.40 -0.31 7.20
C ASP B 13 9.19 -0.93 5.81
N PHE B 14 9.14 -0.07 4.79
CA PHE B 14 8.86 -0.43 3.39
C PHE B 14 10.15 -0.53 2.55
N ALA B 15 10.18 -1.48 1.62
CA ALA B 15 11.31 -1.71 0.72
C ALA B 15 10.94 -1.54 -0.76
N ALA B 16 11.45 -0.50 -1.42
CA ALA B 16 11.12 -0.18 -2.81
C ALA B 16 11.57 -1.23 -3.86
N GLU B 17 10.78 -1.42 -4.92
CA GLU B 17 11.08 -2.26 -6.09
C GLU B 17 12.06 -1.56 -7.07
N PRO B 18 12.74 -2.33 -7.94
CA PRO B 18 13.65 -1.79 -8.96
C PRO B 18 12.86 -1.21 -10.15
N GLY B 19 13.07 0.07 -10.45
CA GLY B 19 12.44 0.79 -11.57
C GLY B 19 11.00 1.26 -11.31
N ASN B 20 10.41 0.97 -10.14
CA ASN B 20 9.04 1.39 -9.80
C ASN B 20 8.95 2.81 -9.23
N ASN B 21 10.07 3.55 -9.09
CA ASN B 21 10.13 4.87 -8.43
C ASN B 21 9.37 4.90 -7.10
N GLU B 22 9.58 3.86 -6.29
CA GLU B 22 9.06 3.69 -4.93
C GLU B 22 10.02 4.35 -3.92
N LEU B 23 9.51 4.77 -2.75
CA LEU B 23 10.28 5.47 -1.71
C LEU B 23 10.57 4.52 -0.55
N THR B 24 11.83 4.15 -0.35
CA THR B 24 12.21 3.30 0.78
C THR B 24 12.16 4.13 2.06
N VAL B 25 11.22 3.82 2.95
CA VAL B 25 11.04 4.48 4.25
C VAL B 25 11.25 3.50 5.40
N ASN B 26 11.46 4.01 6.61
CA ASN B 26 11.60 3.18 7.81
C ASN B 26 10.47 3.41 8.81
N GLU B 27 10.13 2.37 9.55
CA GLU B 27 9.12 2.42 10.60
C GLU B 27 9.41 3.55 11.59
N GLY B 28 8.43 4.42 11.82
CA GLY B 28 8.52 5.59 12.68
C GLY B 28 9.19 6.81 12.05
N GLU B 29 9.58 6.76 10.78
CA GLU B 29 10.13 7.93 10.10
C GLU B 29 9.05 9.00 9.85
N ILE B 30 9.48 10.25 9.77
CA ILE B 30 8.65 11.40 9.40
C ILE B 30 8.95 11.81 7.97
N ILE B 31 7.90 11.96 7.15
CA ILE B 31 8.01 12.43 5.76
C ILE B 31 6.86 13.40 5.44
N THR B 32 7.06 14.28 4.46
CA THR B 32 6.01 15.19 3.96
C THR B 32 5.27 14.52 2.82
N ILE B 33 3.99 14.87 2.66
CA ILE B 33 3.16 14.39 1.56
C ILE B 33 3.18 15.41 0.41
N THR B 34 3.28 14.90 -0.80
CA THR B 34 3.25 15.68 -2.06
C THR B 34 2.14 15.22 -3.01
N ASN B 35 1.62 14.00 -2.85
CA ASN B 35 0.47 13.45 -3.58
C ASN B 35 -0.21 12.38 -2.68
N PRO B 36 -1.17 12.72 -1.80
CA PRO B 36 -1.85 11.73 -0.92
C PRO B 36 -2.70 10.70 -1.67
N ASP B 37 -2.90 10.90 -2.97
CA ASP B 37 -3.77 10.12 -3.83
C ASP B 37 -3.15 10.14 -5.24
N VAL B 38 -2.92 8.95 -5.79
CA VAL B 38 -2.43 8.69 -7.15
C VAL B 38 -3.11 7.48 -7.82
N GLY B 39 -3.72 6.58 -7.04
CA GLY B 39 -4.36 5.34 -7.50
C GLY B 39 -3.67 4.09 -6.98
N GLY B 40 -4.32 2.93 -7.10
CA GLY B 40 -3.78 1.61 -6.74
C GLY B 40 -3.50 1.39 -5.24
N GLY B 41 -3.80 2.37 -4.39
CA GLY B 41 -3.52 2.41 -2.96
C GLY B 41 -2.20 3.07 -2.59
N TRP B 42 -1.68 3.96 -3.45
CA TRP B 42 -0.38 4.60 -3.31
C TRP B 42 -0.48 6.11 -3.01
N LEU B 43 0.64 6.69 -2.56
CA LEU B 43 0.84 8.12 -2.34
C LEU B 43 2.30 8.52 -2.63
N GLU B 44 2.54 9.80 -2.85
CA GLU B 44 3.85 10.42 -3.03
C GLU B 44 4.23 11.23 -1.77
N GLY B 45 5.49 11.12 -1.37
CA GLY B 45 6.07 11.84 -0.23
C GLY B 45 7.55 12.18 -0.45
N ARG B 46 8.16 12.82 0.56
CA ARG B 46 9.57 13.24 0.60
C ARG B 46 10.09 13.28 2.04
N ASN B 47 11.22 12.64 2.32
CA ASN B 47 11.75 12.52 3.68
C ASN B 47 12.69 13.68 4.05
N ILE B 48 13.25 13.61 5.26
CA ILE B 48 14.28 14.53 5.75
C ILE B 48 15.46 14.63 4.78
N LYS B 49 15.90 13.47 4.27
CA LYS B 49 17.00 13.30 3.32
C LYS B 49 16.65 13.74 1.90
N GLY B 50 15.36 13.96 1.65
CA GLY B 50 14.84 14.51 0.38
C GLY B 50 14.60 13.46 -0.70
N GLU B 51 14.63 12.17 -0.34
CA GLU B 51 14.31 11.07 -1.25
C GLU B 51 12.80 11.06 -1.51
N ARG B 52 12.38 10.81 -2.76
CA ARG B 52 10.99 10.76 -3.16
C ARG B 52 10.66 9.49 -3.95
N GLY B 53 9.39 9.10 -3.93
CA GLY B 53 8.88 7.90 -4.60
C GLY B 53 7.46 7.59 -4.09
N LEU B 54 6.91 6.49 -4.59
CA LEU B 54 5.62 5.94 -4.18
C LEU B 54 5.71 5.18 -2.84
N VAL B 55 4.66 5.30 -2.02
CA VAL B 55 4.48 4.63 -0.73
C VAL B 55 3.03 4.13 -0.58
N PRO B 56 2.78 2.91 -0.08
CA PRO B 56 1.42 2.40 0.19
C PRO B 56 0.74 3.18 1.34
N THR B 57 -0.50 3.66 1.14
CA THR B 57 -1.26 4.38 2.18
C THR B 57 -1.44 3.60 3.48
N ASP B 58 -1.67 2.29 3.39
CA ASP B 58 -1.86 1.44 4.57
C ASP B 58 -0.58 1.12 5.37
N TYR B 59 0.60 1.56 4.91
CA TYR B 59 1.88 1.41 5.64
C TYR B 59 2.25 2.63 6.49
N VAL B 60 1.56 3.75 6.31
CA VAL B 60 1.84 5.02 6.99
C VAL B 60 0.56 5.61 7.57
N GLU B 61 0.69 6.52 8.53
CA GLU B 61 -0.45 7.27 9.08
C GLU B 61 -0.23 8.78 8.96
N ILE B 62 -1.28 9.49 8.56
CA ILE B 62 -1.25 10.94 8.35
C ILE B 62 -1.42 11.67 9.69
N LEU B 63 -0.53 12.62 9.98
CA LEU B 63 -0.62 13.51 11.13
C LEU B 63 -1.53 14.72 10.81
N PRO B 64 -2.26 15.28 11.79
CA PRO B 64 -3.15 16.44 11.61
C PRO B 64 -2.38 17.77 11.51
N SER B 65 -3.09 18.83 11.15
CA SER B 65 -2.55 20.20 11.02
C SER B 65 -2.39 20.96 12.35
N ASP B 66 -1.91 20.28 13.38
CA ASP B 66 -1.57 20.84 14.70
C ASP B 66 -2.74 21.47 15.52
N GLY B 67 -4.00 21.39 15.03
CA GLY B 67 -5.24 21.80 15.72
C GLY B 67 -5.60 23.27 15.72
N GLY A 1 0.25 21.30 -15.71
CA GLY A 1 1.04 21.59 -14.51
C GLY A 1 1.89 20.40 -14.13
N THR A 2 2.39 20.35 -12.89
CA THR A 2 3.33 19.30 -12.46
C THR A 2 2.69 17.91 -12.44
N VAL A 3 3.47 16.92 -12.83
CA VAL A 3 3.13 15.49 -12.80
C VAL A 3 3.12 14.95 -11.36
N ASN A 4 2.81 13.66 -11.28
CA ASN A 4 2.85 12.82 -10.10
C ASN A 4 3.51 11.49 -10.46
N PHE A 5 3.64 10.60 -9.50
CA PHE A 5 4.17 9.26 -9.72
C PHE A 5 3.05 8.27 -10.04
N LYS A 6 3.31 7.36 -10.99
CA LYS A 6 2.32 6.41 -11.51
C LYS A 6 2.72 4.96 -11.16
N PRO A 7 1.91 4.23 -10.38
CA PRO A 7 2.23 2.88 -9.90
C PRO A 7 2.19 1.79 -10.97
N THR A 8 3.13 0.85 -10.86
CA THR A 8 3.29 -0.38 -11.65
C THR A 8 2.46 -1.54 -11.11
N ARG A 9 2.24 -1.56 -9.79
CA ARG A 9 1.58 -2.64 -9.06
C ARG A 9 0.57 -2.12 -8.02
N PRO A 10 -0.42 -2.91 -7.57
CA PRO A 10 -1.32 -2.50 -6.50
C PRO A 10 -0.59 -2.49 -5.14
N ALA A 11 -1.09 -1.69 -4.20
CA ALA A 11 -0.49 -1.52 -2.88
C ALA A 11 -0.37 -2.86 -2.13
N PRO A 12 0.84 -3.23 -1.63
CA PRO A 12 1.06 -4.50 -0.94
C PRO A 12 0.35 -4.59 0.42
N PRO A 13 0.14 -5.81 0.95
CA PRO A 13 -0.47 -6.02 2.26
C PRO A 13 0.49 -5.66 3.41
N PRO A 14 0.08 -4.82 4.38
CA PRO A 14 0.92 -4.48 5.54
C PRO A 14 1.15 -5.67 6.50
N PRO A 15 2.26 -5.69 7.25
CA PRO A 15 2.62 -6.80 8.14
C PRO A 15 1.76 -6.88 9.41
N THR A 16 1.76 -8.06 10.03
CA THR A 16 1.02 -8.42 11.27
C THR A 16 -0.50 -8.26 11.18
N SER A 17 -1.06 -8.23 9.96
CA SER A 17 -2.49 -8.07 9.70
C SER A 17 -3.18 -9.44 9.68
N GLY A 18 -3.89 -9.80 10.75
CA GLY A 18 -4.56 -11.10 10.87
C GLY A 18 -3.61 -12.27 11.07
N GLN A 19 -3.86 -13.40 10.39
CA GLN A 19 -3.14 -14.67 10.53
C GLN A 19 -1.81 -14.75 9.74
N ALA A 20 -0.99 -15.76 10.04
CA ALA A 20 0.35 -16.00 9.50
C ALA A 20 0.41 -16.24 7.97
N SER A 21 1.54 -15.84 7.36
CA SER A 21 1.81 -15.85 5.91
C SER A 21 2.16 -17.21 5.29
N GLY A 22 2.60 -18.20 6.07
CA GLY A 22 3.06 -19.49 5.55
C GLY A 22 1.91 -20.38 5.05
N ALA A 23 1.75 -20.51 3.74
CA ALA A 23 0.77 -21.43 3.13
C ALA A 23 1.19 -22.90 3.32
N SER A 24 0.23 -23.83 3.25
CA SER A 24 0.50 -25.27 3.31
C SER A 24 1.13 -25.75 1.99
N ARG A 25 2.46 -25.94 1.99
CA ARG A 25 3.27 -26.32 0.81
C ARG A 25 4.61 -26.98 1.23
N PRO A 26 5.24 -27.82 0.37
CA PRO A 26 6.51 -28.47 0.70
C PRO A 26 7.68 -27.47 0.65
N LEU A 27 8.52 -27.46 1.69
CA LEU A 27 9.67 -26.53 1.81
C LEU A 27 10.95 -27.09 1.16
N PRO A 28 11.84 -26.22 0.63
CA PRO A 28 13.16 -26.61 0.11
C PRO A 28 14.14 -27.00 1.23
N PRO A 29 15.25 -27.70 0.92
CA PRO A 29 16.31 -28.01 1.88
C PRO A 29 17.05 -26.72 2.31
N ILE A 30 17.77 -26.77 3.41
CA ILE A 30 18.48 -25.61 3.98
C ILE A 30 19.58 -25.10 3.03
N ALA A 31 19.58 -23.79 2.74
CA ALA A 31 20.54 -23.14 1.85
C ALA A 31 21.95 -23.02 2.46
N GLN A 32 22.99 -23.17 1.63
CA GLN A 32 24.39 -23.10 2.04
C GLN A 32 24.82 -21.66 2.34
N ALA A 33 25.04 -21.33 3.62
CA ALA A 33 25.37 -19.99 4.10
C ALA A 33 25.94 -19.97 5.55
N LEU A 34 26.80 -20.95 5.85
CA LEU A 34 27.55 -21.10 7.11
C LEU A 34 28.63 -20.00 7.32
N LYS A 35 29.41 -20.11 8.40
CA LYS A 35 30.56 -19.24 8.72
C LYS A 35 31.74 -19.47 7.77
N ASP A 36 31.60 -18.91 6.57
CA ASP A 36 32.49 -19.02 5.42
C ASP A 36 33.80 -18.20 5.57
N HIS A 37 34.79 -18.41 4.70
CA HIS A 37 36.03 -17.61 4.74
C HIS A 37 35.76 -16.13 4.44
N LEU A 38 36.35 -15.23 5.24
CA LEU A 38 36.25 -13.77 5.14
C LEU A 38 34.82 -13.21 5.36
N ALA A 39 33.85 -14.04 5.76
CA ALA A 39 32.44 -13.67 5.89
C ALA A 39 32.18 -12.44 6.79
N ALA A 40 32.79 -12.34 7.97
CA ALA A 40 32.55 -11.22 8.89
C ALA A 40 33.18 -9.89 8.44
N TYR A 41 34.09 -9.92 7.45
CA TYR A 41 34.69 -8.74 6.81
C TYR A 41 33.96 -8.40 5.51
N GLU A 42 33.47 -9.43 4.81
CA GLU A 42 32.69 -9.29 3.59
C GLU A 42 31.31 -8.67 3.89
N LEU A 43 30.65 -9.16 4.95
CA LEU A 43 29.39 -8.63 5.48
C LEU A 43 29.63 -7.36 6.31
N SER A 44 28.69 -6.42 6.30
CA SER A 44 28.75 -5.18 7.09
C SER A 44 28.09 -5.30 8.47
N LYS A 45 28.55 -4.47 9.43
CA LYS A 45 27.92 -4.32 10.76
C LYS A 45 26.71 -3.40 10.70
N ALA A 46 26.60 -2.54 9.68
CA ALA A 46 25.44 -1.67 9.44
C ALA A 46 25.33 -1.23 7.96
N SER A 47 24.22 -1.57 7.31
CA SER A 47 23.92 -1.23 5.91
C SER A 47 22.41 -1.09 5.68
N GLU A 48 22.03 -0.12 4.84
CA GLU A 48 20.64 0.29 4.55
C GLU A 48 20.17 -0.21 3.19
N GLY B 1 -1.31 32.90 -3.57
CA GLY B 1 -1.66 32.36 -2.24
C GLY B 1 -0.75 31.20 -1.88
N SER B 2 -0.87 30.71 -0.64
CA SER B 2 -0.09 29.57 -0.13
C SER B 2 -0.87 28.75 0.93
N HIS B 3 -0.34 27.60 1.32
CA HIS B 3 -0.85 26.74 2.40
C HIS B 3 0.25 25.86 3.00
N MET B 4 0.10 25.48 4.28
CA MET B 4 1.03 24.62 5.02
C MET B 4 1.16 23.21 4.42
N ALA B 5 2.29 22.56 4.70
CA ALA B 5 2.56 21.17 4.33
C ALA B 5 1.94 20.18 5.34
N THR B 6 1.73 18.93 4.91
CA THR B 6 1.24 17.82 5.75
C THR B 6 2.35 16.79 5.92
N LYS B 7 2.41 16.14 7.09
CA LYS B 7 3.34 15.05 7.39
C LYS B 7 2.64 13.71 7.63
N ALA B 8 3.39 12.63 7.50
CA ALA B 8 2.96 11.26 7.80
C ALA B 8 3.99 10.55 8.68
N ARG B 9 3.49 9.71 9.59
CA ARG B 9 4.24 8.81 10.45
C ARG B 9 4.14 7.41 9.86
N VAL B 10 5.26 6.77 9.55
CA VAL B 10 5.26 5.41 8.99
C VAL B 10 4.81 4.38 10.04
N MET B 11 3.95 3.44 9.66
CA MET B 11 3.52 2.33 10.52
C MET B 11 4.42 1.10 10.44
N TYR B 12 5.11 0.89 9.32
CA TYR B 12 5.97 -0.29 9.07
C TYR B 12 7.15 0.01 8.13
N ASP B 13 8.32 -0.58 8.40
CA ASP B 13 9.51 -0.50 7.54
C ASP B 13 9.23 -1.06 6.14
N PHE B 14 9.40 -0.24 5.10
CA PHE B 14 9.10 -0.58 3.70
C PHE B 14 10.38 -0.74 2.87
N ALA B 15 10.29 -1.47 1.77
CA ALA B 15 11.38 -1.65 0.80
C ALA B 15 10.89 -1.57 -0.65
N ALA B 16 11.38 -0.56 -1.37
CA ALA B 16 10.98 -0.21 -2.73
C ALA B 16 11.31 -1.27 -3.82
N GLU B 17 10.37 -1.52 -4.74
CA GLU B 17 10.52 -2.38 -5.92
C GLU B 17 11.37 -1.74 -7.03
N PRO B 18 12.05 -2.55 -7.87
CA PRO B 18 12.80 -2.06 -9.03
C PRO B 18 11.82 -1.55 -10.11
N GLY B 19 12.19 -0.45 -10.78
CA GLY B 19 11.40 0.16 -11.86
C GLY B 19 10.07 0.81 -11.46
N ASN B 20 9.60 0.70 -10.21
CA ASN B 20 8.34 1.30 -9.77
C ASN B 20 8.47 2.69 -9.12
N ASN B 21 9.67 3.27 -9.04
CA ASN B 21 9.94 4.54 -8.36
C ASN B 21 9.26 4.64 -6.97
N GLU B 22 9.38 3.57 -6.17
CA GLU B 22 8.91 3.49 -4.78
C GLU B 22 9.88 4.20 -3.81
N LEU B 23 9.38 4.65 -2.65
CA LEU B 23 10.15 5.34 -1.62
C LEU B 23 10.47 4.41 -0.44
N THR B 24 11.73 4.01 -0.28
CA THR B 24 12.12 3.20 0.89
C THR B 24 12.12 4.08 2.14
N VAL B 25 11.25 3.72 3.08
CA VAL B 25 11.02 4.41 4.37
C VAL B 25 11.20 3.48 5.58
N ASN B 26 11.38 4.06 6.76
CA ASN B 26 11.51 3.31 8.01
C ASN B 26 10.31 3.50 8.94
N GLU B 27 10.03 2.52 9.80
CA GLU B 27 8.93 2.60 10.77
C GLU B 27 9.06 3.78 11.74
N GLY B 28 8.03 4.61 11.75
CA GLY B 28 7.93 5.88 12.46
C GLY B 28 8.70 7.04 11.83
N GLU B 29 9.27 6.87 10.62
CA GLU B 29 9.91 7.96 9.89
C GLU B 29 8.89 9.07 9.60
N ILE B 30 9.34 10.33 9.64
CA ILE B 30 8.51 11.49 9.34
C ILE B 30 8.79 11.96 7.92
N ILE B 31 7.76 11.97 7.08
CA ILE B 31 7.84 12.39 5.67
C ILE B 31 6.74 13.38 5.32
N THR B 32 6.98 14.26 4.36
CA THR B 32 5.97 15.19 3.82
C THR B 32 5.19 14.52 2.72
N ILE B 33 3.92 14.92 2.58
CA ILE B 33 3.05 14.47 1.50
C ILE B 33 3.27 15.37 0.28
N THR B 34 3.39 14.76 -0.90
CA THR B 34 3.46 15.46 -2.20
C THR B 34 2.29 15.07 -3.11
N ASN B 35 1.75 13.86 -2.96
CA ASN B 35 0.55 13.37 -3.67
C ASN B 35 -0.24 12.34 -2.81
N PRO B 36 -1.24 12.73 -2.02
CA PRO B 36 -2.01 11.82 -1.12
C PRO B 36 -2.97 10.86 -1.84
N ASP B 37 -3.04 10.94 -3.17
CA ASP B 37 -3.78 10.04 -4.06
C ASP B 37 -3.12 10.09 -5.44
N VAL B 38 -2.87 8.90 -6.00
CA VAL B 38 -2.32 8.68 -7.35
C VAL B 38 -2.95 7.47 -8.08
N GLY B 39 -3.69 6.63 -7.36
CA GLY B 39 -4.29 5.39 -7.86
C GLY B 39 -3.67 4.15 -7.24
N GLY B 40 -4.35 3.00 -7.37
CA GLY B 40 -3.84 1.68 -6.91
C GLY B 40 -3.62 1.54 -5.39
N GLY B 41 -4.07 2.53 -4.60
CA GLY B 41 -3.85 2.63 -3.16
C GLY B 41 -2.56 3.34 -2.75
N TRP B 42 -1.90 4.03 -3.69
CA TRP B 42 -0.61 4.67 -3.48
C TRP B 42 -0.71 6.16 -3.17
N LEU B 43 0.38 6.69 -2.66
CA LEU B 43 0.62 8.11 -2.40
C LEU B 43 2.11 8.41 -2.68
N GLU B 44 2.44 9.68 -2.83
CA GLU B 44 3.80 10.20 -3.00
C GLU B 44 4.21 11.06 -1.79
N GLY B 45 5.48 10.97 -1.39
CA GLY B 45 6.03 11.71 -0.26
C GLY B 45 7.53 12.01 -0.39
N ARG B 46 8.08 12.67 0.63
CA ARG B 46 9.50 13.07 0.71
C ARG B 46 10.03 13.10 2.15
N ASN B 47 11.13 12.38 2.42
CA ASN B 47 11.65 12.23 3.79
C ASN B 47 12.55 13.39 4.22
N ILE B 48 13.01 13.32 5.47
CA ILE B 48 13.98 14.24 6.10
C ILE B 48 15.24 14.42 5.24
N LYS B 49 15.66 13.34 4.58
CA LYS B 49 16.82 13.26 3.68
C LYS B 49 16.53 13.78 2.26
N GLY B 50 15.25 13.93 1.90
CA GLY B 50 14.82 14.52 0.63
C GLY B 50 14.50 13.54 -0.50
N GLU B 51 14.53 12.23 -0.22
CA GLU B 51 14.22 11.18 -1.19
C GLU B 51 12.72 11.11 -1.44
N ARG B 52 12.31 10.85 -2.68
CA ARG B 52 10.92 10.79 -3.12
C ARG B 52 10.62 9.49 -3.88
N GLY B 53 9.35 9.08 -3.87
CA GLY B 53 8.88 7.81 -4.44
C GLY B 53 7.44 7.52 -4.03
N LEU B 54 6.90 6.41 -4.53
CA LEU B 54 5.58 5.90 -4.18
C LEU B 54 5.59 5.10 -2.87
N VAL B 55 4.52 5.27 -2.10
CA VAL B 55 4.31 4.70 -0.78
C VAL B 55 2.86 4.18 -0.67
N PRO B 56 2.63 2.96 -0.16
CA PRO B 56 1.28 2.44 0.08
C PRO B 56 0.58 3.21 1.21
N THR B 57 -0.67 3.64 0.99
CA THR B 57 -1.51 4.28 2.04
C THR B 57 -1.78 3.38 3.24
N ASP B 58 -1.74 2.07 3.02
CA ASP B 58 -1.89 1.05 4.08
C ASP B 58 -0.66 0.94 5.01
N TYR B 59 0.47 1.60 4.69
CA TYR B 59 1.73 1.54 5.46
C TYR B 59 2.04 2.78 6.30
N VAL B 60 1.33 3.88 6.11
CA VAL B 60 1.59 5.15 6.81
C VAL B 60 0.31 5.77 7.37
N GLU B 61 0.42 6.66 8.37
CA GLU B 61 -0.70 7.42 8.91
C GLU B 61 -0.45 8.93 8.86
N ILE B 62 -1.48 9.71 8.51
CA ILE B 62 -1.39 11.15 8.29
C ILE B 62 -1.51 11.90 9.62
N LEU B 63 -0.52 12.75 9.91
CA LEU B 63 -0.41 13.51 11.15
C LEU B 63 -1.25 14.80 11.16
N PRO B 64 -1.69 15.25 12.35
CA PRO B 64 -2.46 16.49 12.53
C PRO B 64 -1.58 17.74 12.39
N SER B 65 -2.21 18.91 12.53
CA SER B 65 -1.59 20.25 12.56
C SER B 65 -0.77 20.51 13.83
N ASP B 66 0.36 19.82 13.96
CA ASP B 66 1.38 19.98 15.02
C ASP B 66 0.94 19.63 16.48
N GLY B 67 -0.29 19.12 16.71
CA GLY B 67 -0.80 18.76 18.05
C GLY B 67 -1.97 17.78 18.11
N GLY A 1 4.59 22.07 -10.53
CA GLY A 1 5.61 21.37 -9.74
C GLY A 1 6.03 20.07 -10.38
N THR A 2 6.79 19.23 -9.68
CA THR A 2 7.18 17.89 -10.19
C THR A 2 5.95 17.00 -10.39
N VAL A 3 6.00 16.16 -11.43
CA VAL A 3 4.88 15.32 -11.85
C VAL A 3 4.51 14.27 -10.81
N ASN A 4 3.27 13.82 -10.86
CA ASN A 4 2.82 12.72 -10.00
C ASN A 4 3.34 11.38 -10.49
N PHE A 5 3.45 10.46 -9.56
CA PHE A 5 3.97 9.14 -9.81
C PHE A 5 2.82 8.17 -10.12
N LYS A 6 3.06 7.24 -11.04
CA LYS A 6 2.06 6.29 -11.55
C LYS A 6 2.52 4.86 -11.23
N PRO A 7 1.82 4.14 -10.33
CA PRO A 7 2.24 2.83 -9.84
C PRO A 7 2.20 1.72 -10.91
N THR A 8 3.26 0.91 -10.92
CA THR A 8 3.46 -0.28 -11.77
C THR A 8 2.68 -1.49 -11.24
N ARG A 9 2.45 -1.54 -9.92
CA ARG A 9 1.83 -2.65 -9.22
C ARG A 9 0.82 -2.15 -8.17
N PRO A 10 -0.21 -2.93 -7.83
CA PRO A 10 -1.15 -2.60 -6.74
C PRO A 10 -0.39 -2.55 -5.41
N ALA A 11 -0.88 -1.76 -4.46
CA ALA A 11 -0.25 -1.59 -3.16
C ALA A 11 -0.20 -2.92 -2.36
N PRO A 12 0.95 -3.27 -1.73
CA PRO A 12 1.09 -4.50 -0.95
C PRO A 12 0.30 -4.48 0.37
N PRO A 13 -0.08 -5.65 0.92
CA PRO A 13 -0.74 -5.75 2.23
C PRO A 13 0.25 -5.42 3.37
N PRO A 14 -0.18 -4.68 4.41
CA PRO A 14 0.65 -4.41 5.60
C PRO A 14 0.81 -5.66 6.49
N PRO A 15 1.86 -5.72 7.33
CA PRO A 15 2.12 -6.87 8.20
C PRO A 15 1.02 -7.07 9.25
N THR A 16 0.80 -8.32 9.65
CA THR A 16 -0.22 -8.77 10.62
C THR A 16 -1.65 -8.21 10.42
N SER A 17 -2.01 -7.86 9.18
CA SER A 17 -3.31 -7.29 8.78
C SER A 17 -4.52 -8.20 9.06
N GLY A 18 -4.26 -9.50 9.18
CA GLY A 18 -5.18 -10.58 9.57
C GLY A 18 -4.41 -11.79 10.12
N GLN A 19 -5.13 -12.78 10.65
CA GLN A 19 -4.56 -13.98 11.28
C GLN A 19 -3.82 -14.92 10.31
N ALA A 20 -4.04 -14.74 8.99
CA ALA A 20 -3.42 -15.44 7.85
C ALA A 20 -3.73 -16.95 7.69
N SER A 21 -4.34 -17.60 8.68
CA SER A 21 -4.81 -18.99 8.60
C SER A 21 -6.00 -19.23 9.53
N GLY A 22 -6.93 -20.09 9.11
CA GLY A 22 -8.09 -20.53 9.89
C GLY A 22 -7.80 -21.67 10.87
N ALA A 23 -6.61 -22.26 10.79
CA ALA A 23 -6.18 -23.38 11.62
C ALA A 23 -5.64 -22.93 13.00
N SER A 24 -5.83 -23.75 14.02
CA SER A 24 -5.39 -23.46 15.40
C SER A 24 -4.37 -24.49 15.90
N ARG A 25 -3.11 -24.08 16.03
CA ARG A 25 -2.03 -24.90 16.60
C ARG A 25 -2.24 -25.13 18.11
N PRO A 26 -1.97 -26.35 18.64
CA PRO A 26 -2.23 -26.67 20.04
C PRO A 26 -1.38 -25.83 21.01
N LEU A 27 -1.99 -25.41 22.12
CA LEU A 27 -1.38 -24.51 23.10
C LEU A 27 -0.10 -25.08 23.76
N PRO A 28 0.90 -24.22 24.10
CA PRO A 28 2.19 -24.66 24.62
C PRO A 28 2.11 -25.23 26.06
N PRO A 29 3.11 -26.03 26.48
CA PRO A 29 3.20 -26.57 27.84
C PRO A 29 3.47 -25.48 28.88
N ILE A 30 3.08 -25.74 30.12
CA ILE A 30 3.17 -24.79 31.24
C ILE A 30 4.63 -24.68 31.70
N ALA A 31 5.11 -23.46 31.95
CA ALA A 31 6.47 -23.23 32.48
C ALA A 31 6.58 -23.69 33.96
N GLN A 32 7.66 -24.39 34.27
CA GLN A 32 7.93 -25.05 35.55
C GLN A 32 8.45 -24.11 36.64
N ALA A 33 9.37 -23.21 36.26
CA ALA A 33 10.08 -22.31 37.16
C ALA A 33 10.80 -23.04 38.31
N LEU A 34 11.73 -23.94 37.96
CA LEU A 34 12.61 -24.64 38.90
C LEU A 34 13.63 -23.67 39.54
N LYS A 35 14.50 -24.17 40.43
CA LYS A 35 15.58 -23.41 41.10
C LYS A 35 16.74 -23.14 40.13
N ASP A 36 16.45 -22.41 39.06
CA ASP A 36 17.34 -22.11 37.94
C ASP A 36 18.56 -21.27 38.37
N HIS A 37 18.41 -20.47 39.43
CA HIS A 37 19.48 -19.68 40.05
C HIS A 37 20.59 -20.53 40.67
N LEU A 38 20.26 -21.74 41.13
CA LEU A 38 21.16 -22.64 41.86
C LEU A 38 21.88 -23.67 40.97
N ALA A 39 21.66 -23.62 39.65
CA ALA A 39 22.18 -24.60 38.69
C ALA A 39 23.72 -24.73 38.70
N ALA A 40 24.42 -23.63 38.41
CA ALA A 40 25.88 -23.54 38.38
C ALA A 40 26.50 -23.41 39.78
N TYR A 41 25.74 -22.92 40.76
CA TYR A 41 26.12 -22.84 42.18
C TYR A 41 26.37 -24.21 42.81
N GLU A 42 25.49 -25.19 42.52
CA GLU A 42 25.60 -26.55 43.04
C GLU A 42 26.83 -27.29 42.49
N LEU A 43 27.19 -27.02 41.23
CA LEU A 43 28.41 -27.52 40.58
C LEU A 43 29.65 -26.81 41.12
N SER A 44 30.44 -27.51 41.94
CA SER A 44 31.60 -26.93 42.63
C SER A 44 32.76 -26.56 41.69
N LYS A 45 33.47 -25.46 42.01
CA LYS A 45 34.69 -24.99 41.34
C LYS A 45 35.90 -25.22 42.25
N ALA A 46 36.97 -25.81 41.70
CA ALA A 46 38.21 -26.09 42.43
C ALA A 46 38.87 -24.83 43.02
N SER A 47 39.51 -24.98 44.18
CA SER A 47 40.13 -23.88 44.94
C SER A 47 41.56 -23.55 44.49
N GLU A 48 42.40 -24.54 44.19
CA GLU A 48 43.83 -24.36 43.85
C GLU A 48 44.29 -25.31 42.75
N GLY B 1 -3.49 27.76 -4.62
CA GLY B 1 -3.35 26.30 -4.43
C GLY B 1 -3.19 25.97 -2.95
N SER B 2 -2.33 25.01 -2.62
CA SER B 2 -2.00 24.68 -1.22
C SER B 2 -1.14 25.76 -0.56
N HIS B 3 -1.37 26.02 0.73
CA HIS B 3 -0.73 27.08 1.53
C HIS B 3 0.27 26.58 2.58
N MET B 4 0.16 25.32 3.00
CA MET B 4 1.00 24.66 4.02
C MET B 4 1.15 23.18 3.68
N ALA B 5 2.22 22.55 4.17
CA ALA B 5 2.52 21.13 3.95
C ALA B 5 1.98 20.21 5.07
N THR B 6 1.83 18.91 4.77
CA THR B 6 1.30 17.87 5.66
C THR B 6 2.38 16.84 5.97
N LYS B 7 2.35 16.21 7.15
CA LYS B 7 3.32 15.18 7.58
C LYS B 7 2.68 13.81 7.84
N ALA B 8 3.49 12.76 7.75
CA ALA B 8 3.12 11.38 8.01
C ALA B 8 4.15 10.67 8.87
N ARG B 9 3.65 9.75 9.72
CA ARG B 9 4.44 8.84 10.55
C ARG B 9 4.33 7.45 9.93
N VAL B 10 5.45 6.82 9.64
CA VAL B 10 5.47 5.46 9.08
C VAL B 10 5.04 4.43 10.14
N MET B 11 4.14 3.51 9.80
CA MET B 11 3.69 2.43 10.70
C MET B 11 4.56 1.17 10.61
N TYR B 12 5.17 0.91 9.46
CA TYR B 12 6.00 -0.28 9.18
C TYR B 12 7.08 0.06 8.16
N ASP B 13 8.27 -0.51 8.31
CA ASP B 13 9.36 -0.34 7.37
C ASP B 13 9.01 -0.94 6.00
N PHE B 14 9.25 -0.18 4.94
CA PHE B 14 8.95 -0.51 3.55
C PHE B 14 10.23 -0.62 2.71
N ALA B 15 10.23 -1.46 1.67
CA ALA B 15 11.39 -1.65 0.78
C ALA B 15 11.01 -1.54 -0.71
N ALA B 16 11.54 -0.50 -1.38
CA ALA B 16 11.22 -0.16 -2.77
C ALA B 16 11.63 -1.19 -3.85
N GLU B 17 10.75 -1.39 -4.83
CA GLU B 17 10.94 -2.21 -6.03
C GLU B 17 11.80 -1.54 -7.13
N PRO B 18 12.53 -2.33 -7.92
CA PRO B 18 13.27 -1.82 -9.08
C PRO B 18 12.30 -1.37 -10.18
N GLY B 19 12.52 -0.19 -10.75
CA GLY B 19 11.76 0.34 -11.87
C GLY B 19 10.36 0.91 -11.57
N ASN B 20 9.90 0.95 -10.31
CA ASN B 20 8.58 1.52 -9.94
C ASN B 20 8.64 2.91 -9.25
N ASN B 21 9.80 3.56 -9.16
CA ASN B 21 9.99 4.81 -8.39
C ASN B 21 9.31 4.77 -7.01
N GLU B 22 9.50 3.67 -6.27
CA GLU B 22 9.01 3.50 -4.89
C GLU B 22 9.97 4.20 -3.88
N LEU B 23 9.45 4.60 -2.73
CA LEU B 23 10.19 5.33 -1.69
C LEU B 23 10.44 4.44 -0.48
N THR B 24 11.68 3.99 -0.28
CA THR B 24 12.07 3.22 0.89
C THR B 24 12.01 4.12 2.13
N VAL B 25 11.13 3.76 3.06
CA VAL B 25 10.93 4.45 4.35
C VAL B 25 11.14 3.49 5.51
N ASN B 26 11.47 4.03 6.68
CA ASN B 26 11.63 3.21 7.89
C ASN B 26 10.50 3.46 8.88
N GLU B 27 10.19 2.44 9.69
CA GLU B 27 9.14 2.52 10.70
C GLU B 27 9.41 3.67 11.69
N GLY B 28 8.42 4.55 11.83
CA GLY B 28 8.51 5.76 12.63
C GLY B 28 9.24 6.93 11.97
N GLU B 29 9.61 6.83 10.69
CA GLU B 29 10.19 7.95 9.95
C GLU B 29 9.15 9.06 9.71
N ILE B 30 9.62 10.30 9.65
CA ILE B 30 8.81 11.48 9.33
C ILE B 30 9.04 11.89 7.89
N ILE B 31 7.94 12.02 7.15
CA ILE B 31 7.93 12.40 5.74
C ILE B 31 6.81 13.40 5.45
N THR B 32 7.03 14.29 4.50
CA THR B 32 6.04 15.25 4.00
C THR B 32 5.26 14.60 2.88
N ILE B 33 3.99 14.95 2.75
CA ILE B 33 3.13 14.44 1.68
C ILE B 33 3.21 15.38 0.48
N THR B 34 3.36 14.81 -0.72
CA THR B 34 3.33 15.55 -1.99
C THR B 34 2.12 15.15 -2.85
N ASN B 35 1.63 13.92 -2.72
CA ASN B 35 0.41 13.42 -3.38
C ASN B 35 -0.29 12.36 -2.49
N PRO B 36 -1.31 12.71 -1.68
CA PRO B 36 -2.04 11.75 -0.82
C PRO B 36 -2.96 10.78 -1.59
N ASP B 37 -2.99 10.89 -2.91
CA ASP B 37 -3.78 10.09 -3.83
C ASP B 37 -3.09 10.09 -5.20
N VAL B 38 -2.90 8.89 -5.77
CA VAL B 38 -2.35 8.64 -7.11
C VAL B 38 -3.01 7.44 -7.83
N GLY B 39 -3.70 6.58 -7.08
CA GLY B 39 -4.37 5.36 -7.52
C GLY B 39 -3.64 4.09 -7.06
N GLY B 40 -4.28 2.94 -7.22
CA GLY B 40 -3.72 1.62 -6.84
C GLY B 40 -3.49 1.40 -5.35
N GLY B 41 -3.90 2.34 -4.49
CA GLY B 41 -3.65 2.33 -3.04
C GLY B 41 -2.32 2.97 -2.61
N TRP B 42 -1.76 3.86 -3.44
CA TRP B 42 -0.48 4.51 -3.22
C TRP B 42 -0.61 6.00 -2.88
N LEU B 43 0.50 6.59 -2.43
CA LEU B 43 0.68 8.02 -2.18
C LEU B 43 2.14 8.39 -2.48
N GLU B 44 2.38 9.67 -2.71
CA GLU B 44 3.69 10.28 -2.89
C GLU B 44 4.08 11.10 -1.66
N GLY B 45 5.36 11.01 -1.30
CA GLY B 45 5.95 11.74 -0.17
C GLY B 45 7.40 12.16 -0.45
N ARG B 46 8.00 12.78 0.56
CA ARG B 46 9.42 13.19 0.63
C ARG B 46 9.90 13.17 2.06
N ASN B 47 11.03 12.53 2.33
CA ASN B 47 11.50 12.35 3.70
C ASN B 47 12.42 13.48 4.16
N ILE B 48 12.88 13.35 5.41
CA ILE B 48 13.89 14.21 6.02
C ILE B 48 15.18 14.25 5.16
N LYS B 49 15.57 13.10 4.59
CA LYS B 49 16.71 12.93 3.69
C LYS B 49 16.44 13.46 2.27
N GLY B 50 15.18 13.72 1.95
CA GLY B 50 14.75 14.33 0.69
C GLY B 50 14.50 13.33 -0.45
N GLU B 51 14.43 12.04 -0.13
CA GLU B 51 14.13 10.99 -1.11
C GLU B 51 12.65 11.00 -1.47
N ARG B 52 12.33 10.72 -2.75
CA ARG B 52 10.97 10.75 -3.28
C ARG B 52 10.65 9.50 -4.09
N GLY B 53 9.40 9.06 -3.97
CA GLY B 53 8.85 7.89 -4.63
C GLY B 53 7.44 7.58 -4.11
N LEU B 54 6.91 6.45 -4.55
CA LEU B 54 5.61 5.91 -4.15
C LEU B 54 5.68 5.09 -2.85
N VAL B 55 4.65 5.22 -2.03
CA VAL B 55 4.49 4.58 -0.73
C VAL B 55 3.04 4.06 -0.60
N PRO B 56 2.81 2.82 -0.12
CA PRO B 56 1.45 2.31 0.13
C PRO B 56 0.77 3.10 1.26
N THR B 57 -0.48 3.55 1.06
CA THR B 57 -1.16 4.38 2.10
C THR B 57 -1.46 3.59 3.36
N ASP B 58 -1.67 2.29 3.22
CA ASP B 58 -1.87 1.36 4.35
C ASP B 58 -0.60 1.16 5.19
N TYR B 59 0.58 1.68 4.80
CA TYR B 59 1.83 1.55 5.57
C TYR B 59 2.19 2.80 6.38
N VAL B 60 1.55 3.95 6.12
CA VAL B 60 1.85 5.22 6.81
C VAL B 60 0.57 5.92 7.29
N GLU B 61 0.64 6.65 8.39
CA GLU B 61 -0.51 7.39 8.95
C GLU B 61 -0.25 8.91 8.92
N ILE B 62 -1.28 9.68 8.53
CA ILE B 62 -1.20 11.13 8.40
C ILE B 62 -1.39 11.80 9.76
N LEU B 63 -0.49 12.72 10.11
CA LEU B 63 -0.46 13.42 11.39
C LEU B 63 -1.47 14.60 11.49
N PRO B 64 -1.83 15.03 12.72
CA PRO B 64 -2.72 16.17 13.00
C PRO B 64 -2.12 17.52 12.58
N SER B 65 -2.71 18.64 13.03
CA SER B 65 -2.36 20.02 12.64
C SER B 65 -0.84 20.30 12.65
N ASP B 66 -0.27 20.34 11.44
CA ASP B 66 1.16 20.43 11.16
C ASP B 66 1.77 21.84 11.31
N GLY B 67 0.98 22.84 11.73
CA GLY B 67 1.42 24.23 11.89
C GLY B 67 2.47 24.45 12.96
N GLY A 1 3.33 20.70 -17.43
CA GLY A 1 4.53 21.09 -16.68
C GLY A 1 4.94 20.00 -15.71
N THR A 2 4.63 20.17 -14.42
CA THR A 2 4.96 19.21 -13.33
C THR A 2 4.22 17.87 -13.45
N VAL A 3 4.69 16.84 -12.77
CA VAL A 3 4.13 15.48 -12.82
C VAL A 3 4.07 14.80 -11.45
N ASN A 4 3.33 13.69 -11.42
CA ASN A 4 3.19 12.75 -10.31
C ASN A 4 3.78 11.38 -10.66
N PHE A 5 3.77 10.48 -9.69
CA PHE A 5 4.26 9.12 -9.85
C PHE A 5 3.11 8.14 -10.13
N LYS A 6 3.36 7.15 -10.98
CA LYS A 6 2.38 6.16 -11.44
C LYS A 6 2.84 4.73 -11.09
N PRO A 7 2.13 3.99 -10.21
CA PRO A 7 2.51 2.67 -9.71
C PRO A 7 2.49 1.56 -10.77
N THR A 8 3.46 0.63 -10.69
CA THR A 8 3.57 -0.59 -11.54
C THR A 8 2.72 -1.76 -11.03
N ARG A 9 2.31 -1.70 -9.76
CA ARG A 9 1.59 -2.73 -9.02
C ARG A 9 0.60 -2.10 -8.02
N PRO A 10 -0.47 -2.78 -7.60
CA PRO A 10 -1.37 -2.28 -6.55
C PRO A 10 -0.70 -2.34 -5.16
N ALA A 11 -1.18 -1.53 -4.22
CA ALA A 11 -0.60 -1.37 -2.88
C ALA A 11 -0.61 -2.70 -2.07
N PRO A 12 0.56 -3.22 -1.66
CA PRO A 12 0.70 -4.52 -0.99
C PRO A 12 0.06 -4.61 0.41
N PRO A 13 -0.06 -5.82 1.00
CA PRO A 13 -0.56 -6.00 2.37
C PRO A 13 0.52 -5.66 3.43
N PRO A 14 0.15 -5.02 4.55
CA PRO A 14 1.06 -4.76 5.68
C PRO A 14 1.36 -6.03 6.53
N PRO A 15 2.40 -5.99 7.39
CA PRO A 15 2.81 -7.12 8.23
C PRO A 15 1.74 -7.49 9.27
N THR A 16 1.68 -8.79 9.59
CA THR A 16 0.75 -9.46 10.54
C THR A 16 -0.76 -9.19 10.32
N SER A 17 -1.07 -8.49 9.23
CA SER A 17 -2.42 -8.21 8.74
C SER A 17 -3.11 -9.50 8.30
N GLY A 18 -4.39 -9.65 8.64
CA GLY A 18 -5.23 -10.77 8.22
C GLY A 18 -5.66 -10.65 6.74
N GLN A 19 -6.84 -11.17 6.43
CA GLN A 19 -7.41 -11.09 5.09
C GLN A 19 -8.96 -11.10 5.12
N ALA A 20 -9.56 -10.26 4.28
CA ALA A 20 -11.00 -10.19 4.09
C ALA A 20 -11.55 -11.46 3.41
N SER A 21 -12.87 -11.67 3.53
CA SER A 21 -13.57 -12.80 2.91
C SER A 21 -13.33 -12.85 1.40
N GLY A 22 -12.78 -13.96 0.92
CA GLY A 22 -12.42 -14.15 -0.50
C GLY A 22 -11.93 -15.55 -0.87
N ALA A 23 -12.20 -16.57 -0.06
CA ALA A 23 -11.69 -17.94 -0.24
C ALA A 23 -12.78 -18.95 -0.63
N SER A 24 -12.37 -20.15 -1.05
CA SER A 24 -13.27 -21.26 -1.36
C SER A 24 -14.02 -21.78 -0.12
N ARG A 25 -15.20 -22.37 -0.34
CA ARG A 25 -16.03 -23.03 0.70
C ARG A 25 -16.53 -24.40 0.23
N PRO A 26 -16.80 -25.34 1.15
CA PRO A 26 -17.30 -26.68 0.83
C PRO A 26 -18.76 -26.64 0.36
N LEU A 27 -19.11 -27.56 -0.55
CA LEU A 27 -20.42 -27.73 -1.14
C LEU A 27 -20.66 -29.17 -1.60
N PRO A 28 -21.93 -29.64 -1.65
CA PRO A 28 -22.25 -30.94 -2.22
C PRO A 28 -21.99 -30.85 -3.74
N PRO A 29 -21.20 -31.78 -4.33
CA PRO A 29 -20.79 -31.70 -5.73
C PRO A 29 -21.95 -31.86 -6.71
N ILE A 30 -21.73 -31.40 -7.94
CA ILE A 30 -22.68 -31.51 -9.05
C ILE A 30 -22.82 -33.00 -9.45
N ALA A 31 -24.04 -33.45 -9.75
CA ALA A 31 -24.33 -34.86 -10.04
C ALA A 31 -25.45 -35.05 -11.09
N GLN A 32 -25.48 -36.23 -11.69
CA GLN A 32 -26.35 -36.70 -12.79
C GLN A 32 -27.86 -36.79 -12.51
N ALA A 33 -28.31 -36.17 -11.42
CA ALA A 33 -29.68 -36.22 -10.92
C ALA A 33 -30.72 -35.56 -11.85
N LEU A 34 -31.93 -36.11 -11.77
CA LEU A 34 -33.14 -35.78 -12.53
C LEU A 34 -34.36 -36.34 -11.75
N LYS A 35 -35.55 -36.41 -12.36
CA LYS A 35 -36.80 -36.84 -11.68
C LYS A 35 -36.67 -38.23 -11.01
N ASP A 36 -35.89 -39.13 -11.62
CA ASP A 36 -35.50 -40.47 -11.12
C ASP A 36 -36.67 -41.46 -10.83
N HIS A 37 -37.92 -41.02 -10.99
CA HIS A 37 -39.17 -41.72 -10.69
C HIS A 37 -39.49 -42.96 -11.53
N LEU A 38 -38.65 -43.27 -12.50
CA LEU A 38 -38.78 -44.38 -13.45
C LEU A 38 -37.49 -45.22 -13.52
N ALA A 39 -36.50 -44.92 -12.68
CA ALA A 39 -35.18 -45.56 -12.66
C ALA A 39 -35.22 -47.09 -12.47
N ALA A 40 -36.14 -47.60 -11.64
CA ALA A 40 -36.37 -49.03 -11.40
C ALA A 40 -37.53 -49.61 -12.25
N TYR A 41 -38.25 -48.77 -13.01
CA TYR A 41 -39.31 -49.18 -13.94
C TYR A 41 -38.77 -49.50 -15.35
N GLU A 42 -37.75 -48.76 -15.80
CA GLU A 42 -37.18 -48.95 -17.14
C GLU A 42 -36.38 -50.28 -17.25
N LEU A 43 -36.05 -50.88 -16.09
CA LEU A 43 -35.42 -52.17 -15.87
C LEU A 43 -36.48 -53.20 -15.40
N SER A 44 -36.33 -54.47 -15.79
CA SER A 44 -37.20 -55.55 -15.29
C SER A 44 -36.83 -55.95 -13.86
N LYS A 45 -37.84 -55.95 -12.99
CA LYS A 45 -37.79 -56.32 -11.56
C LYS A 45 -37.81 -57.82 -11.28
N ALA A 46 -37.90 -58.65 -12.32
CA ALA A 46 -37.85 -60.11 -12.25
C ALA A 46 -37.10 -60.73 -13.43
N SER A 47 -36.47 -61.88 -13.19
CA SER A 47 -35.79 -62.71 -14.20
C SER A 47 -36.80 -63.67 -14.88
N GLU A 48 -37.98 -63.14 -15.20
CA GLU A 48 -39.13 -63.83 -15.80
C GLU A 48 -38.86 -64.22 -17.27
N GLY B 1 3.32 29.46 -1.32
CA GLY B 1 2.37 30.55 -1.07
C GLY B 1 1.62 30.31 0.22
N SER B 2 0.30 30.57 0.21
CA SER B 2 -0.59 30.37 1.37
C SER B 2 -0.85 28.88 1.70
N HIS B 3 -0.50 27.94 0.81
CA HIS B 3 -0.60 26.50 1.08
C HIS B 3 0.52 26.05 2.05
N MET B 4 0.15 25.24 3.06
CA MET B 4 1.10 24.64 4.00
C MET B 4 1.15 23.12 3.85
N ALA B 5 2.35 22.55 4.05
CA ALA B 5 2.58 21.12 3.89
C ALA B 5 1.85 20.23 4.93
N THR B 6 1.80 18.93 4.67
CA THR B 6 1.26 17.88 5.55
C THR B 6 2.33 16.81 5.79
N LYS B 7 2.36 16.18 6.98
CA LYS B 7 3.32 15.13 7.35
C LYS B 7 2.64 13.79 7.67
N ALA B 8 3.41 12.71 7.55
CA ALA B 8 3.01 11.34 7.85
C ALA B 8 4.07 10.63 8.70
N ARG B 9 3.59 9.76 9.59
CA ARG B 9 4.37 8.85 10.44
C ARG B 9 4.22 7.43 9.86
N VAL B 10 5.34 6.76 9.63
CA VAL B 10 5.32 5.36 9.14
C VAL B 10 4.89 4.37 10.22
N MET B 11 4.05 3.38 9.87
CA MET B 11 3.64 2.30 10.78
C MET B 11 4.52 1.05 10.68
N TYR B 12 5.13 0.80 9.50
CA TYR B 12 5.95 -0.38 9.20
C TYR B 12 7.02 -0.06 8.14
N ASP B 13 8.22 -0.63 8.24
CA ASP B 13 9.29 -0.40 7.26
C ASP B 13 8.94 -0.98 5.87
N PHE B 14 9.04 -0.16 4.84
CA PHE B 14 8.75 -0.48 3.44
C PHE B 14 10.05 -0.44 2.61
N ALA B 15 10.22 -1.38 1.68
CA ALA B 15 11.39 -1.43 0.80
C ALA B 15 11.00 -1.39 -0.69
N ALA B 16 11.44 -0.35 -1.39
CA ALA B 16 11.10 -0.06 -2.77
C ALA B 16 11.53 -1.10 -3.82
N GLU B 17 10.67 -1.39 -4.79
CA GLU B 17 10.94 -2.26 -5.95
C GLU B 17 11.99 -1.67 -6.90
N PRO B 18 12.64 -2.49 -7.74
CA PRO B 18 13.61 -2.03 -8.74
C PRO B 18 12.90 -1.37 -9.94
N GLY B 19 13.04 -0.06 -10.08
CA GLY B 19 12.54 0.74 -11.22
C GLY B 19 11.09 1.25 -11.09
N ASN B 20 10.39 0.94 -9.99
CA ASN B 20 9.00 1.36 -9.77
C ASN B 20 8.86 2.82 -9.29
N ASN B 21 9.95 3.56 -9.10
CA ASN B 21 9.99 4.91 -8.50
C ASN B 21 9.25 4.96 -7.15
N GLU B 22 9.43 3.91 -6.35
CA GLU B 22 8.97 3.75 -4.96
C GLU B 22 9.97 4.39 -3.97
N LEU B 23 9.52 4.70 -2.76
CA LEU B 23 10.31 5.33 -1.70
C LEU B 23 10.45 4.38 -0.51
N THR B 24 11.68 3.92 -0.26
CA THR B 24 12.01 3.11 0.91
C THR B 24 11.92 3.98 2.15
N VAL B 25 10.95 3.71 3.02
CA VAL B 25 10.73 4.41 4.30
C VAL B 25 10.94 3.47 5.48
N ASN B 26 11.27 4.04 6.63
CA ASN B 26 11.47 3.24 7.85
C ASN B 26 10.33 3.42 8.83
N GLU B 27 10.07 2.39 9.64
CA GLU B 27 9.07 2.47 10.70
C GLU B 27 9.29 3.66 11.66
N GLY B 28 8.23 4.45 11.82
CA GLY B 28 8.21 5.70 12.57
C GLY B 28 8.94 6.88 11.92
N GLU B 29 9.41 6.76 10.67
CA GLU B 29 10.02 7.87 9.93
C GLU B 29 8.98 8.98 9.68
N ILE B 30 9.42 10.23 9.68
CA ILE B 30 8.58 11.39 9.36
C ILE B 30 8.82 11.81 7.91
N ILE B 31 7.74 11.89 7.13
CA ILE B 31 7.76 12.24 5.70
C ILE B 31 6.68 13.26 5.35
N THR B 32 6.94 14.10 4.35
CA THR B 32 5.98 15.06 3.79
C THR B 32 5.16 14.38 2.71
N ILE B 33 3.91 14.80 2.58
CA ILE B 33 3.00 14.36 1.53
C ILE B 33 3.20 15.26 0.31
N THR B 34 3.31 14.68 -0.88
CA THR B 34 3.38 15.44 -2.15
C THR B 34 2.26 15.09 -3.12
N ASN B 35 1.71 13.87 -3.04
CA ASN B 35 0.58 13.39 -3.85
C ASN B 35 -0.20 12.29 -3.07
N PRO B 36 -1.17 12.63 -2.20
CA PRO B 36 -1.92 11.67 -1.35
C PRO B 36 -2.87 10.73 -2.11
N ASP B 37 -3.09 10.95 -3.41
CA ASP B 37 -4.05 10.21 -4.24
C ASP B 37 -3.59 10.14 -5.71
N VAL B 38 -2.78 9.11 -6.02
CA VAL B 38 -2.29 8.79 -7.38
C VAL B 38 -2.99 7.58 -8.02
N GLY B 39 -3.66 6.74 -7.23
CA GLY B 39 -4.32 5.51 -7.69
C GLY B 39 -3.66 4.23 -7.17
N GLY B 40 -4.34 3.09 -7.31
CA GLY B 40 -3.84 1.78 -6.90
C GLY B 40 -3.57 1.61 -5.40
N GLY B 41 -4.03 2.56 -4.57
CA GLY B 41 -3.77 2.63 -3.13
C GLY B 41 -2.46 3.33 -2.74
N TRP B 42 -1.79 3.98 -3.70
CA TRP B 42 -0.50 4.61 -3.48
C TRP B 42 -0.59 6.11 -3.19
N LEU B 43 0.51 6.64 -2.68
CA LEU B 43 0.73 8.06 -2.44
C LEU B 43 2.21 8.40 -2.67
N GLU B 44 2.47 9.65 -3.00
CA GLU B 44 3.82 10.21 -3.15
C GLU B 44 4.18 11.03 -1.90
N GLY B 45 5.43 10.88 -1.46
CA GLY B 45 5.99 11.58 -0.30
C GLY B 45 7.48 11.87 -0.45
N ARG B 46 8.06 12.50 0.57
CA ARG B 46 9.51 12.80 0.69
C ARG B 46 9.93 12.70 2.17
N ASN B 47 10.97 11.95 2.51
CA ASN B 47 11.41 11.85 3.92
C ASN B 47 12.30 13.01 4.32
N ILE B 48 12.65 12.99 5.61
CA ILE B 48 13.60 13.93 6.21
C ILE B 48 14.89 14.08 5.40
N LYS B 49 15.38 12.96 4.85
CA LYS B 49 16.61 12.84 4.06
C LYS B 49 16.46 13.26 2.61
N GLY B 50 15.22 13.42 2.14
CA GLY B 50 14.93 13.96 0.81
C GLY B 50 14.74 12.95 -0.31
N GLU B 51 14.56 11.67 0.01
CA GLU B 51 14.24 10.65 -0.99
C GLU B 51 12.75 10.72 -1.32
N ARG B 52 12.38 10.61 -2.61
CA ARG B 52 11.01 10.71 -3.09
C ARG B 52 10.60 9.47 -3.87
N GLY B 53 9.32 9.12 -3.77
CA GLY B 53 8.80 7.89 -4.37
C GLY B 53 7.38 7.56 -3.91
N LEU B 54 6.84 6.50 -4.52
CA LEU B 54 5.56 5.92 -4.16
C LEU B 54 5.66 5.12 -2.87
N VAL B 55 4.63 5.26 -2.02
CA VAL B 55 4.50 4.58 -0.73
C VAL B 55 3.03 4.10 -0.59
N PRO B 56 2.78 2.87 -0.10
CA PRO B 56 1.42 2.39 0.16
C PRO B 56 0.74 3.15 1.31
N THR B 57 -0.51 3.59 1.10
CA THR B 57 -1.34 4.23 2.13
C THR B 57 -1.60 3.33 3.35
N ASP B 58 -1.61 2.01 3.15
CA ASP B 58 -1.77 1.02 4.22
C ASP B 58 -0.59 0.95 5.20
N TYR B 59 0.57 1.55 4.85
CA TYR B 59 1.82 1.45 5.63
C TYR B 59 2.15 2.69 6.46
N VAL B 60 1.45 3.80 6.23
CA VAL B 60 1.73 5.09 6.89
C VAL B 60 0.46 5.73 7.43
N GLU B 61 0.57 6.63 8.42
CA GLU B 61 -0.55 7.42 8.94
C GLU B 61 -0.29 8.93 8.84
N ILE B 62 -1.32 9.70 8.49
CA ILE B 62 -1.25 11.15 8.41
C ILE B 62 -1.31 11.75 9.82
N LEU B 63 -0.42 12.70 10.10
CA LEU B 63 -0.34 13.42 11.37
C LEU B 63 -1.36 14.58 11.47
N PRO B 64 -1.82 14.92 12.69
CA PRO B 64 -2.82 15.96 12.94
C PRO B 64 -2.26 17.38 12.72
N SER B 65 -3.14 18.37 12.79
CA SER B 65 -2.80 19.80 12.68
C SER B 65 -1.92 20.27 13.82
N ASP B 66 -1.00 21.18 13.48
CA ASP B 66 -0.12 21.86 14.42
C ASP B 66 -0.85 22.87 15.33
N GLY B 67 -1.94 23.49 14.85
CA GLY B 67 -2.71 24.53 15.55
C GLY B 67 -3.52 25.44 14.64
N GLY A 1 5.10 22.85 -12.69
CA GLY A 1 6.09 22.62 -11.63
C GLY A 1 6.76 21.26 -11.75
N THR A 2 6.00 20.17 -11.58
CA THR A 2 6.44 18.76 -11.57
C THR A 2 5.31 17.83 -12.06
N VAL A 3 5.48 16.51 -11.94
CA VAL A 3 4.46 15.47 -12.26
C VAL A 3 4.32 14.46 -11.12
N ASN A 4 3.21 13.75 -11.11
CA ASN A 4 2.94 12.65 -10.19
C ASN A 4 3.54 11.31 -10.63
N PHE A 5 3.53 10.37 -9.69
CA PHE A 5 4.08 9.03 -9.87
C PHE A 5 2.98 8.01 -10.12
N LYS A 6 3.24 7.05 -11.01
CA LYS A 6 2.29 6.04 -11.46
C LYS A 6 2.78 4.62 -11.08
N PRO A 7 2.07 3.91 -10.18
CA PRO A 7 2.49 2.61 -9.66
C PRO A 7 2.47 1.50 -10.72
N THR A 8 3.49 0.64 -10.68
CA THR A 8 3.65 -0.55 -11.56
C THR A 8 2.93 -1.79 -11.01
N ARG A 9 2.73 -1.81 -9.69
CA ARG A 9 2.01 -2.84 -8.93
C ARG A 9 0.93 -2.22 -8.03
N PRO A 10 -0.14 -2.93 -7.68
CA PRO A 10 -1.11 -2.44 -6.70
C PRO A 10 -0.48 -2.47 -5.31
N ALA A 11 -0.99 -1.65 -4.39
CA ALA A 11 -0.42 -1.49 -3.06
C ALA A 11 -0.38 -2.81 -2.27
N PRO A 12 0.79 -3.24 -1.74
CA PRO A 12 0.92 -4.51 -1.01
C PRO A 12 0.20 -4.49 0.35
N PRO A 13 -0.10 -5.66 0.94
CA PRO A 13 -0.73 -5.77 2.25
C PRO A 13 0.26 -5.43 3.38
N PRO A 14 -0.17 -4.74 4.46
CA PRO A 14 0.66 -4.51 5.64
C PRO A 14 0.91 -5.82 6.43
N PRO A 15 1.95 -5.90 7.26
CA PRO A 15 2.36 -7.12 7.97
C PRO A 15 1.28 -7.79 8.83
N THR A 16 1.47 -9.09 9.07
CA THR A 16 0.60 -10.00 9.85
C THR A 16 -0.89 -10.01 9.44
N SER A 17 -1.19 -9.70 8.17
CA SER A 17 -2.55 -9.53 7.64
C SER A 17 -2.68 -9.98 6.17
N GLY A 18 -3.93 -10.09 5.70
CA GLY A 18 -4.30 -10.41 4.31
C GLY A 18 -4.29 -11.90 3.94
N GLN A 19 -4.79 -12.20 2.74
CA GLN A 19 -4.78 -13.54 2.12
C GLN A 19 -4.72 -13.45 0.58
N ALA A 20 -4.25 -14.52 -0.08
CA ALA A 20 -4.13 -14.61 -1.54
C ALA A 20 -5.01 -15.73 -2.17
N SER A 21 -5.26 -15.59 -3.47
CA SER A 21 -5.97 -16.56 -4.32
C SER A 21 -5.46 -16.49 -5.78
N GLY A 22 -5.73 -17.53 -6.57
CA GLY A 22 -5.38 -17.64 -7.99
C GLY A 22 -6.31 -18.59 -8.75
N ALA A 23 -7.60 -18.55 -8.41
CA ALA A 23 -8.63 -19.44 -8.92
C ALA A 23 -8.94 -19.22 -10.42
N SER A 24 -8.63 -20.21 -11.25
CA SER A 24 -8.93 -20.29 -12.68
C SER A 24 -9.31 -21.72 -13.09
N ARG A 25 -9.93 -21.88 -14.26
CA ARG A 25 -10.44 -23.18 -14.77
C ARG A 25 -10.04 -23.42 -16.23
N PRO A 26 -9.79 -24.68 -16.66
CA PRO A 26 -9.41 -25.00 -18.04
C PRO A 26 -10.55 -24.70 -19.02
N LEU A 27 -10.20 -24.06 -20.14
CA LEU A 27 -11.13 -23.58 -21.16
C LEU A 27 -11.28 -24.59 -22.32
N PRO A 28 -12.46 -24.72 -22.95
CA PRO A 28 -12.72 -25.70 -24.00
C PRO A 28 -11.83 -25.48 -25.24
N PRO A 29 -11.23 -26.54 -25.82
CA PRO A 29 -10.34 -26.44 -26.97
C PRO A 29 -11.11 -26.27 -28.30
N ILE A 30 -10.40 -25.78 -29.31
CA ILE A 30 -10.90 -25.64 -30.68
C ILE A 30 -10.48 -26.82 -31.57
N ALA A 31 -11.34 -27.19 -32.52
CA ALA A 31 -11.12 -28.21 -33.57
C ALA A 31 -11.87 -27.80 -34.86
N GLN A 32 -11.87 -26.50 -35.16
CA GLN A 32 -12.62 -25.86 -36.24
C GLN A 32 -12.02 -26.05 -37.65
N ALA A 33 -10.74 -26.42 -37.75
CA ALA A 33 -10.05 -26.68 -39.01
C ALA A 33 -10.58 -27.92 -39.75
N LEU A 34 -10.80 -27.76 -41.06
CA LEU A 34 -11.35 -28.72 -42.02
C LEU A 34 -11.13 -28.19 -43.45
N LYS A 35 -11.59 -28.90 -44.49
CA LYS A 35 -11.56 -28.42 -45.89
C LYS A 35 -12.55 -27.25 -46.11
N ASP A 36 -12.19 -26.08 -45.62
CA ASP A 36 -13.00 -24.84 -45.62
C ASP A 36 -12.99 -24.12 -46.98
N HIS A 37 -11.80 -23.99 -47.59
CA HIS A 37 -11.65 -23.29 -48.87
C HIS A 37 -12.17 -24.15 -50.02
N LEU A 38 -13.13 -23.61 -50.79
CA LEU A 38 -13.83 -24.31 -51.87
C LEU A 38 -14.48 -25.64 -51.41
N ALA A 39 -15.05 -25.63 -50.20
CA ALA A 39 -15.66 -26.79 -49.53
C ALA A 39 -16.73 -27.51 -50.37
N ALA A 40 -17.64 -26.77 -51.00
CA ALA A 40 -18.74 -27.35 -51.80
C ALA A 40 -18.23 -27.93 -53.13
N TYR A 41 -17.24 -27.27 -53.74
CA TYR A 41 -16.55 -27.74 -54.94
C TYR A 41 -15.75 -29.01 -54.66
N GLU A 42 -15.03 -29.05 -53.54
CA GLU A 42 -14.19 -30.21 -53.23
C GLU A 42 -15.03 -31.49 -53.02
N LEU A 43 -16.27 -31.35 -52.55
CA LEU A 43 -17.26 -32.42 -52.33
C LEU A 43 -18.18 -32.72 -53.55
N SER A 44 -18.03 -31.96 -54.63
CA SER A 44 -18.87 -31.98 -55.86
C SER A 44 -19.04 -33.34 -56.55
N LYS A 45 -20.07 -33.43 -57.40
CA LYS A 45 -20.36 -34.58 -58.27
C LYS A 45 -19.16 -34.90 -59.17
N ALA A 46 -18.84 -36.17 -59.35
CA ALA A 46 -17.80 -36.64 -60.27
C ALA A 46 -18.10 -36.31 -61.74
N SER A 47 -17.08 -36.39 -62.60
CA SER A 47 -17.18 -36.18 -64.06
C SER A 47 -16.13 -36.97 -64.84
N GLU A 48 -16.22 -37.00 -66.17
CA GLU A 48 -15.24 -37.61 -67.09
C GLU A 48 -13.86 -36.93 -67.00
N GLY B 1 -2.77 26.85 -3.65
CA GLY B 1 -3.31 27.30 -2.36
C GLY B 1 -2.23 27.37 -1.30
N SER B 2 -2.27 28.42 -0.47
CA SER B 2 -1.35 28.74 0.63
C SER B 2 -1.53 27.85 1.87
N HIS B 3 -1.53 26.54 1.68
CA HIS B 3 -1.64 25.52 2.73
C HIS B 3 -0.26 25.14 3.31
N MET B 4 -0.22 24.60 4.53
CA MET B 4 1.01 24.13 5.18
C MET B 4 1.45 22.76 4.63
N ALA B 5 2.75 22.46 4.65
CA ALA B 5 3.22 21.13 4.25
C ALA B 5 2.73 20.05 5.24
N THR B 6 2.37 18.88 4.71
CA THR B 6 1.77 17.78 5.48
C THR B 6 2.83 16.75 5.83
N LYS B 7 2.78 16.14 7.02
CA LYS B 7 3.70 15.11 7.49
C LYS B 7 3.01 13.76 7.68
N ALA B 8 3.76 12.67 7.61
CA ALA B 8 3.31 11.31 7.87
C ALA B 8 4.29 10.55 8.76
N ARG B 9 3.75 9.65 9.58
CA ARG B 9 4.46 8.71 10.42
C ARG B 9 4.34 7.32 9.79
N VAL B 10 5.45 6.64 9.58
CA VAL B 10 5.44 5.26 9.06
C VAL B 10 5.02 4.27 10.15
N MET B 11 4.15 3.32 9.82
CA MET B 11 3.74 2.24 10.73
C MET B 11 4.55 0.96 10.58
N TYR B 12 5.13 0.71 9.39
CA TYR B 12 5.94 -0.47 9.06
C TYR B 12 6.95 -0.14 7.96
N ASP B 13 8.16 -0.71 8.02
CA ASP B 13 9.20 -0.41 7.04
C ASP B 13 8.86 -0.95 5.64
N PHE B 14 8.99 -0.06 4.65
CA PHE B 14 8.74 -0.32 3.23
C PHE B 14 10.04 -0.27 2.41
N ALA B 15 10.11 -1.08 1.36
CA ALA B 15 11.28 -1.17 0.47
C ALA B 15 10.88 -1.08 -1.01
N ALA B 16 11.50 -0.16 -1.74
CA ALA B 16 11.17 0.14 -3.14
C ALA B 16 11.55 -0.95 -4.16
N GLU B 17 10.65 -1.27 -5.08
CA GLU B 17 10.86 -2.19 -6.21
C GLU B 17 11.68 -1.57 -7.35
N PRO B 18 12.50 -2.37 -8.07
CA PRO B 18 13.38 -1.90 -9.12
C PRO B 18 12.60 -1.42 -10.36
N GLY B 19 12.69 -0.11 -10.64
CA GLY B 19 12.03 0.58 -11.76
C GLY B 19 10.60 1.07 -11.48
N ASN B 20 10.07 0.83 -10.28
CA ASN B 20 8.70 1.20 -9.90
C ASN B 20 8.52 2.65 -9.43
N ASN B 21 9.62 3.41 -9.26
CA ASN B 21 9.66 4.76 -8.67
C ASN B 21 8.98 4.81 -7.29
N GLU B 22 9.30 3.81 -6.45
CA GLU B 22 8.90 3.68 -5.04
C GLU B 22 9.92 4.36 -4.11
N LEU B 23 9.54 4.63 -2.85
CA LEU B 23 10.39 5.29 -1.84
C LEU B 23 10.55 4.38 -0.63
N THR B 24 11.78 3.90 -0.39
CA THR B 24 12.12 3.08 0.77
C THR B 24 12.07 3.94 2.03
N VAL B 25 11.25 3.52 2.99
CA VAL B 25 11.07 4.18 4.30
C VAL B 25 11.16 3.20 5.47
N ASN B 26 11.51 3.69 6.66
CA ASN B 26 11.58 2.86 7.86
C ASN B 26 10.39 3.08 8.79
N GLU B 27 10.03 2.05 9.55
CA GLU B 27 9.00 2.12 10.58
C GLU B 27 9.29 3.25 11.59
N GLY B 28 8.31 4.11 11.81
CA GLY B 28 8.41 5.27 12.70
C GLY B 28 9.16 6.47 12.11
N GLU B 29 9.54 6.42 10.83
CA GLU B 29 10.16 7.55 10.13
C GLU B 29 9.15 8.68 9.88
N ILE B 30 9.65 9.91 9.84
CA ILE B 30 8.89 11.11 9.48
C ILE B 30 9.22 11.52 8.04
N ILE B 31 8.19 11.73 7.23
CA ILE B 31 8.29 12.20 5.84
C ILE B 31 7.20 13.23 5.53
N THR B 32 7.42 14.06 4.51
CA THR B 32 6.44 15.03 4.00
C THR B 32 5.65 14.39 2.88
N ILE B 33 4.42 14.86 2.65
CA ILE B 33 3.55 14.40 1.58
C ILE B 33 3.60 15.38 0.42
N THR B 34 3.62 14.86 -0.80
CA THR B 34 3.54 15.62 -2.05
C THR B 34 2.32 15.21 -2.88
N ASN B 35 1.85 13.95 -2.75
CA ASN B 35 0.65 13.43 -3.41
C ASN B 35 -0.04 12.37 -2.51
N PRO B 36 -0.97 12.73 -1.58
CA PRO B 36 -1.59 11.79 -0.63
C PRO B 36 -2.47 10.70 -1.27
N ASP B 37 -2.71 10.80 -2.58
CA ASP B 37 -3.44 9.84 -3.40
C ASP B 37 -2.96 9.99 -4.85
N VAL B 38 -2.65 8.85 -5.48
CA VAL B 38 -2.28 8.70 -6.90
C VAL B 38 -3.00 7.52 -7.57
N GLY B 39 -3.66 6.66 -6.78
CA GLY B 39 -4.37 5.47 -7.21
C GLY B 39 -3.65 4.18 -6.86
N GLY B 40 -4.34 3.04 -7.04
CA GLY B 40 -3.83 1.70 -6.70
C GLY B 40 -3.56 1.46 -5.21
N GLY B 41 -3.87 2.42 -4.34
CA GLY B 41 -3.56 2.42 -2.90
C GLY B 41 -2.26 3.11 -2.52
N TRP B 42 -1.70 3.94 -3.43
CA TRP B 42 -0.41 4.61 -3.27
C TRP B 42 -0.53 6.12 -3.01
N LEU B 43 0.56 6.70 -2.51
CA LEU B 43 0.81 8.12 -2.27
C LEU B 43 2.28 8.47 -2.59
N GLU B 44 2.57 9.74 -2.80
CA GLU B 44 3.90 10.31 -2.99
C GLU B 44 4.32 11.14 -1.77
N GLY B 45 5.59 11.01 -1.40
CA GLY B 45 6.22 11.67 -0.24
C GLY B 45 7.71 11.93 -0.45
N ARG B 46 8.37 12.47 0.59
CA ARG B 46 9.79 12.85 0.58
C ARG B 46 10.39 12.78 2.00
N ASN B 47 11.56 12.17 2.21
CA ASN B 47 12.20 12.06 3.52
C ASN B 47 13.18 13.19 3.81
N ILE B 48 13.79 13.13 4.98
CA ILE B 48 14.71 14.16 5.49
C ILE B 48 15.86 14.44 4.51
N LYS B 49 16.36 13.38 3.89
CA LYS B 49 17.43 13.36 2.88
C LYS B 49 16.96 13.84 1.51
N GLY B 50 15.64 13.83 1.26
CA GLY B 50 15.07 14.35 0.01
C GLY B 50 14.83 13.29 -1.07
N GLU B 51 14.84 12.01 -0.71
CA GLU B 51 14.48 10.95 -1.65
C GLU B 51 12.96 10.93 -1.86
N ARG B 52 12.51 10.62 -3.09
CA ARG B 52 11.12 10.69 -3.50
C ARG B 52 10.68 9.43 -4.21
N GLY B 53 9.42 9.06 -4.00
CA GLY B 53 8.84 7.83 -4.56
C GLY B 53 7.46 7.53 -4.02
N LEU B 54 6.87 6.48 -4.56
CA LEU B 54 5.60 5.91 -4.15
C LEU B 54 5.72 5.13 -2.83
N VAL B 55 4.70 5.28 -1.99
CA VAL B 55 4.56 4.64 -0.67
C VAL B 55 3.08 4.18 -0.52
N PRO B 56 2.81 2.96 -0.03
CA PRO B 56 1.44 2.49 0.23
C PRO B 56 0.77 3.25 1.39
N THR B 57 -0.48 3.72 1.20
CA THR B 57 -1.24 4.43 2.24
C THR B 57 -1.49 3.62 3.51
N ASP B 58 -1.63 2.31 3.36
CA ASP B 58 -1.90 1.40 4.48
C ASP B 58 -0.64 1.10 5.31
N TYR B 59 0.55 1.57 4.88
CA TYR B 59 1.81 1.44 5.62
C TYR B 59 2.16 2.68 6.45
N VAL B 60 1.47 3.80 6.24
CA VAL B 60 1.73 5.07 6.93
C VAL B 60 0.45 5.69 7.51
N GLU B 61 0.59 6.73 8.33
CA GLU B 61 -0.54 7.53 8.84
C GLU B 61 -0.26 9.04 8.75
N ILE B 62 -1.25 9.82 8.32
CA ILE B 62 -1.14 11.26 8.05
C ILE B 62 -1.32 12.07 9.34
N LEU B 63 -0.30 12.84 9.71
CA LEU B 63 -0.25 13.66 10.93
C LEU B 63 -1.03 14.98 10.78
N PRO B 64 -1.51 15.56 11.90
CA PRO B 64 -2.22 16.83 11.91
C PRO B 64 -1.31 18.04 11.67
N SER B 65 -1.88 19.24 11.70
CA SER B 65 -1.23 20.52 11.40
C SER B 65 0.11 20.70 12.14
N ASP B 66 1.18 20.80 11.36
CA ASP B 66 2.59 20.85 11.80
C ASP B 66 3.04 22.22 12.34
N GLY B 67 2.30 22.76 13.31
CA GLY B 67 2.55 24.07 13.94
C GLY B 67 1.92 24.26 15.31
N GLY A 1 8.13 22.46 -12.16
CA GLY A 1 8.08 21.41 -11.13
C GLY A 1 8.37 20.04 -11.71
N THR A 2 7.97 18.99 -11.01
CA THR A 2 8.15 17.58 -11.40
C THR A 2 6.82 16.84 -11.49
N VAL A 3 6.73 15.84 -12.36
CA VAL A 3 5.48 15.09 -12.65
C VAL A 3 5.03 14.18 -11.52
N ASN A 4 3.78 13.77 -11.58
CA ASN A 4 3.21 12.80 -10.66
C ASN A 4 3.70 11.37 -10.91
N PHE A 5 3.63 10.56 -9.85
CA PHE A 5 4.09 9.18 -9.88
C PHE A 5 2.93 8.21 -10.15
N LYS A 6 3.21 7.18 -10.96
CA LYS A 6 2.26 6.15 -11.37
C LYS A 6 2.79 4.76 -10.94
N PRO A 7 2.04 3.98 -10.14
CA PRO A 7 2.47 2.70 -9.58
C PRO A 7 2.43 1.52 -10.56
N THR A 8 3.47 0.67 -10.51
CA THR A 8 3.63 -0.51 -11.39
C THR A 8 2.90 -1.75 -10.87
N ARG A 9 2.48 -1.71 -9.61
CA ARG A 9 1.81 -2.78 -8.88
C ARG A 9 0.71 -2.24 -7.95
N PRO A 10 -0.27 -3.04 -7.49
CA PRO A 10 -1.24 -2.60 -6.49
C PRO A 10 -0.56 -2.48 -5.12
N ALA A 11 -1.11 -1.66 -4.23
CA ALA A 11 -0.56 -1.44 -2.90
C ALA A 11 -0.49 -2.76 -2.08
N PRO A 12 0.70 -3.23 -1.65
CA PRO A 12 0.89 -4.52 -0.99
C PRO A 12 0.24 -4.60 0.41
N PRO A 13 0.04 -5.81 0.97
CA PRO A 13 -0.53 -5.99 2.31
C PRO A 13 0.48 -5.66 3.44
N PRO A 14 0.09 -4.91 4.47
CA PRO A 14 0.92 -4.66 5.65
C PRO A 14 0.94 -5.86 6.61
N PRO A 15 1.97 -6.01 7.45
CA PRO A 15 2.11 -7.14 8.38
C PRO A 15 1.02 -7.16 9.46
N THR A 16 0.92 -8.28 10.20
CA THR A 16 -0.10 -8.58 11.23
C THR A 16 -1.56 -8.68 10.74
N SER A 17 -1.82 -8.42 9.45
CA SER A 17 -3.16 -8.42 8.82
C SER A 17 -3.81 -9.80 8.65
N GLY A 18 -3.17 -10.88 9.13
CA GLY A 18 -3.72 -12.24 9.16
C GLY A 18 -3.95 -12.88 7.79
N GLN A 19 -5.03 -13.67 7.69
CA GLN A 19 -5.41 -14.48 6.53
C GLN A 19 -6.88 -14.28 6.11
N ALA A 20 -7.21 -14.59 4.85
CA ALA A 20 -8.54 -14.36 4.27
C ALA A 20 -9.54 -15.50 4.53
N SER A 21 -10.83 -15.23 4.30
CA SER A 21 -11.96 -16.19 4.36
C SER A 21 -12.01 -17.02 5.66
N GLY A 22 -12.16 -16.32 6.79
CA GLY A 22 -12.14 -16.88 8.15
C GLY A 22 -13.40 -17.61 8.62
N ALA A 23 -14.55 -17.36 7.99
CA ALA A 23 -15.82 -17.97 8.37
C ALA A 23 -15.83 -19.48 8.03
N SER A 24 -16.22 -20.32 8.99
CA SER A 24 -16.19 -21.79 8.91
C SER A 24 -17.33 -22.43 8.09
N ARG A 25 -17.03 -23.62 7.53
CA ARG A 25 -17.97 -24.51 6.83
C ARG A 25 -19.01 -25.10 7.80
N PRO A 26 -20.22 -25.47 7.34
CA PRO A 26 -21.27 -26.01 8.20
C PRO A 26 -21.03 -27.47 8.63
N LEU A 27 -21.24 -27.76 9.91
CA LEU A 27 -21.22 -29.11 10.47
C LEU A 27 -22.48 -29.87 10.00
N PRO A 28 -22.46 -31.21 9.96
CA PRO A 28 -23.63 -31.98 9.54
C PRO A 28 -24.82 -31.75 10.51
N PRO A 29 -26.07 -31.67 10.01
CA PRO A 29 -27.25 -31.40 10.82
C PRO A 29 -27.58 -32.53 11.82
N ILE A 30 -28.50 -32.24 12.72
CA ILE A 30 -28.95 -33.13 13.81
C ILE A 30 -30.35 -33.71 13.49
N ALA A 31 -30.54 -35.01 13.74
CA ALA A 31 -31.83 -35.68 13.60
C ALA A 31 -32.72 -35.52 14.85
N GLN A 32 -34.03 -35.36 14.66
CA GLN A 32 -35.02 -35.15 15.73
C GLN A 32 -35.84 -36.43 16.02
N ALA A 33 -35.78 -36.91 17.26
CA ALA A 33 -36.43 -38.13 17.72
C ALA A 33 -36.84 -38.06 19.20
N LEU A 34 -37.91 -38.77 19.54
CA LEU A 34 -38.40 -38.99 20.91
C LEU A 34 -37.55 -40.10 21.56
N LYS A 35 -37.92 -40.62 22.75
CA LYS A 35 -37.27 -41.78 23.40
C LYS A 35 -37.58 -43.06 22.59
N ASP A 36 -36.96 -43.15 21.40
CA ASP A 36 -37.16 -44.16 20.37
C ASP A 36 -36.58 -45.54 20.72
N HIS A 37 -35.55 -45.58 21.58
CA HIS A 37 -34.81 -46.80 21.93
C HIS A 37 -35.61 -47.76 22.81
N LEU A 38 -35.63 -49.03 22.38
CA LEU A 38 -36.26 -50.20 23.00
C LEU A 38 -37.76 -50.05 23.32
N ALA A 39 -38.45 -49.14 22.63
CA ALA A 39 -39.87 -48.85 22.82
C ALA A 39 -40.80 -50.01 22.38
N ALA A 40 -40.47 -50.74 21.31
CA ALA A 40 -41.28 -51.87 20.84
C ALA A 40 -41.22 -53.06 21.81
N TYR A 41 -40.03 -53.37 22.32
CA TYR A 41 -39.81 -54.39 23.35
C TYR A 41 -40.54 -54.02 24.64
N GLU A 42 -40.51 -52.74 25.02
CA GLU A 42 -41.12 -52.25 26.25
C GLU A 42 -42.64 -52.46 26.28
N LEU A 43 -43.29 -52.41 25.12
CA LEU A 43 -44.73 -52.63 24.93
C LEU A 43 -45.11 -54.10 24.64
N SER A 44 -44.12 -54.96 24.38
CA SER A 44 -44.33 -56.36 23.95
C SER A 44 -44.93 -57.29 25.03
N LYS A 45 -45.63 -58.33 24.57
CA LYS A 45 -46.22 -59.42 25.37
C LYS A 45 -46.41 -60.70 24.54
N ALA A 46 -46.35 -61.87 25.17
CA ALA A 46 -46.59 -63.16 24.54
C ALA A 46 -48.08 -63.34 24.15
N SER A 47 -48.99 -62.86 25.00
CA SER A 47 -50.44 -62.83 24.75
C SER A 47 -51.17 -61.92 25.75
N GLU A 48 -52.36 -61.42 25.40
CA GLU A 48 -53.22 -60.57 26.28
C GLU A 48 -53.88 -61.34 27.43
N GLY B 1 0.94 34.33 2.32
CA GLY B 1 1.74 33.11 2.06
C GLY B 1 0.82 31.93 1.79
N SER B 2 1.20 30.72 2.21
CA SER B 2 0.39 29.52 2.00
C SER B 2 0.44 28.55 3.19
N HIS B 3 -0.64 27.77 3.36
CA HIS B 3 -0.84 26.87 4.49
C HIS B 3 0.25 25.79 4.60
N MET B 4 0.48 25.30 5.83
CA MET B 4 1.55 24.35 6.15
C MET B 4 1.43 23.01 5.41
N ALA B 5 2.57 22.34 5.22
CA ALA B 5 2.63 21.00 4.66
C ALA B 5 2.12 19.92 5.63
N THR B 6 1.76 18.75 5.10
CA THR B 6 1.21 17.62 5.87
C THR B 6 2.31 16.61 6.18
N LYS B 7 2.31 15.98 7.35
CA LYS B 7 3.28 14.96 7.78
C LYS B 7 2.63 13.60 8.03
N ALA B 8 3.43 12.55 7.90
CA ALA B 8 3.03 11.16 8.12
C ALA B 8 4.04 10.43 9.00
N ARG B 9 3.52 9.49 9.79
CA ARG B 9 4.28 8.55 10.62
C ARG B 9 4.18 7.18 9.97
N VAL B 10 5.31 6.55 9.69
CA VAL B 10 5.32 5.18 9.13
C VAL B 10 4.87 4.16 10.17
N MET B 11 4.00 3.23 9.77
CA MET B 11 3.55 2.12 10.61
C MET B 11 4.44 0.87 10.52
N TYR B 12 5.10 0.66 9.38
CA TYR B 12 5.98 -0.50 9.09
C TYR B 12 7.05 -0.17 8.04
N ASP B 13 8.23 -0.79 8.14
CA ASP B 13 9.29 -0.69 7.15
C ASP B 13 8.79 -1.05 5.73
N PHE B 14 9.08 -0.20 4.75
CA PHE B 14 8.77 -0.44 3.33
C PHE B 14 10.03 -0.41 2.48
N ALA B 15 10.22 -1.44 1.65
CA ALA B 15 11.35 -1.59 0.75
C ALA B 15 10.91 -1.48 -0.72
N ALA B 16 11.43 -0.47 -1.42
CA ALA B 16 11.05 -0.14 -2.79
C ALA B 16 11.50 -1.17 -3.85
N GLU B 17 10.67 -1.34 -4.89
CA GLU B 17 10.96 -2.14 -6.08
C GLU B 17 11.94 -1.46 -7.05
N PRO B 18 12.59 -2.23 -7.95
CA PRO B 18 13.43 -1.69 -9.00
C PRO B 18 12.52 -1.13 -10.12
N GLY B 19 12.89 0.03 -10.67
CA GLY B 19 12.18 0.71 -11.77
C GLY B 19 10.78 1.28 -11.46
N ASN B 20 10.22 1.05 -10.27
CA ASN B 20 8.86 1.45 -9.90
C ASN B 20 8.69 2.90 -9.42
N ASN B 21 9.80 3.62 -9.18
CA ASN B 21 9.85 4.97 -8.57
C ASN B 21 9.16 5.02 -7.19
N GLU B 22 9.36 3.97 -6.37
CA GLU B 22 8.93 3.82 -4.98
C GLU B 22 9.93 4.48 -4.00
N LEU B 23 9.51 4.71 -2.75
CA LEU B 23 10.29 5.38 -1.70
C LEU B 23 10.52 4.44 -0.51
N THR B 24 11.76 3.99 -0.29
CA THR B 24 12.11 3.13 0.84
C THR B 24 12.04 3.96 2.12
N VAL B 25 11.18 3.55 3.05
CA VAL B 25 11.00 4.18 4.37
C VAL B 25 11.10 3.17 5.51
N ASN B 26 11.25 3.68 6.74
CA ASN B 26 11.39 2.83 7.93
C ASN B 26 10.26 3.06 8.94
N GLU B 27 9.93 2.05 9.71
CA GLU B 27 8.90 2.10 10.76
C GLU B 27 9.15 3.23 11.76
N GLY B 28 8.17 4.13 11.86
CA GLY B 28 8.19 5.34 12.66
C GLY B 28 8.94 6.54 12.06
N GLU B 29 9.39 6.43 10.80
CA GLU B 29 10.01 7.57 10.10
C GLU B 29 8.97 8.69 9.89
N ILE B 30 9.44 9.94 9.94
CA ILE B 30 8.63 11.12 9.64
C ILE B 30 8.91 11.60 8.23
N ILE B 31 7.87 11.72 7.41
CA ILE B 31 7.97 12.20 6.02
C ILE B 31 6.83 13.19 5.73
N THR B 32 7.07 14.13 4.83
CA THR B 32 6.05 15.08 4.36
C THR B 32 5.32 14.48 3.18
N ILE B 33 4.05 14.83 3.01
CA ILE B 33 3.24 14.41 1.88
C ILE B 33 3.43 15.39 0.71
N THR B 34 3.37 14.86 -0.50
CA THR B 34 3.41 15.62 -1.77
C THR B 34 2.33 15.18 -2.76
N ASN B 35 1.77 13.97 -2.59
CA ASN B 35 0.64 13.43 -3.36
C ASN B 35 -0.11 12.33 -2.57
N PRO B 36 -1.09 12.64 -1.70
CA PRO B 36 -1.77 11.67 -0.83
C PRO B 36 -2.67 10.63 -1.56
N ASP B 37 -2.83 10.77 -2.88
CA ASP B 37 -3.63 9.88 -3.74
C ASP B 37 -3.15 9.95 -5.20
N VAL B 38 -2.68 8.83 -5.75
CA VAL B 38 -2.15 8.72 -7.13
C VAL B 38 -2.70 7.52 -7.93
N GLY B 39 -3.45 6.63 -7.29
CA GLY B 39 -4.03 5.41 -7.87
C GLY B 39 -3.47 4.14 -7.24
N GLY B 40 -4.18 3.02 -7.36
CA GLY B 40 -3.74 1.69 -6.90
C GLY B 40 -3.56 1.54 -5.38
N GLY B 41 -3.92 2.57 -4.60
CA GLY B 41 -3.70 2.65 -3.15
C GLY B 41 -2.36 3.28 -2.75
N TRP B 42 -1.75 4.07 -3.65
CA TRP B 42 -0.44 4.69 -3.44
C TRP B 42 -0.52 6.20 -3.14
N LEU B 43 0.57 6.73 -2.61
CA LEU B 43 0.81 8.14 -2.33
C LEU B 43 2.29 8.50 -2.56
N GLU B 44 2.60 9.79 -2.64
CA GLU B 44 3.94 10.36 -2.72
C GLU B 44 4.28 11.17 -1.46
N GLY B 45 5.53 11.07 -1.03
CA GLY B 45 6.09 11.81 0.09
C GLY B 45 7.58 12.16 -0.11
N ARG B 46 8.18 12.75 0.93
CA ARG B 46 9.58 13.20 0.95
C ARG B 46 10.15 13.11 2.38
N ASN B 47 11.33 12.52 2.54
CA ASN B 47 11.91 12.27 3.87
C ASN B 47 12.91 13.35 4.30
N ILE B 48 13.52 13.17 5.48
CA ILE B 48 14.59 14.03 6.02
C ILE B 48 15.76 14.16 5.02
N LYS B 49 16.09 13.06 4.36
CA LYS B 49 17.13 12.93 3.33
C LYS B 49 16.72 13.50 1.97
N GLY B 50 15.43 13.78 1.80
CA GLY B 50 14.86 14.45 0.62
C GLY B 50 14.61 13.52 -0.57
N GLU B 51 14.60 12.22 -0.33
CA GLU B 51 14.24 11.21 -1.35
C GLU B 51 12.74 11.21 -1.56
N ARG B 52 12.31 10.95 -2.79
CA ARG B 52 10.91 10.89 -3.19
C ARG B 52 10.55 9.65 -3.97
N GLY B 53 9.31 9.24 -3.87
CA GLY B 53 8.79 8.03 -4.51
C GLY B 53 7.41 7.64 -3.98
N LEU B 54 6.88 6.56 -4.53
CA LEU B 54 5.61 5.96 -4.16
C LEU B 54 5.69 5.16 -2.86
N VAL B 55 4.63 5.26 -2.06
CA VAL B 55 4.45 4.61 -0.77
C VAL B 55 2.98 4.13 -0.65
N PRO B 56 2.70 2.91 -0.17
CA PRO B 56 1.34 2.42 0.07
C PRO B 56 0.64 3.15 1.23
N THR B 57 -0.61 3.57 1.05
CA THR B 57 -1.42 4.20 2.12
C THR B 57 -1.74 3.25 3.28
N ASP B 58 -1.68 1.94 3.05
CA ASP B 58 -1.83 0.92 4.09
C ASP B 58 -0.60 0.79 5.03
N TYR B 59 0.53 1.46 4.72
CA TYR B 59 1.79 1.36 5.48
C TYR B 59 2.14 2.61 6.32
N VAL B 60 1.47 3.73 6.09
CA VAL B 60 1.73 5.00 6.80
C VAL B 60 0.44 5.64 7.31
N GLU B 61 0.51 6.45 8.37
CA GLU B 61 -0.64 7.19 8.91
C GLU B 61 -0.42 8.71 8.94
N ILE B 62 -1.47 9.47 8.59
CA ILE B 62 -1.42 10.94 8.43
C ILE B 62 -1.61 11.64 9.78
N LEU B 63 -0.65 12.49 10.14
CA LEU B 63 -0.63 13.32 11.36
C LEU B 63 -1.48 14.61 11.25
N PRO B 64 -1.97 15.17 12.38
CA PRO B 64 -2.69 16.45 12.42
C PRO B 64 -1.76 17.66 12.19
N SER B 65 -2.30 18.87 12.36
CA SER B 65 -1.60 20.15 12.30
C SER B 65 -2.08 21.11 13.40
N ASP B 66 -1.17 21.85 14.05
CA ASP B 66 -1.51 22.82 15.10
C ASP B 66 -2.24 24.06 14.55
N GLY B 67 -1.75 24.59 13.42
CA GLY B 67 -2.26 25.78 12.72
C GLY B 67 -2.04 27.10 13.46
#